data_7ZUS
#
_entry.id   7ZUS
#
_cell.length_a   288.810
_cell.length_b   172.910
_cell.length_c   58.750
_cell.angle_alpha   90.000
_cell.angle_beta   90.890
_cell.angle_gamma   90.000
#
_symmetry.space_group_name_H-M   'C 1 2 1'
#
loop_
_entity.id
_entity.type
_entity.pdbx_description
1 polymer 'DNA polymerase theta'
2 polymer "DNA (5'-D(P*TP*TP*CP*CP*AP*AP*TP*GP*AP*CP*AP*GP*CP*CP*GP*C)-3')"
3 polymer "DNA (5'-D(*GP*CP*GP*GP*CP*TP*GP*TP*CP*AP*TP*TP*(DDG))-3')"
4 non-polymer 'MAGNESIUM ION'
5 non-polymer "2'-3'-DIDEOXYGUANOSINE-5'-TRIPHOSPHATE"
6 water water
#
loop_
_entity_poly.entity_id
_entity_poly.type
_entity_poly.pdbx_seq_one_letter_code
_entity_poly.pdbx_strand_id
1 'polypeptide(L)'
;SSSESLSIIDVASDQNLFQTFIKEWRCKKRFSISLACEKIRSLTSSKTATIGSRFKQASSPQEIPIRDDGFPIKGCDDTL
VVGLAVCWGGRDAYYFSLQKEQKHSEISASLVPPSLDPSLTLKDRMWYLQSCLRKESDKECSVVIYDFIQSYKILLLSCG
ISLEQSYEDPKVACWLLDPDSQEPTLHSIVTSFLPHELPLLEGMETSQGIQSLGLNAGSEHSGRYRASVESILIFNSMNQ
LNSLLQKENLQDVFRKVEMPSQYCLALLELNGIGFSTAECESQKHIMQAKLDAIETQAYQLAGHSFSFTSSDDIAEVLFL
ELKLPPNREMKNQGSKKTLGSTRRGIDNGRKLRLGRQFSTSKDVLNKLKALHPLPGLILEWRRITNAITKVVFPLQREKC
LNPFLGMERIYPVSQSHTATGRITFTEPNIQNVPRDFEIKMGGMPFSISMRHAFVPFPGGSILAADYSQLELRILAHLSH
DRRLIQVLNTGADVFRSIAAEWKMIEPESVGDDLRQQAKQICYGIIYGMGAKSLGEQMGIKENDAACYIDSFKSRYTGIN
QFMTETVKNCKRDGFVQTILGRRRYLPGIKDNNPYRKAHAERQAINTIVQGSAADIVKIATVNIQKQLETFHSTFKSHGH
REGMLQSDQTGLSRKRKLQGMFCPIRGGFFILQLHDELLYEVAEEDVVQVAQIVKNEMESAVKLSVKLKVKVKIGASWGE
LKDFDV
;
AAA,BBB,CCC
2 'polydeoxyribonucleotide' (DT)(DT)(DC)(DC)(DA)(DA)(DT)(DG)(DA)(DC)(DA)(DG)(DC)(DC)(DG)(DC) DDD,FFF,HHH
3 'polydeoxyribonucleotide' (DG)(DC)(DG)(DG)(DC)(DT)(DG)(DT)(DC)(DA)(DT)(DT)(DDG) EEE,GGG,III
#
loop_
_chem_comp.id
_chem_comp.type
_chem_comp.name
_chem_comp.formula
DA DNA linking 2'-DEOXYADENOSINE-5'-MONOPHOSPHATE 'C10 H14 N5 O6 P'
DC DNA linking 2'-DEOXYCYTIDINE-5'-MONOPHOSPHATE 'C9 H14 N3 O7 P'
DDG DNA linking 2',3'-DIDEOXY-GUANOSINE-5'-MONOPHOSPHATE 'C10 H14 N5 O6 P'
DG DNA linking 2'-DEOXYGUANOSINE-5'-MONOPHOSPHATE 'C10 H14 N5 O7 P'
DG3 non-polymer 2'-3'-DIDEOXYGUANOSINE-5'-TRIPHOSPHATE 'C10 H16 N5 O12 P3'
DT DNA linking THYMIDINE-5'-MONOPHOSPHATE 'C10 H15 N2 O8 P'
MG non-polymer 'MAGNESIUM ION' 'Mg 2'
#
# COMPACT_ATOMS: atom_id res chain seq x y z
N SER A 5 -48.01 52.98 -34.79
CA SER A 5 -46.59 53.04 -35.33
C SER A 5 -45.63 53.37 -34.19
N LEU A 6 -44.39 52.85 -34.27
CA LEU A 6 -43.35 52.96 -33.22
C LEU A 6 -43.00 54.44 -33.04
N SER A 7 -43.11 54.99 -31.82
CA SER A 7 -42.69 56.38 -31.53
C SER A 7 -41.76 56.39 -30.31
N ILE A 8 -40.75 57.24 -30.42
CA ILE A 8 -39.78 57.60 -29.36
C ILE A 8 -40.06 59.05 -28.95
N ILE A 9 -40.54 59.25 -27.73
CA ILE A 9 -40.76 60.59 -27.11
C ILE A 9 -39.50 60.94 -26.34
N ASP A 10 -38.76 61.96 -26.80
CA ASP A 10 -37.56 62.53 -26.15
C ASP A 10 -38.01 63.49 -25.04
N VAL A 11 -38.21 62.96 -23.83
CA VAL A 11 -38.91 63.68 -22.72
C VAL A 11 -38.07 64.85 -22.24
N ALA A 12 -36.75 64.83 -22.39
CA ALA A 12 -35.81 65.88 -21.91
C ALA A 12 -35.60 66.98 -22.96
N SER A 13 -36.35 66.96 -24.06
CA SER A 13 -36.21 67.96 -25.15
C SER A 13 -36.98 69.25 -24.78
N ASP A 14 -37.90 69.16 -23.82
CA ASP A 14 -38.75 70.29 -23.42
C ASP A 14 -39.21 70.10 -21.97
N GLN A 15 -38.98 71.11 -21.12
CA GLN A 15 -39.33 71.13 -19.66
C GLN A 15 -40.81 70.71 -19.50
N ASN A 16 -41.70 71.24 -20.33
CA ASN A 16 -43.16 70.98 -20.19
C ASN A 16 -43.50 69.53 -20.54
N LEU A 17 -42.90 68.97 -21.59
CA LEU A 17 -43.09 67.54 -22.00
C LEU A 17 -42.55 66.63 -20.87
N PHE A 18 -41.41 67.02 -20.29
CA PHE A 18 -40.73 66.29 -19.20
C PHE A 18 -41.63 66.11 -17.98
N GLN A 19 -42.26 67.17 -17.50
CA GLN A 19 -43.13 67.18 -16.29
C GLN A 19 -44.39 66.37 -16.59
N THR A 20 -44.95 66.49 -17.80
CA THR A 20 -46.11 65.67 -18.24
C THR A 20 -45.74 64.17 -18.19
N PHE A 21 -44.58 63.83 -18.72
CA PHE A 21 -44.02 62.45 -18.65
C PHE A 21 -43.84 62.04 -17.18
N ILE A 22 -43.27 62.90 -16.34
CA ILE A 22 -42.99 62.54 -14.91
C ILE A 22 -44.32 62.30 -14.22
N LYS A 23 -45.30 63.19 -14.41
CA LYS A 23 -46.65 63.02 -13.81
C LYS A 23 -47.26 61.67 -14.25
N GLU A 24 -47.26 61.34 -15.54
CA GLU A 24 -47.80 60.05 -16.06
C GLU A 24 -47.01 58.87 -15.46
N TRP A 25 -45.69 58.93 -15.52
CA TRP A 25 -44.83 57.84 -14.97
C TRP A 25 -45.20 57.57 -13.52
N ARG A 26 -45.43 58.61 -12.70
CA ARG A 26 -45.68 58.45 -11.24
C ARG A 26 -47.01 57.73 -11.01
N CYS A 27 -47.94 57.75 -11.98
CA CYS A 27 -49.23 57.02 -11.94
C CYS A 27 -49.10 55.51 -12.25
N LYS A 28 -47.99 55.02 -12.82
CA LYS A 28 -47.93 53.64 -13.37
C LYS A 28 -47.68 52.62 -12.26
N LYS A 29 -48.39 51.52 -12.29
CA LYS A 29 -48.18 50.34 -11.43
C LYS A 29 -47.18 49.38 -12.12
N ARG A 30 -46.96 49.51 -13.44
CA ARG A 30 -46.13 48.59 -14.24
C ARG A 30 -45.47 49.38 -15.37
N PHE A 31 -44.19 49.15 -15.60
CA PHE A 31 -43.45 49.73 -16.73
C PHE A 31 -42.19 48.91 -16.92
N SER A 32 -41.61 49.09 -18.09
CA SER A 32 -40.34 48.45 -18.48
C SER A 32 -39.32 49.57 -18.54
N ILE A 33 -38.05 49.29 -18.28
CA ILE A 33 -36.93 50.19 -18.60
C ILE A 33 -35.92 49.37 -19.35
N SER A 34 -35.17 50.05 -20.19
CA SER A 34 -33.99 49.52 -20.85
C SER A 34 -32.94 50.61 -20.87
N LEU A 35 -31.73 50.27 -20.43
CA LEU A 35 -30.57 51.18 -20.41
C LEU A 35 -30.00 51.28 -21.80
N ALA A 36 -29.59 52.47 -22.21
CA ALA A 36 -28.94 52.74 -23.50
C ALA A 36 -27.44 52.87 -23.22
N CYS A 37 -26.63 51.92 -23.67
CA CYS A 37 -25.16 52.01 -23.70
C CYS A 37 -24.68 52.14 -25.14
N GLU A 38 -23.69 52.99 -25.36
CA GLU A 38 -23.00 53.27 -26.65
C GLU A 38 -21.49 53.29 -26.41
N LYS A 39 -20.72 53.09 -27.48
CA LYS A 39 -19.26 53.30 -27.50
C LYS A 39 -19.02 54.80 -27.61
N ILE A 40 -17.90 55.27 -27.04
CA ILE A 40 -17.45 56.67 -27.09
C ILE A 40 -17.02 57.00 -28.53
N ILE A 66 -15.38 62.15 -15.41
CA ILE A 66 -16.70 62.82 -15.62
C ILE A 66 -16.74 63.36 -17.06
N ARG A 67 -17.71 62.90 -17.87
CA ARG A 67 -17.89 63.28 -19.28
C ARG A 67 -19.29 63.90 -19.48
N ASP A 68 -19.43 64.73 -20.51
CA ASP A 68 -20.69 65.45 -20.86
C ASP A 68 -21.66 64.49 -21.56
N ASP A 69 -21.17 63.38 -22.09
CA ASP A 69 -21.90 62.53 -23.07
C ASP A 69 -22.40 61.24 -22.42
N GLY A 70 -22.19 61.05 -21.11
CA GLY A 70 -22.88 59.99 -20.32
C GLY A 70 -22.02 59.45 -19.20
N PHE A 71 -22.42 58.34 -18.61
CA PHE A 71 -21.81 57.73 -17.40
C PHE A 71 -20.90 56.55 -17.79
N PRO A 72 -19.59 56.63 -17.46
CA PRO A 72 -18.68 55.48 -17.58
C PRO A 72 -19.25 54.19 -16.97
N ILE A 73 -18.96 53.05 -17.59
CA ILE A 73 -19.38 51.73 -17.07
C ILE A 73 -18.14 51.06 -16.46
N LYS A 74 -18.30 50.48 -15.27
CA LYS A 74 -17.24 49.74 -14.51
C LYS A 74 -16.76 48.57 -15.36
N GLY A 75 -15.49 48.60 -15.78
CA GLY A 75 -14.82 47.48 -16.46
C GLY A 75 -14.53 47.77 -17.92
N CYS A 76 -15.09 48.86 -18.48
CA CYS A 76 -15.02 49.18 -19.92
C CYS A 76 -14.76 50.69 -20.11
N ASP A 77 -13.55 51.05 -20.54
CA ASP A 77 -13.11 52.44 -20.81
C ASP A 77 -13.75 52.95 -22.11
N ASP A 78 -14.59 52.13 -22.76
CA ASP A 78 -14.99 52.29 -24.20
C ASP A 78 -16.48 52.70 -24.32
N THR A 79 -17.32 52.35 -23.36
CA THR A 79 -18.80 52.39 -23.45
C THR A 79 -19.37 53.34 -22.37
N LEU A 80 -20.49 53.99 -22.67
CA LEU A 80 -21.18 54.94 -21.78
C LEU A 80 -22.65 54.53 -21.65
N VAL A 81 -23.25 54.68 -20.46
CA VAL A 81 -24.72 54.80 -20.32
C VAL A 81 -25.09 56.20 -20.77
N VAL A 82 -25.86 56.33 -21.84
CA VAL A 82 -26.24 57.66 -22.43
C VAL A 82 -27.70 57.96 -22.11
N GLY A 83 -28.47 56.97 -21.69
CA GLY A 83 -29.88 57.21 -21.37
C GLY A 83 -30.57 55.93 -20.99
N LEU A 84 -31.89 55.97 -20.93
CA LEU A 84 -32.75 54.77 -20.76
C LEU A 84 -34.11 55.06 -21.40
N ALA A 85 -34.83 54.01 -21.74
CA ALA A 85 -36.18 54.09 -22.32
C ALA A 85 -37.16 53.48 -21.35
N VAL A 86 -38.36 54.03 -21.30
CA VAL A 86 -39.47 53.57 -20.45
C VAL A 86 -40.63 53.23 -21.36
N CYS A 87 -41.32 52.15 -21.03
CA CYS A 87 -42.52 51.76 -21.76
C CYS A 87 -43.57 51.32 -20.74
N TRP A 88 -44.81 51.76 -20.94
CA TRP A 88 -45.95 51.32 -20.09
C TRP A 88 -47.16 50.98 -20.96
N GLY A 89 -46.94 50.63 -22.23
CA GLY A 89 -48.01 50.11 -23.10
C GLY A 89 -47.81 50.47 -24.55
N GLY A 90 -48.39 49.70 -25.45
CA GLY A 90 -48.43 50.00 -26.90
C GLY A 90 -47.03 49.94 -27.46
N ARG A 91 -46.71 50.82 -28.39
CA ARG A 91 -45.43 50.89 -29.13
C ARG A 91 -44.82 52.28 -28.93
N ASP A 92 -45.09 52.89 -27.78
CA ASP A 92 -44.52 54.16 -27.30
C ASP A 92 -43.39 53.89 -26.31
N ALA A 93 -42.18 54.32 -26.66
CA ALA A 93 -40.98 54.36 -25.82
C ALA A 93 -40.72 55.82 -25.41
N TYR A 94 -40.56 56.10 -24.10
CA TYR A 94 -40.15 57.41 -23.58
C TYR A 94 -38.67 57.34 -23.37
N TYR A 95 -37.89 58.02 -24.21
CA TYR A 95 -36.41 58.01 -24.08
C TYR A 95 -35.96 59.18 -23.20
N PHE A 96 -35.25 58.84 -22.14
CA PHE A 96 -34.84 59.71 -21.02
C PHE A 96 -33.33 59.81 -21.11
N SER A 97 -32.83 60.91 -21.70
CA SER A 97 -31.39 61.19 -21.91
C SER A 97 -30.70 61.46 -20.57
N LEU A 98 -29.47 60.95 -20.44
CA LEU A 98 -28.58 61.12 -19.27
C LEU A 98 -27.29 61.78 -19.73
N GLN A 99 -27.35 62.56 -20.81
CA GLN A 99 -26.18 63.31 -21.32
C GLN A 99 -26.26 64.77 -20.85
N LYS A 100 -25.15 65.32 -20.38
CA LYS A 100 -25.08 66.75 -19.97
C LYS A 100 -25.40 67.60 -21.20
N GLU A 101 -24.66 67.38 -22.29
CA GLU A 101 -24.79 68.13 -23.58
C GLU A 101 -24.86 67.14 -24.75
N GLN A 102 -25.37 67.63 -25.90
CA GLN A 102 -25.32 67.05 -27.27
C GLN A 102 -26.12 65.73 -27.30
N PRO A 113 -33.70 62.79 -32.77
CA PRO A 113 -34.03 63.44 -31.49
C PRO A 113 -33.91 64.96 -31.54
N PRO A 114 -34.83 65.72 -30.88
CA PRO A 114 -34.57 67.13 -30.56
C PRO A 114 -33.52 67.25 -29.44
N SER A 115 -32.91 68.43 -29.28
CA SER A 115 -31.77 68.68 -28.33
C SER A 115 -32.31 68.67 -26.88
N LEU A 116 -31.41 68.80 -25.90
CA LEU A 116 -31.76 68.90 -24.46
C LEU A 116 -32.18 70.34 -24.11
N ASP A 117 -33.35 70.47 -23.51
CA ASP A 117 -33.79 71.69 -22.79
C ASP A 117 -32.78 71.98 -21.68
N PRO A 118 -32.04 73.11 -21.76
CA PRO A 118 -30.93 73.35 -20.83
C PRO A 118 -31.36 73.69 -19.38
N SER A 119 -32.63 74.06 -19.17
CA SER A 119 -33.22 74.25 -17.81
C SER A 119 -33.35 72.89 -17.09
N LEU A 120 -33.32 71.77 -17.83
CA LEU A 120 -33.33 70.41 -17.21
C LEU A 120 -31.89 69.91 -17.01
N THR A 121 -31.27 70.38 -15.94
CA THR A 121 -29.90 69.97 -15.58
C THR A 121 -29.86 68.44 -15.44
N LEU A 122 -28.68 67.87 -15.60
CA LEU A 122 -28.48 66.44 -15.37
C LEU A 122 -28.84 66.11 -13.90
N LYS A 123 -28.44 66.95 -12.95
CA LYS A 123 -28.79 66.76 -11.51
C LYS A 123 -30.33 66.72 -11.37
N ASP A 124 -31.08 67.64 -11.98
CA ASP A 124 -32.57 67.59 -11.94
C ASP A 124 -33.08 66.26 -12.51
N ARG A 125 -32.53 65.80 -13.66
CA ARG A 125 -32.97 64.53 -14.32
C ARG A 125 -32.68 63.38 -13.36
N MET A 126 -31.50 63.36 -12.78
CA MET A 126 -31.08 62.25 -11.87
C MET A 126 -32.00 62.24 -10.64
N TRP A 127 -32.38 63.39 -10.15
CA TRP A 127 -33.37 63.44 -9.04
C TRP A 127 -34.64 62.67 -9.50
N TYR A 128 -35.23 63.10 -10.62
CA TYR A 128 -36.58 62.64 -11.08
C TYR A 128 -36.46 61.16 -11.44
N LEU A 129 -35.32 60.76 -12.00
CA LEU A 129 -35.07 59.34 -12.26
C LEU A 129 -35.08 58.55 -10.95
N GLN A 130 -34.32 58.94 -9.93
CA GLN A 130 -34.24 58.15 -8.66
C GLN A 130 -35.63 58.13 -8.03
N SER A 131 -36.37 59.23 -8.13
CA SER A 131 -37.71 59.36 -7.52
C SER A 131 -38.68 58.34 -8.12
N CYS A 132 -38.64 58.10 -9.45
CA CYS A 132 -39.62 57.22 -10.12
C CYS A 132 -39.18 55.76 -9.98
N LEU A 133 -37.90 55.50 -9.66
CA LEU A 133 -37.38 54.14 -9.57
C LEU A 133 -37.28 53.66 -8.12
N ARG A 134 -37.71 54.45 -7.13
CA ARG A 134 -37.66 54.05 -5.68
C ARG A 134 -39.08 54.04 -5.08
N LYS A 135 -39.44 53.01 -4.32
CA LYS A 135 -40.77 52.74 -3.69
C LYS A 135 -41.10 53.83 -2.68
N GLU A 136 -42.37 54.25 -2.61
CA GLU A 136 -42.96 54.94 -1.41
C GLU A 136 -43.61 53.86 -0.55
N SER A 137 -44.28 54.26 0.55
CA SER A 137 -44.95 53.36 1.53
C SER A 137 -46.35 52.98 1.02
N ASP A 138 -46.62 51.67 0.90
CA ASP A 138 -47.93 51.06 0.53
C ASP A 138 -48.24 51.31 -0.96
N LYS A 139 -47.22 51.16 -1.82
CA LYS A 139 -47.31 51.48 -3.28
C LYS A 139 -46.74 50.30 -4.08
N GLU A 140 -47.61 49.42 -4.57
CA GLU A 140 -47.31 48.28 -5.48
C GLU A 140 -46.86 48.82 -6.85
N CYS A 141 -45.59 48.63 -7.18
CA CYS A 141 -44.99 49.05 -8.47
C CYS A 141 -44.01 47.98 -8.98
N SER A 142 -44.17 47.54 -10.23
CA SER A 142 -43.35 46.47 -10.85
C SER A 142 -42.60 47.05 -12.05
N VAL A 143 -41.29 46.84 -12.08
CA VAL A 143 -40.41 47.25 -13.21
C VAL A 143 -39.93 45.98 -13.94
N VAL A 144 -40.14 45.96 -15.26
CA VAL A 144 -39.76 44.87 -16.17
C VAL A 144 -38.40 45.21 -16.76
N ILE A 145 -37.39 44.38 -16.51
CA ILE A 145 -36.02 44.58 -17.05
C ILE A 145 -35.51 43.26 -17.60
N TYR A 146 -35.20 43.20 -18.88
CA TYR A 146 -34.43 42.11 -19.48
C TYR A 146 -33.03 42.10 -18.85
N ASP A 147 -32.61 40.97 -18.28
CA ASP A 147 -31.33 40.83 -17.53
C ASP A 147 -31.32 41.85 -16.39
N PHE A 148 -32.24 41.67 -15.50
CA PHE A 148 -32.40 42.53 -14.32
C PHE A 148 -31.07 42.75 -13.60
N ILE A 149 -30.30 41.67 -13.35
CA ILE A 149 -29.08 41.76 -12.49
C ILE A 149 -28.10 42.71 -13.13
N GLN A 150 -27.79 42.53 -14.40
CA GLN A 150 -26.80 43.40 -15.07
C GLN A 150 -27.28 44.87 -15.05
N SER A 151 -28.57 45.11 -15.18
CA SER A 151 -29.12 46.48 -15.26
C SER A 151 -29.09 47.13 -13.87
N TYR A 152 -29.48 46.38 -12.85
CA TYR A 152 -29.42 46.86 -11.44
C TYR A 152 -28.01 47.33 -11.11
N LYS A 153 -27.00 46.58 -11.58
CA LYS A 153 -25.59 46.88 -11.21
C LYS A 153 -25.13 48.11 -11.95
N ILE A 154 -25.43 48.21 -13.24
CA ILE A 154 -25.00 49.41 -14.02
C ILE A 154 -25.69 50.66 -13.44
N LEU A 155 -26.96 50.60 -13.10
CA LEU A 155 -27.69 51.77 -12.56
C LEU A 155 -27.04 52.18 -11.23
N LEU A 156 -26.64 51.22 -10.38
CA LEU A 156 -26.01 51.51 -9.08
C LEU A 156 -24.62 52.07 -9.30
N LEU A 157 -23.75 51.37 -10.02
CA LEU A 157 -22.29 51.69 -10.11
C LEU A 157 -22.05 52.84 -11.09
N SER A 158 -22.81 52.96 -12.17
CA SER A 158 -22.57 53.98 -13.21
C SER A 158 -23.32 55.28 -12.91
N CYS A 159 -24.58 55.19 -12.50
CA CYS A 159 -25.49 56.34 -12.35
C CYS A 159 -25.78 56.65 -10.89
N GLY A 160 -25.37 55.80 -9.94
CA GLY A 160 -25.59 56.03 -8.51
C GLY A 160 -27.05 55.87 -8.13
N ILE A 161 -27.79 55.07 -8.86
CA ILE A 161 -29.24 54.84 -8.60
C ILE A 161 -29.48 53.40 -8.17
N SER A 162 -30.19 53.23 -7.06
CA SER A 162 -30.57 51.97 -6.43
C SER A 162 -32.04 51.71 -6.73
N LEU A 163 -32.37 50.79 -7.64
CA LEU A 163 -33.76 50.36 -7.90
C LEU A 163 -34.37 49.87 -6.59
N GLU A 164 -35.59 50.29 -6.24
CA GLU A 164 -36.30 49.88 -5.00
C GLU A 164 -37.77 49.68 -5.35
N GLN A 165 -38.08 48.65 -6.10
CA GLN A 165 -39.46 48.23 -6.50
C GLN A 165 -39.50 46.71 -6.63
N SER A 166 -40.64 46.15 -7.00
CA SER A 166 -40.78 44.72 -7.42
C SER A 166 -40.21 44.59 -8.83
N TYR A 167 -39.43 43.54 -9.07
CA TYR A 167 -38.74 43.32 -10.37
C TYR A 167 -39.33 42.09 -11.03
N GLU A 168 -39.38 42.20 -12.36
CA GLU A 168 -39.81 41.15 -13.27
C GLU A 168 -38.80 41.07 -14.43
N ASP A 169 -38.12 39.92 -14.58
CA ASP A 169 -37.22 39.65 -15.74
C ASP A 169 -37.90 38.62 -16.63
N PRO A 170 -38.25 38.93 -17.88
CA PRO A 170 -38.82 37.92 -18.76
C PRO A 170 -37.88 36.71 -19.04
N LYS A 171 -36.57 36.87 -18.94
CA LYS A 171 -35.60 35.71 -18.99
C LYS A 171 -35.97 34.69 -17.90
N VAL A 172 -36.30 35.14 -16.70
CA VAL A 172 -36.56 34.24 -15.54
C VAL A 172 -37.93 33.58 -15.73
N ALA A 173 -38.90 34.34 -16.24
CA ALA A 173 -40.25 33.83 -16.58
C ALA A 173 -40.13 32.68 -17.61
N CYS A 174 -39.31 32.85 -18.65
CA CYS A 174 -39.06 31.82 -19.70
C CYS A 174 -38.55 30.55 -19.02
N TRP A 175 -37.52 30.69 -18.20
CA TRP A 175 -36.90 29.57 -17.46
C TRP A 175 -38.00 28.84 -16.68
N LEU A 176 -38.86 29.59 -16.02
CA LEU A 176 -39.88 29.05 -15.11
C LEU A 176 -40.89 28.25 -15.93
N LEU A 177 -41.13 28.61 -17.19
CA LEU A 177 -42.10 27.88 -18.05
C LEU A 177 -41.49 26.62 -18.66
N ASP A 178 -40.18 26.59 -18.90
CA ASP A 178 -39.48 25.38 -19.39
C ASP A 178 -38.01 25.44 -19.00
N PRO A 179 -37.59 24.81 -17.89
CA PRO A 179 -36.24 24.98 -17.41
C PRO A 179 -35.17 24.39 -18.34
N ASP A 180 -35.56 23.50 -19.25
CA ASP A 180 -34.66 22.80 -20.22
C ASP A 180 -34.60 23.57 -21.54
N SER A 181 -35.35 24.67 -21.68
CA SER A 181 -35.32 25.57 -22.87
C SER A 181 -33.90 26.10 -23.02
N GLN A 182 -33.50 26.51 -24.21
CA GLN A 182 -32.20 27.19 -24.39
C GLN A 182 -32.29 28.55 -23.69
N GLU A 183 -31.17 29.01 -23.13
CA GLU A 183 -31.02 30.37 -22.55
C GLU A 183 -31.73 31.36 -23.48
N PRO A 184 -32.65 32.18 -22.96
CA PRO A 184 -33.37 33.16 -23.78
C PRO A 184 -32.50 34.31 -24.30
N THR A 185 -32.77 34.77 -25.51
CA THR A 185 -32.24 36.02 -26.11
C THR A 185 -33.47 36.91 -26.30
N LEU A 186 -33.31 38.20 -26.59
CA LEU A 186 -34.48 39.06 -26.89
C LEU A 186 -35.20 38.47 -28.13
N HIS A 187 -34.44 37.97 -29.09
CA HIS A 187 -34.98 37.37 -30.35
C HIS A 187 -35.82 36.12 -30.06
N SER A 188 -35.36 35.22 -29.19
CA SER A 188 -36.10 33.99 -28.82
C SER A 188 -37.36 34.34 -28.02
N ILE A 189 -37.28 35.32 -27.13
CA ILE A 189 -38.46 35.77 -26.33
C ILE A 189 -39.53 36.30 -27.30
N VAL A 190 -39.13 37.17 -28.22
CA VAL A 190 -40.09 37.81 -29.16
C VAL A 190 -40.63 36.73 -30.11
N THR A 191 -39.76 35.83 -30.58
CA THR A 191 -40.17 34.67 -31.42
C THR A 191 -41.30 33.92 -30.71
N SER A 192 -41.11 33.50 -29.44
CA SER A 192 -42.03 32.60 -28.69
C SER A 192 -43.28 33.33 -28.18
N PHE A 193 -43.14 34.57 -27.70
CA PHE A 193 -44.17 35.24 -26.88
C PHE A 193 -44.72 36.49 -27.57
N LEU A 194 -44.05 37.05 -28.58
CA LEU A 194 -44.52 38.33 -29.22
C LEU A 194 -44.22 38.27 -30.72
N PRO A 195 -44.56 37.17 -31.43
CA PRO A 195 -44.01 36.92 -32.77
C PRO A 195 -44.39 37.97 -33.85
N HIS A 196 -45.54 38.59 -33.70
CA HIS A 196 -46.02 39.71 -34.55
C HIS A 196 -45.08 40.93 -34.46
N GLU A 197 -44.18 41.05 -33.47
CA GLU A 197 -43.24 42.21 -33.39
C GLU A 197 -41.83 41.82 -33.84
N LEU A 198 -41.61 40.63 -34.37
CA LEU A 198 -40.30 40.25 -35.00
C LEU A 198 -39.79 41.31 -35.98
N PRO A 199 -40.60 41.97 -36.82
CA PRO A 199 -40.07 43.01 -37.72
C PRO A 199 -39.27 44.14 -37.02
N LEU A 200 -39.64 44.55 -35.81
CA LEU A 200 -38.87 45.52 -34.98
C LEU A 200 -37.41 45.08 -34.80
N LEU A 201 -37.12 43.80 -34.87
CA LEU A 201 -35.76 43.22 -34.63
C LEU A 201 -35.02 43.04 -35.95
N GLU A 202 -35.66 43.29 -37.09
CA GLU A 202 -35.04 43.19 -38.45
C GLU A 202 -33.80 44.10 -38.52
N GLY A 203 -32.63 43.52 -38.83
CA GLY A 203 -31.34 44.24 -38.96
C GLY A 203 -30.71 44.56 -37.60
N MET A 204 -31.15 43.89 -36.53
CA MET A 204 -30.68 44.11 -35.14
C MET A 204 -30.16 42.77 -34.63
N GLU A 205 -29.08 42.30 -35.26
CA GLU A 205 -28.53 40.93 -35.18
C GLU A 205 -28.09 40.61 -33.75
N THR A 206 -27.70 41.62 -32.96
CA THR A 206 -27.29 41.48 -31.53
C THR A 206 -28.47 41.07 -30.64
N SER A 207 -29.72 41.20 -31.08
CA SER A 207 -30.94 40.68 -30.39
C SER A 207 -30.89 39.14 -30.28
N GLN A 208 -30.05 38.47 -31.09
CA GLN A 208 -29.82 36.99 -31.05
C GLN A 208 -28.63 36.62 -30.17
N GLY A 209 -28.05 37.59 -29.46
CA GLY A 209 -27.09 37.33 -28.37
C GLY A 209 -27.77 37.43 -27.02
N ILE A 210 -27.08 36.97 -25.98
CA ILE A 210 -27.61 36.81 -24.58
C ILE A 210 -27.81 38.21 -23.98
N GLN A 211 -26.87 39.13 -24.23
CA GLN A 211 -26.83 40.48 -23.62
C GLN A 211 -28.01 41.33 -24.14
N SER A 212 -28.55 42.16 -23.25
CA SER A 212 -29.63 43.15 -23.47
C SER A 212 -29.31 43.98 -24.72
N LEU A 213 -30.30 44.22 -25.59
CA LEU A 213 -30.09 45.03 -26.82
C LEU A 213 -29.61 46.44 -26.43
N GLY A 214 -30.18 47.04 -25.39
CA GLY A 214 -29.76 48.38 -24.92
C GLY A 214 -28.32 48.36 -24.43
N LEU A 215 -27.92 47.29 -23.72
CA LEU A 215 -26.58 47.17 -23.08
C LEU A 215 -25.52 46.82 -24.12
N ASN A 216 -25.91 46.33 -25.29
CA ASN A 216 -24.94 45.77 -26.27
C ASN A 216 -24.54 46.89 -27.21
N ALA A 217 -23.45 47.58 -26.86
CA ALA A 217 -22.89 48.73 -27.60
C ALA A 217 -22.05 48.27 -28.80
N GLY A 218 -21.90 46.95 -28.99
CA GLY A 218 -21.23 46.36 -30.17
C GLY A 218 -22.12 46.35 -31.39
N SER A 219 -23.06 47.29 -31.48
CA SER A 219 -24.02 47.51 -32.60
C SER A 219 -23.74 48.89 -33.23
N GLU A 220 -24.14 49.09 -34.48
CA GLU A 220 -24.07 50.37 -35.22
C GLU A 220 -25.34 51.17 -34.96
N HIS A 221 -26.36 50.54 -34.38
CA HIS A 221 -27.62 51.24 -33.99
C HIS A 221 -27.35 52.02 -32.70
N SER A 222 -27.98 53.17 -32.58
CA SER A 222 -27.82 54.09 -31.42
C SER A 222 -28.37 53.40 -30.16
N GLY A 223 -27.84 53.73 -28.99
CA GLY A 223 -28.38 53.30 -27.70
C GLY A 223 -29.83 53.71 -27.55
N ARG A 224 -30.17 54.87 -28.01
CA ARG A 224 -31.54 55.42 -27.93
C ARG A 224 -32.50 54.47 -28.66
N TYR A 225 -32.20 54.14 -29.92
CA TYR A 225 -33.08 53.26 -30.74
C TYR A 225 -33.13 51.87 -30.09
N ARG A 226 -31.99 51.31 -29.73
CA ARG A 226 -31.89 49.95 -29.18
C ARG A 226 -32.69 49.87 -27.88
N ALA A 227 -32.53 50.83 -26.97
CA ALA A 227 -33.21 50.83 -25.66
C ALA A 227 -34.71 51.02 -25.87
N SER A 228 -35.11 51.88 -26.79
CA SER A 228 -36.54 52.14 -27.07
C SER A 228 -37.23 50.88 -27.60
N VAL A 229 -36.60 50.18 -28.55
CA VAL A 229 -37.14 48.93 -29.13
C VAL A 229 -37.21 47.90 -28.03
N GLU A 230 -36.12 47.71 -27.29
CA GLU A 230 -36.11 46.74 -26.17
C GLU A 230 -37.25 47.05 -25.20
N SER A 231 -37.43 48.31 -24.81
CA SER A 231 -38.42 48.68 -23.77
C SER A 231 -39.79 48.21 -24.20
N ILE A 232 -40.15 48.42 -25.47
CA ILE A 232 -41.46 48.06 -26.04
C ILE A 232 -41.56 46.54 -26.14
N LEU A 233 -40.57 45.85 -26.70
CA LEU A 233 -40.61 44.38 -26.84
C LEU A 233 -40.74 43.72 -25.46
N ILE A 234 -40.03 44.20 -24.46
CA ILE A 234 -39.97 43.55 -23.12
C ILE A 234 -41.27 43.82 -22.36
N PHE A 235 -41.86 45.01 -22.43
CA PHE A 235 -43.11 45.32 -21.71
C PHE A 235 -44.22 44.42 -22.24
N ASN A 236 -44.37 44.34 -23.56
CA ASN A 236 -45.44 43.56 -24.22
C ASN A 236 -45.19 42.07 -24.03
N SER A 237 -43.96 41.59 -24.19
CA SER A 237 -43.56 40.19 -23.92
C SER A 237 -43.92 39.77 -22.51
N MET A 238 -43.68 40.63 -21.54
CA MET A 238 -43.87 40.30 -20.10
C MET A 238 -45.37 40.19 -19.80
N ASN A 239 -46.24 40.94 -20.49
CA ASN A 239 -47.70 40.76 -20.35
C ASN A 239 -48.07 39.32 -20.73
N GLN A 240 -47.56 38.85 -21.88
CA GLN A 240 -47.85 37.49 -22.35
C GLN A 240 -47.22 36.47 -21.36
N LEU A 241 -45.98 36.64 -20.99
CA LEU A 241 -45.30 35.74 -19.98
C LEU A 241 -46.06 35.73 -18.64
N ASN A 242 -46.61 36.86 -18.18
CA ASN A 242 -47.44 36.92 -16.95
C ASN A 242 -48.71 36.09 -17.13
N SER A 243 -49.38 36.19 -18.26
CA SER A 243 -50.58 35.36 -18.54
C SER A 243 -50.17 33.88 -18.48
N LEU A 244 -49.05 33.50 -19.07
CA LEU A 244 -48.64 32.06 -19.10
C LEU A 244 -48.26 31.61 -17.69
N LEU A 245 -47.56 32.42 -16.90
CA LEU A 245 -47.24 32.09 -15.48
C LEU A 245 -48.52 31.86 -14.70
N GLN A 246 -49.54 32.68 -14.91
CA GLN A 246 -50.85 32.56 -14.23
C GLN A 246 -51.52 31.27 -14.64
N LYS A 247 -51.52 30.95 -15.95
CA LYS A 247 -52.12 29.68 -16.42
C LYS A 247 -51.38 28.48 -15.75
N GLU A 248 -50.07 28.53 -15.60
CA GLU A 248 -49.25 27.42 -15.03
C GLU A 248 -49.20 27.50 -13.49
N ASN A 249 -49.75 28.56 -12.89
CA ASN A 249 -49.78 28.75 -11.41
C ASN A 249 -48.36 28.91 -10.86
N LEU A 250 -47.50 29.61 -11.58
CA LEU A 250 -46.08 29.85 -11.23
C LEU A 250 -45.84 31.33 -10.91
N GLN A 251 -46.88 32.16 -10.88
CA GLN A 251 -46.69 33.61 -10.67
C GLN A 251 -46.28 33.87 -9.20
N ASP A 252 -46.82 33.16 -8.24
CA ASP A 252 -46.39 33.36 -6.82
C ASP A 252 -44.91 32.95 -6.70
N VAL A 253 -44.52 31.84 -7.32
CA VAL A 253 -43.10 31.38 -7.31
C VAL A 253 -42.24 32.49 -7.89
N PHE A 254 -42.65 33.07 -9.00
CA PHE A 254 -41.92 34.10 -9.77
C PHE A 254 -41.70 35.34 -8.89
N ARG A 255 -42.76 35.83 -8.23
CA ARG A 255 -42.71 37.10 -7.44
C ARG A 255 -42.11 36.88 -6.04
N LYS A 256 -42.36 35.77 -5.38
CA LYS A 256 -41.94 35.53 -3.96
C LYS A 256 -40.58 34.81 -3.86
N VAL A 257 -40.13 34.06 -4.87
CA VAL A 257 -38.88 33.25 -4.76
C VAL A 257 -37.89 33.63 -5.85
N GLU A 258 -38.25 33.48 -7.14
CA GLU A 258 -37.26 33.58 -8.22
C GLU A 258 -36.77 35.02 -8.36
N MET A 259 -37.63 36.02 -8.41
CA MET A 259 -37.12 37.40 -8.65
C MET A 259 -36.41 37.91 -7.39
N PRO A 260 -36.91 37.68 -6.17
CA PRO A 260 -36.11 38.02 -4.98
C PRO A 260 -34.74 37.33 -4.95
N SER A 261 -34.69 36.06 -5.40
CA SER A 261 -33.42 35.29 -5.52
C SER A 261 -32.50 36.02 -6.47
N GLN A 262 -33.01 36.53 -7.60
CA GLN A 262 -32.19 37.33 -8.51
C GLN A 262 -31.66 38.59 -7.81
N TYR A 263 -32.45 39.23 -6.96
CA TYR A 263 -32.00 40.45 -6.23
C TYR A 263 -30.85 40.05 -5.28
N CYS A 264 -31.00 39.00 -4.50
CA CYS A 264 -29.86 38.48 -3.67
C CYS A 264 -28.62 38.18 -4.52
N LEU A 265 -28.78 37.66 -5.75
CA LEU A 265 -27.60 37.33 -6.59
C LEU A 265 -26.97 38.60 -7.11
N ALA A 266 -27.77 39.64 -7.34
CA ALA A 266 -27.23 40.97 -7.72
C ALA A 266 -26.32 41.50 -6.62
N LEU A 267 -26.72 41.39 -5.36
CA LEU A 267 -25.87 41.86 -4.23
C LEU A 267 -24.56 41.05 -4.17
N LEU A 268 -24.64 39.74 -4.39
CA LEU A 268 -23.45 38.83 -4.42
C LEU A 268 -22.50 39.26 -5.52
N GLU A 269 -23.04 39.59 -6.70
CA GLU A 269 -22.19 39.97 -7.84
C GLU A 269 -21.58 41.33 -7.58
N LEU A 270 -22.29 42.22 -6.90
CA LEU A 270 -21.72 43.54 -6.50
C LEU A 270 -20.67 43.31 -5.42
N ASN A 271 -20.89 42.37 -4.51
CA ASN A 271 -19.94 42.12 -3.39
C ASN A 271 -18.63 41.53 -3.91
N GLY A 272 -18.70 40.57 -4.84
CA GLY A 272 -17.52 39.76 -5.19
C GLY A 272 -17.01 38.98 -4.00
N ILE A 273 -15.91 38.23 -4.17
CA ILE A 273 -15.30 37.41 -3.08
C ILE A 273 -13.83 37.81 -3.00
N GLY A 274 -13.36 38.09 -1.80
CA GLY A 274 -11.98 38.48 -1.58
C GLY A 274 -11.01 37.39 -1.98
N PHE A 275 -9.84 37.80 -2.46
CA PHE A 275 -8.87 36.89 -3.13
C PHE A 275 -7.47 37.36 -2.80
N SER A 276 -6.64 36.44 -2.34
CA SER A 276 -5.21 36.65 -2.05
C SER A 276 -4.36 36.11 -3.19
N THR A 277 -3.82 36.98 -4.03
CA THR A 277 -2.97 36.62 -5.17
C THR A 277 -1.71 35.93 -4.64
N ALA A 278 -1.22 36.35 -3.48
CA ALA A 278 0.01 35.82 -2.85
C ALA A 278 -0.22 34.36 -2.44
N GLU A 279 -1.35 34.03 -1.83
CA GLU A 279 -1.66 32.64 -1.41
C GLU A 279 -1.76 31.75 -2.66
N CYS A 280 -2.49 32.22 -3.68
CA CYS A 280 -2.63 31.53 -4.98
C CYS A 280 -1.26 31.24 -5.64
N GLU A 281 -0.35 32.24 -5.72
CA GLU A 281 0.96 32.12 -6.41
C GLU A 281 1.84 31.08 -5.73
N SER A 282 1.83 31.06 -4.41
CA SER A 282 2.71 30.15 -3.63
C SER A 282 2.20 28.71 -3.83
N GLN A 283 0.90 28.51 -3.90
CA GLN A 283 0.32 27.19 -4.23
C GLN A 283 0.69 26.81 -5.66
N LYS A 284 0.56 27.74 -6.61
CA LYS A 284 0.90 27.54 -8.03
C LYS A 284 2.34 27.00 -8.13
N HIS A 285 3.29 27.62 -7.43
CA HIS A 285 4.73 27.26 -7.56
C HIS A 285 4.98 25.84 -7.06
N ILE A 286 4.34 25.42 -5.98
CA ILE A 286 4.46 24.03 -5.45
C ILE A 286 3.85 23.06 -6.47
N MET A 287 2.67 23.38 -6.97
CA MET A 287 2.00 22.53 -7.98
C MET A 287 2.85 22.41 -9.24
N GLN A 288 3.48 23.49 -9.68
CA GLN A 288 4.24 23.49 -10.95
C GLN A 288 5.51 22.65 -10.79
N ALA A 289 6.13 22.69 -9.61
CA ALA A 289 7.32 21.90 -9.28
C ALA A 289 6.97 20.39 -9.30
N LYS A 290 5.78 20.03 -8.81
CA LYS A 290 5.31 18.63 -8.79
C LYS A 290 5.01 18.18 -10.23
N LEU A 291 4.36 19.04 -11.03
CA LEU A 291 4.14 18.75 -12.46
C LEU A 291 5.47 18.46 -13.17
N ASP A 292 6.52 19.22 -12.87
CA ASP A 292 7.85 19.06 -13.52
C ASP A 292 8.43 17.70 -13.17
N ALA A 293 8.47 17.33 -11.88
CA ALA A 293 8.97 16.03 -11.38
C ALA A 293 8.13 14.88 -11.95
N ILE A 294 6.80 15.02 -12.01
CA ILE A 294 5.92 13.98 -12.60
C ILE A 294 6.28 13.79 -14.08
N GLU A 295 6.42 14.87 -14.85
CA GLU A 295 6.77 14.78 -16.29
C GLU A 295 8.09 14.03 -16.42
N THR A 296 9.14 14.45 -15.72
CA THR A 296 10.51 13.89 -15.83
C THR A 296 10.45 12.38 -15.51
N GLN A 297 9.68 11.97 -14.49
CA GLN A 297 9.55 10.54 -14.09
C GLN A 297 8.69 9.79 -15.12
N ALA A 298 7.58 10.37 -15.57
CA ALA A 298 6.74 9.78 -16.63
C ALA A 298 7.59 9.47 -17.87
N TYR A 299 8.39 10.43 -18.35
CA TYR A 299 9.16 10.34 -19.61
C TYR A 299 10.27 9.28 -19.47
N GLN A 300 10.81 9.06 -18.26
CA GLN A 300 11.83 8.00 -18.04
C GLN A 300 11.15 6.64 -18.06
N LEU A 301 9.99 6.49 -17.44
CA LEU A 301 9.23 5.22 -17.47
C LEU A 301 8.78 4.91 -18.91
N ALA A 302 8.29 5.92 -19.64
CA ALA A 302 7.82 5.77 -21.05
C ALA A 302 8.98 5.47 -22.02
N GLY A 303 10.17 5.98 -21.72
CA GLY A 303 11.35 5.90 -22.60
C GLY A 303 11.44 7.06 -23.57
N HIS A 304 10.39 7.86 -23.72
CA HIS A 304 10.38 9.04 -24.63
C HIS A 304 9.38 10.07 -24.12
N SER A 305 9.45 11.31 -24.60
CA SER A 305 8.38 12.34 -24.46
C SER A 305 7.06 11.74 -24.96
N PHE A 306 5.96 12.14 -24.35
CA PHE A 306 4.58 11.93 -24.83
C PHE A 306 3.75 13.09 -24.27
N SER A 307 2.67 13.46 -24.97
CA SER A 307 1.72 14.50 -24.49
C SER A 307 0.74 13.85 -23.51
N PHE A 308 0.63 14.42 -22.30
CA PHE A 308 -0.32 13.98 -21.24
C PHE A 308 -1.76 14.34 -21.64
N THR A 309 -1.93 15.16 -22.69
CA THR A 309 -3.24 15.68 -23.17
C THR A 309 -3.79 14.82 -24.31
N SER A 310 -2.97 13.92 -24.86
CA SER A 310 -3.34 13.03 -26.01
C SER A 310 -3.62 11.61 -25.52
N SER A 311 -4.90 11.21 -25.53
CA SER A 311 -5.35 9.83 -25.22
C SER A 311 -4.62 8.82 -26.13
N ASP A 312 -4.41 9.17 -27.40
CA ASP A 312 -3.68 8.32 -28.38
C ASP A 312 -2.26 8.04 -27.87
N ASP A 313 -1.49 9.07 -27.52
CA ASP A 313 -0.10 8.93 -27.02
C ASP A 313 -0.08 8.04 -25.79
N ILE A 314 -0.96 8.30 -24.83
CA ILE A 314 -1.03 7.56 -23.53
C ILE A 314 -1.37 6.10 -23.82
N ALA A 315 -2.29 5.84 -24.74
CA ALA A 315 -2.69 4.47 -25.16
C ALA A 315 -1.51 3.77 -25.82
N GLU A 316 -0.78 4.46 -26.70
CA GLU A 316 0.44 3.92 -27.36
C GLU A 316 1.39 3.44 -26.26
N VAL A 317 1.66 4.28 -25.25
CA VAL A 317 2.65 4.00 -24.17
C VAL A 317 2.13 2.87 -23.26
N LEU A 318 0.89 2.96 -22.78
CA LEU A 318 0.38 1.99 -21.78
C LEU A 318 0.19 0.61 -22.42
N PHE A 319 -0.36 0.52 -23.64
CA PHE A 319 -0.93 -0.75 -24.18
C PHE A 319 -0.02 -1.36 -25.26
N LEU A 320 0.54 -0.54 -26.15
CA LEU A 320 1.46 -1.00 -27.22
C LEU A 320 2.87 -1.18 -26.65
N GLU A 321 3.38 -0.20 -25.88
CA GLU A 321 4.81 -0.13 -25.47
C GLU A 321 5.04 -0.85 -24.13
N LEU A 322 4.12 -0.72 -23.17
CA LEU A 322 4.23 -1.35 -21.82
C LEU A 322 3.36 -2.62 -21.76
N LYS A 323 2.51 -2.86 -22.75
CA LYS A 323 1.67 -4.10 -22.87
C LYS A 323 0.96 -4.37 -21.53
N LEU A 324 0.23 -3.38 -21.00
CA LEU A 324 -0.62 -3.51 -19.79
C LEU A 324 -2.00 -4.03 -20.21
N PRO A 325 -2.77 -4.69 -19.31
CA PRO A 325 -4.10 -5.20 -19.65
C PRO A 325 -5.20 -4.17 -19.84
N PRO A 326 -5.97 -4.19 -20.96
CA PRO A 326 -7.01 -3.20 -21.25
C PRO A 326 -8.48 -3.60 -21.06
N PHE A 358 -8.88 1.69 -27.21
CA PHE A 358 -8.47 1.47 -25.79
C PHE A 358 -8.61 2.79 -25.02
N SER A 359 -9.59 2.86 -24.10
CA SER A 359 -9.88 4.04 -23.23
C SER A 359 -8.76 4.27 -22.22
N THR A 360 -8.55 5.54 -21.82
CA THR A 360 -7.57 5.97 -20.79
C THR A 360 -8.30 6.84 -19.78
N SER A 361 -9.51 6.44 -19.43
CA SER A 361 -10.37 7.17 -18.46
C SER A 361 -9.83 7.02 -17.03
N LYS A 362 -10.35 7.85 -16.14
CA LYS A 362 -10.05 7.82 -14.69
C LYS A 362 -10.21 6.36 -14.17
N ASP A 363 -11.30 5.69 -14.53
CA ASP A 363 -11.65 4.36 -13.94
C ASP A 363 -10.67 3.31 -14.42
N VAL A 364 -10.28 3.34 -15.69
CA VAL A 364 -9.22 2.44 -16.25
C VAL A 364 -7.91 2.68 -15.47
N LEU A 365 -7.42 3.92 -15.40
CA LEU A 365 -6.07 4.21 -14.84
C LEU A 365 -6.07 3.92 -13.34
N ASN A 366 -7.24 4.07 -12.72
CA ASN A 366 -7.45 3.83 -11.27
C ASN A 366 -7.24 2.35 -10.96
N LYS A 367 -7.70 1.46 -11.85
CA LYS A 367 -7.45 -0.01 -11.74
C LYS A 367 -5.95 -0.25 -11.95
N LEU A 368 -5.38 0.31 -13.01
CA LEU A 368 -4.02 -0.06 -13.51
C LEU A 368 -2.93 0.47 -12.57
N LYS A 369 -3.20 1.46 -11.71
CA LYS A 369 -2.14 2.07 -10.84
C LYS A 369 -1.62 1.02 -9.87
N ALA A 370 -2.41 -0.02 -9.61
CA ALA A 370 -1.96 -1.18 -8.79
C ALA A 370 -0.87 -1.99 -9.52
N LEU A 371 -0.67 -1.84 -10.84
CA LEU A 371 0.22 -2.71 -11.66
C LEU A 371 1.48 -2.01 -12.16
N HIS A 372 1.53 -0.68 -12.17
CA HIS A 372 2.63 0.11 -12.78
C HIS A 372 2.53 1.54 -12.29
N PRO A 373 3.65 2.25 -12.03
CA PRO A 373 3.60 3.62 -11.54
C PRO A 373 3.02 4.67 -12.52
N LEU A 374 3.11 4.45 -13.84
CA LEU A 374 2.76 5.49 -14.86
C LEU A 374 1.28 5.90 -14.81
N PRO A 375 0.29 4.99 -14.75
CA PRO A 375 -1.11 5.40 -14.64
C PRO A 375 -1.44 6.33 -13.46
N GLY A 376 -0.81 6.10 -12.30
CA GLY A 376 -0.90 6.99 -11.13
C GLY A 376 -0.34 8.38 -11.43
N LEU A 377 0.82 8.46 -12.07
CA LEU A 377 1.45 9.74 -12.48
C LEU A 377 0.49 10.48 -13.42
N ILE A 378 -0.11 9.77 -14.39
CA ILE A 378 -1.07 10.39 -15.35
C ILE A 378 -2.19 11.02 -14.54
N LEU A 379 -2.72 10.32 -13.55
CA LEU A 379 -3.92 10.78 -12.80
C LEU A 379 -3.57 12.05 -12.03
N GLU A 380 -2.38 12.06 -11.44
CA GLU A 380 -1.92 13.20 -10.62
C GLU A 380 -1.60 14.39 -11.53
N TRP A 381 -1.00 14.13 -12.69
CA TRP A 381 -0.74 15.16 -13.71
C TRP A 381 -2.04 15.89 -14.06
N ARG A 382 -3.12 15.15 -14.31
CA ARG A 382 -4.40 15.75 -14.75
C ARG A 382 -5.00 16.53 -13.60
N ARG A 383 -4.86 16.04 -12.38
CA ARG A 383 -5.45 16.69 -11.17
C ARG A 383 -4.75 18.05 -11.02
N ILE A 384 -3.42 18.05 -11.04
CA ILE A 384 -2.64 19.27 -10.77
C ILE A 384 -2.75 20.23 -11.97
N THR A 385 -2.68 19.73 -13.21
CA THR A 385 -2.85 20.57 -14.42
C THR A 385 -4.22 21.26 -14.35
N ASN A 386 -5.25 20.58 -13.87
CA ASN A 386 -6.60 21.12 -13.67
C ASN A 386 -6.51 22.33 -12.72
N ALA A 387 -5.88 22.17 -11.55
CA ALA A 387 -5.79 23.25 -10.54
C ALA A 387 -5.02 24.44 -11.13
N ILE A 388 -3.98 24.21 -11.91
CA ILE A 388 -3.16 25.30 -12.50
C ILE A 388 -3.93 26.00 -13.64
N THR A 389 -4.45 25.27 -14.62
CA THR A 389 -4.93 25.84 -15.91
C THR A 389 -6.40 26.23 -15.82
N LYS A 390 -7.20 25.58 -15.00
CA LYS A 390 -8.66 25.83 -14.88
C LYS A 390 -8.98 26.56 -13.59
N VAL A 391 -8.04 26.75 -12.66
CA VAL A 391 -8.35 27.48 -11.40
C VAL A 391 -7.38 28.65 -11.20
N VAL A 392 -6.09 28.42 -11.04
CA VAL A 392 -5.11 29.52 -10.84
C VAL A 392 -5.12 30.50 -12.03
N PHE A 393 -5.05 30.04 -13.28
CA PHE A 393 -4.90 30.93 -14.46
C PHE A 393 -6.13 31.84 -14.54
N PRO A 394 -7.37 31.32 -14.52
CA PRO A 394 -8.55 32.17 -14.56
C PRO A 394 -8.72 33.09 -13.34
N LEU A 395 -8.42 32.64 -12.11
CA LEU A 395 -8.51 33.53 -10.92
C LEU A 395 -7.53 34.70 -11.08
N GLN A 396 -6.29 34.44 -11.48
CA GLN A 396 -5.26 35.50 -11.60
C GLN A 396 -5.68 36.47 -12.71
N ARG A 397 -6.38 36.01 -13.72
CA ARG A 397 -6.76 36.82 -14.90
C ARG A 397 -7.95 37.69 -14.54
N GLU A 398 -8.85 37.25 -13.65
CA GLU A 398 -10.16 37.87 -13.37
C GLU A 398 -10.12 38.76 -12.11
N LYS A 399 -9.10 38.63 -11.28
CA LYS A 399 -9.04 39.39 -10.01
C LYS A 399 -8.99 40.88 -10.35
N CYS A 400 -9.50 41.70 -9.46
CA CYS A 400 -9.79 43.14 -9.68
C CYS A 400 -9.57 43.88 -8.36
N LEU A 401 -8.76 44.93 -8.34
CA LEU A 401 -8.55 45.77 -7.12
C LEU A 401 -9.88 46.39 -6.68
N ASN A 402 -10.23 46.25 -5.40
CA ASN A 402 -11.28 47.10 -4.76
C ASN A 402 -10.56 48.15 -3.92
N PRO A 403 -10.48 49.41 -4.38
CA PRO A 403 -9.71 50.44 -3.67
C PRO A 403 -10.32 50.88 -2.33
N PHE A 404 -11.61 50.64 -2.07
CA PHE A 404 -12.28 51.00 -0.79
C PHE A 404 -11.89 49.99 0.29
N LEU A 405 -12.07 48.70 0.03
CA LEU A 405 -11.74 47.60 0.98
C LEU A 405 -10.22 47.45 1.07
N GLY A 406 -9.47 47.84 0.03
CA GLY A 406 -7.99 47.73 0.02
C GLY A 406 -7.54 46.29 -0.17
N MET A 407 -8.15 45.57 -1.11
CA MET A 407 -7.88 44.13 -1.37
C MET A 407 -8.35 43.80 -2.79
N GLU A 408 -7.91 42.66 -3.30
CA GLU A 408 -8.33 42.15 -4.61
C GLU A 408 -9.58 41.31 -4.38
N ARG A 409 -10.49 41.34 -5.34
CA ARG A 409 -11.70 40.48 -5.28
C ARG A 409 -11.92 39.87 -6.67
N ILE A 410 -12.74 38.84 -6.70
CA ILE A 410 -13.23 38.22 -7.95
C ILE A 410 -14.74 38.42 -8.00
N TYR A 411 -15.22 38.82 -9.19
CA TYR A 411 -16.63 39.17 -9.45
C TYR A 411 -17.18 38.17 -10.44
N PRO A 412 -17.68 37.02 -9.97
CA PRO A 412 -18.28 36.04 -10.87
C PRO A 412 -19.68 36.47 -11.28
N VAL A 413 -20.19 35.83 -12.34
CA VAL A 413 -21.52 36.12 -12.91
C VAL A 413 -22.41 34.95 -12.54
N SER A 414 -23.58 35.19 -11.95
CA SER A 414 -24.52 34.13 -11.54
C SER A 414 -25.23 33.65 -12.80
N GLN A 415 -25.68 32.41 -12.79
CA GLN A 415 -26.43 31.74 -13.86
C GLN A 415 -27.50 30.89 -13.18
N SER A 416 -28.76 31.26 -13.39
CA SER A 416 -29.95 30.65 -12.76
C SER A 416 -30.74 29.86 -13.80
N HIS A 417 -30.31 29.84 -15.05
CA HIS A 417 -31.01 29.07 -16.09
C HIS A 417 -30.43 27.63 -16.07
N THR A 418 -30.93 26.78 -15.18
CA THR A 418 -30.39 25.43 -14.93
C THR A 418 -31.57 24.45 -14.95
N ALA A 419 -31.29 23.14 -15.08
CA ALA A 419 -32.34 22.14 -15.30
C ALA A 419 -33.21 22.00 -14.08
N THR A 420 -32.66 22.19 -12.89
CA THR A 420 -33.31 21.82 -11.62
C THR A 420 -33.50 23.04 -10.72
N GLY A 421 -32.98 24.21 -11.11
CA GLY A 421 -33.17 25.45 -10.32
C GLY A 421 -32.05 25.69 -9.35
N ARG A 422 -30.96 24.93 -9.48
CA ARG A 422 -29.69 25.31 -8.82
C ARG A 422 -29.23 26.65 -9.42
N ILE A 423 -28.31 27.27 -8.71
CA ILE A 423 -27.55 28.45 -9.19
C ILE A 423 -26.11 28.03 -9.40
N THR A 424 -25.49 28.50 -10.47
CA THR A 424 -24.06 28.26 -10.77
C THR A 424 -23.43 29.61 -11.12
N PHE A 425 -22.15 29.60 -11.43
CA PHE A 425 -21.38 30.82 -11.70
C PHE A 425 -20.49 30.56 -12.88
N THR A 426 -20.13 31.64 -13.57
CA THR A 426 -19.17 31.65 -14.68
C THR A 426 -18.18 32.79 -14.44
N GLU A 427 -17.04 32.71 -15.12
CA GLU A 427 -16.10 33.84 -15.35
C GLU A 427 -15.67 34.39 -14.01
N PRO A 428 -15.01 33.56 -13.16
CA PRO A 428 -14.82 32.12 -13.35
C PRO A 428 -15.85 31.32 -12.51
N ASN A 429 -15.94 29.99 -12.64
CA ASN A 429 -16.93 29.22 -11.82
C ASN A 429 -16.23 28.77 -10.54
N ILE A 430 -16.38 29.62 -9.53
CA ILE A 430 -15.82 29.52 -8.16
C ILE A 430 -16.40 28.30 -7.46
N GLN A 431 -17.55 27.78 -7.86
CA GLN A 431 -18.06 26.54 -7.25
C GLN A 431 -17.07 25.39 -7.49
N ASN A 432 -16.17 25.46 -8.46
CA ASN A 432 -15.36 24.28 -8.88
C ASN A 432 -13.94 24.37 -8.31
N VAL A 433 -13.73 25.29 -7.40
CA VAL A 433 -12.44 25.43 -6.70
C VAL A 433 -12.24 24.12 -5.96
N PRO A 434 -11.11 23.42 -6.20
CA PRO A 434 -10.85 22.12 -5.55
C PRO A 434 -11.01 22.22 -4.01
N ARG A 435 -11.56 21.10 -3.46
CA ARG A 435 -11.35 20.64 -2.05
C ARG A 435 -9.83 20.61 -1.80
N ASP A 436 -9.44 20.71 -0.52
CA ASP A 436 -8.05 20.44 -0.03
C ASP A 436 -7.58 19.10 -0.65
N PHE A 437 -6.31 19.02 -1.07
CA PHE A 437 -5.60 17.75 -1.40
C PHE A 437 -4.12 17.86 -1.07
N GLU A 438 -3.43 16.74 -1.15
CA GLU A 438 -2.02 16.61 -0.71
C GLU A 438 -1.11 16.37 -1.92
N ILE A 439 0.04 17.02 -1.90
CA ILE A 439 1.15 16.78 -2.84
C ILE A 439 2.35 16.28 -1.99
N LYS A 440 2.96 15.17 -2.38
CA LYS A 440 4.23 14.68 -1.76
C LYS A 440 5.41 15.00 -2.69
N MET A 441 6.46 15.58 -2.16
CA MET A 441 7.71 15.88 -2.89
C MET A 441 8.88 15.59 -1.95
N GLY A 442 9.86 14.83 -2.41
CA GLY A 442 10.97 14.30 -1.58
C GLY A 442 10.46 13.70 -0.27
N GLY A 443 9.32 12.99 -0.35
CA GLY A 443 8.71 12.35 0.80
C GLY A 443 8.17 13.31 1.86
N MET A 444 7.99 14.59 1.52
CA MET A 444 7.36 15.59 2.43
C MET A 444 5.99 15.95 1.86
N PRO A 445 4.93 15.91 2.69
CA PRO A 445 3.58 16.26 2.24
C PRO A 445 3.34 17.77 2.33
N PHE A 446 2.72 18.36 1.30
CA PHE A 446 2.26 19.77 1.29
C PHE A 446 0.76 19.79 1.02
N SER A 447 0.03 20.45 1.90
CA SER A 447 -1.42 20.68 1.81
C SER A 447 -1.70 21.76 0.73
N ILE A 448 -2.42 21.42 -0.32
CA ILE A 448 -2.87 22.44 -1.31
C ILE A 448 -4.33 22.73 -0.99
N SER A 449 -4.60 23.91 -0.43
CA SER A 449 -5.95 24.39 -0.10
C SER A 449 -6.26 25.65 -0.93
N MET A 450 -6.78 25.44 -2.13
CA MET A 450 -7.07 26.54 -3.07
C MET A 450 -8.11 27.46 -2.44
N ARG A 451 -9.04 26.92 -1.67
CA ARG A 451 -10.07 27.71 -0.96
C ARG A 451 -9.44 28.70 0.03
N HIS A 452 -8.23 28.44 0.48
CA HIS A 452 -7.51 29.29 1.46
C HIS A 452 -7.16 30.64 0.81
N ALA A 453 -7.22 30.76 -0.52
CA ALA A 453 -6.92 32.03 -1.23
C ALA A 453 -8.13 32.99 -1.15
N PHE A 454 -9.30 32.50 -0.72
CA PHE A 454 -10.53 33.29 -0.64
C PHE A 454 -10.69 33.82 0.78
N VAL A 455 -10.50 35.13 0.94
CA VAL A 455 -10.31 35.77 2.28
C VAL A 455 -11.38 36.84 2.44
N PRO A 456 -11.76 37.16 3.70
CA PRO A 456 -12.65 38.30 3.96
C PRO A 456 -11.83 39.60 3.91
N PHE A 457 -12.51 40.75 3.90
CA PHE A 457 -11.86 42.08 4.06
C PHE A 457 -11.15 42.09 5.39
N PRO A 458 -10.07 42.88 5.54
CA PRO A 458 -9.32 42.91 6.82
C PRO A 458 -10.23 43.20 8.04
N GLY A 459 -10.12 42.34 9.08
CA GLY A 459 -10.98 42.37 10.27
C GLY A 459 -12.22 41.49 10.16
N GLY A 460 -12.70 41.22 8.93
CA GLY A 460 -13.88 40.39 8.67
C GLY A 460 -13.65 38.91 8.88
N SER A 461 -14.74 38.14 8.85
CA SER A 461 -14.73 36.65 8.87
C SER A 461 -15.54 36.12 7.67
N ILE A 462 -15.19 34.93 7.17
CA ILE A 462 -16.06 34.13 6.26
C ILE A 462 -16.96 33.31 7.17
N LEU A 463 -18.25 33.35 6.93
CA LEU A 463 -19.25 32.46 7.57
C LEU A 463 -19.83 31.56 6.49
N ALA A 464 -19.83 30.25 6.72
CA ALA A 464 -20.47 29.23 5.89
C ALA A 464 -21.55 28.56 6.74
N ALA A 465 -22.76 28.47 6.21
CA ALA A 465 -23.86 27.71 6.81
C ALA A 465 -24.33 26.69 5.78
N ASP A 466 -24.29 25.42 6.13
CA ASP A 466 -24.66 24.30 5.21
C ASP A 466 -25.79 23.49 5.85
N TYR A 467 -26.79 23.16 5.04
CA TYR A 467 -27.83 22.16 5.40
C TYR A 467 -27.16 20.80 5.49
N SER A 468 -27.34 20.09 6.60
CA SER A 468 -26.88 18.69 6.73
C SER A 468 -27.76 17.76 5.90
N GLN A 469 -27.20 17.12 4.87
CA GLN A 469 -27.87 16.03 4.10
C GLN A 469 -29.24 16.51 3.65
N LEU A 470 -29.31 17.65 3.00
CA LEU A 470 -30.59 18.29 2.62
C LEU A 470 -31.38 17.38 1.68
N GLU A 471 -30.72 16.84 0.66
CA GLU A 471 -31.37 15.96 -0.34
C GLU A 471 -31.86 14.67 0.34
N LEU A 472 -31.16 14.15 1.34
CA LEU A 472 -31.60 12.95 2.08
C LEU A 472 -32.82 13.30 2.94
N ARG A 473 -32.79 14.48 3.57
CA ARG A 473 -33.90 14.94 4.45
C ARG A 473 -35.17 15.13 3.61
N ILE A 474 -35.03 15.70 2.42
CA ILE A 474 -36.17 15.90 1.49
C ILE A 474 -36.67 14.53 1.03
N LEU A 475 -35.77 13.59 0.73
CA LEU A 475 -36.17 12.23 0.25
C LEU A 475 -36.92 11.50 1.38
N ALA A 476 -36.44 11.61 2.63
CA ALA A 476 -37.15 11.05 3.82
C ALA A 476 -38.57 11.60 3.86
N HIS A 477 -38.71 12.93 3.78
CA HIS A 477 -39.99 13.66 3.87
C HIS A 477 -40.98 13.16 2.82
N LEU A 478 -40.51 12.91 1.59
CA LEU A 478 -41.40 12.60 0.44
C LEU A 478 -41.72 11.11 0.37
N SER A 479 -40.89 10.25 0.97
CA SER A 479 -41.06 8.78 0.95
C SER A 479 -41.53 8.26 2.33
N HIS A 480 -41.57 9.16 3.34
CA HIS A 480 -41.98 8.88 4.74
C HIS A 480 -41.16 7.71 5.31
N ASP A 481 -39.97 7.45 4.76
CA ASP A 481 -39.14 6.27 5.13
C ASP A 481 -38.75 6.39 6.61
N ARG A 482 -39.26 5.50 7.45
CA ARG A 482 -39.07 5.54 8.93
C ARG A 482 -37.61 5.23 9.26
N ARG A 483 -36.95 4.32 8.52
CA ARG A 483 -35.54 3.93 8.71
C ARG A 483 -34.60 5.11 8.40
N LEU A 484 -34.83 5.84 7.29
CA LEU A 484 -33.95 6.95 6.87
C LEU A 484 -34.12 8.10 7.88
N ILE A 485 -35.36 8.33 8.37
CA ILE A 485 -35.68 9.36 9.40
C ILE A 485 -34.90 9.07 10.69
N GLN A 486 -34.89 7.83 11.16
CA GLN A 486 -34.16 7.43 12.40
C GLN A 486 -32.68 7.78 12.20
N VAL A 487 -32.07 7.28 11.12
CA VAL A 487 -30.62 7.44 10.82
C VAL A 487 -30.26 8.94 10.93
N LEU A 488 -31.01 9.82 10.25
CA LEU A 488 -30.75 11.29 10.20
C LEU A 488 -30.96 11.93 11.58
N ASN A 489 -31.99 11.50 12.33
CA ASN A 489 -32.41 12.07 13.65
C ASN A 489 -31.30 11.92 14.70
N THR A 490 -30.60 10.80 14.77
CA THR A 490 -29.68 10.54 15.91
C THR A 490 -28.49 9.65 15.52
N GLY A 491 -28.47 9.09 14.31
CA GLY A 491 -27.32 8.30 13.83
C GLY A 491 -26.16 9.23 13.57
N ALA A 492 -24.92 8.71 13.50
CA ALA A 492 -23.75 9.50 13.04
C ALA A 492 -23.88 9.79 11.54
N ASP A 493 -22.74 10.06 10.90
CA ASP A 493 -22.62 10.36 9.44
C ASP A 493 -22.94 9.08 8.65
N VAL A 494 -23.93 9.13 7.75
CA VAL A 494 -24.37 7.95 6.93
C VAL A 494 -23.24 7.56 5.97
N PHE A 495 -22.50 8.55 5.45
CA PHE A 495 -21.38 8.29 4.50
C PHE A 495 -20.23 7.61 5.24
N ARG A 496 -20.06 7.92 6.53
CA ARG A 496 -19.09 7.25 7.43
C ARG A 496 -19.51 5.79 7.67
N SER A 497 -20.78 5.53 8.04
CA SER A 497 -21.36 4.17 8.19
C SER A 497 -21.08 3.34 6.92
N ILE A 498 -21.37 3.87 5.73
CA ILE A 498 -21.14 3.18 4.42
C ILE A 498 -19.64 2.87 4.26
N ALA A 499 -18.79 3.88 4.47
CA ALA A 499 -17.31 3.78 4.33
C ALA A 499 -16.76 2.72 5.30
N ALA A 500 -17.26 2.67 6.54
CA ALA A 500 -16.81 1.78 7.65
C ALA A 500 -17.13 0.33 7.29
N GLU A 501 -18.40 0.00 7.11
CA GLU A 501 -18.88 -1.34 6.64
C GLU A 501 -18.01 -1.79 5.46
N TRP A 502 -17.84 -0.93 4.46
CA TRP A 502 -17.14 -1.20 3.18
C TRP A 502 -15.66 -1.51 3.40
N LYS A 503 -14.92 -0.65 4.11
CA LYS A 503 -13.43 -0.77 4.29
C LYS A 503 -13.09 -1.55 5.59
N MET A 504 -14.06 -2.24 6.21
CA MET A 504 -13.86 -3.15 7.38
C MET A 504 -13.29 -2.36 8.59
N ILE A 505 -13.84 -1.19 8.90
CA ILE A 505 -13.27 -0.21 9.91
C ILE A 505 -14.43 0.37 10.76
N GLU A 506 -14.12 1.11 11.83
CA GLU A 506 -15.06 1.96 12.64
C GLU A 506 -15.13 3.35 12.01
N PRO A 507 -16.20 4.16 12.24
CA PRO A 507 -16.35 5.49 11.63
C PRO A 507 -15.11 6.41 11.54
N GLU A 508 -14.24 6.39 12.54
CA GLU A 508 -13.29 7.49 12.86
C GLU A 508 -12.15 7.60 11.82
N SER A 509 -11.77 6.53 11.10
CA SER A 509 -10.51 6.45 10.30
C SER A 509 -10.62 7.08 8.91
N VAL A 510 -11.87 7.26 8.43
CA VAL A 510 -12.30 7.79 7.10
C VAL A 510 -11.55 9.10 6.77
N GLY A 511 -10.76 9.13 5.69
CA GLY A 511 -10.19 10.36 5.11
C GLY A 511 -11.25 11.12 4.29
N ASP A 512 -10.98 12.38 3.91
CA ASP A 512 -11.90 13.18 3.06
C ASP A 512 -12.18 12.43 1.75
N ASP A 513 -11.14 11.91 1.08
CA ASP A 513 -11.32 11.31 -0.27
C ASP A 513 -12.21 10.07 -0.13
N LEU A 514 -12.07 9.28 0.93
CA LEU A 514 -12.86 8.03 1.14
C LEU A 514 -14.32 8.41 1.46
N ARG A 515 -14.55 9.45 2.25
CA ARG A 515 -15.92 9.88 2.62
C ARG A 515 -16.66 10.36 1.34
N GLN A 516 -15.96 11.06 0.45
CA GLN A 516 -16.46 11.47 -0.89
C GLN A 516 -16.79 10.23 -1.74
N GLN A 517 -15.95 9.17 -1.70
CA GLN A 517 -16.25 7.91 -2.45
C GLN A 517 -17.57 7.32 -1.93
N ALA A 518 -17.80 7.34 -0.61
CA ALA A 518 -19.00 6.78 0.04
C ALA A 518 -20.21 7.64 -0.29
N LYS A 519 -20.02 8.97 -0.34
CA LYS A 519 -21.06 9.95 -0.70
C LYS A 519 -21.54 9.64 -2.13
N GLN A 520 -20.62 9.41 -3.06
CA GLN A 520 -20.88 9.11 -4.50
C GLN A 520 -21.69 7.80 -4.57
N ILE A 521 -21.32 6.81 -3.76
CA ILE A 521 -22.00 5.48 -3.71
C ILE A 521 -23.44 5.67 -3.24
N CYS A 522 -23.64 6.43 -2.17
CA CYS A 522 -24.99 6.59 -1.52
C CYS A 522 -25.94 7.34 -2.47
N TYR A 523 -25.57 8.51 -2.97
CA TYR A 523 -26.41 9.30 -3.91
C TYR A 523 -26.54 8.56 -5.24
N GLY A 524 -25.47 7.91 -5.69
CA GLY A 524 -25.45 7.09 -6.92
C GLY A 524 -26.54 6.04 -6.90
N ILE A 525 -26.55 5.23 -5.84
CA ILE A 525 -27.53 4.13 -5.69
C ILE A 525 -28.92 4.78 -5.68
N ILE A 526 -29.15 5.80 -4.85
CA ILE A 526 -30.49 6.46 -4.70
C ILE A 526 -30.97 6.97 -6.07
N TYR A 527 -30.09 7.45 -6.95
CA TYR A 527 -30.53 8.11 -8.20
C TYR A 527 -30.36 7.16 -9.39
N GLY A 528 -30.28 5.85 -9.13
CA GLY A 528 -30.50 4.78 -10.13
C GLY A 528 -29.22 4.23 -10.76
N MET A 529 -28.08 4.36 -10.09
CA MET A 529 -26.80 3.82 -10.55
C MET A 529 -26.92 2.28 -10.61
N GLY A 530 -26.34 1.68 -11.64
CA GLY A 530 -26.39 0.25 -11.95
C GLY A 530 -25.21 -0.52 -11.36
N ALA A 531 -25.30 -1.85 -11.38
CA ALA A 531 -24.26 -2.76 -10.85
C ALA A 531 -22.90 -2.57 -11.57
N LYS A 532 -22.90 -2.49 -12.90
CA LYS A 532 -21.66 -2.26 -13.70
C LYS A 532 -20.90 -1.04 -13.11
N SER A 533 -21.50 0.16 -13.05
CA SER A 533 -20.85 1.39 -12.53
C SER A 533 -20.49 1.18 -11.04
N LEU A 534 -21.37 0.62 -10.21
CA LEU A 534 -21.07 0.56 -8.75
C LEU A 534 -19.84 -0.33 -8.57
N GLY A 535 -19.80 -1.45 -9.33
CA GLY A 535 -18.59 -2.28 -9.47
C GLY A 535 -17.29 -1.50 -9.56
N GLU A 536 -17.13 -0.63 -10.57
CA GLU A 536 -15.92 0.23 -10.78
C GLU A 536 -15.63 1.08 -9.54
N GLN A 537 -16.66 1.70 -8.94
CA GLN A 537 -16.48 2.67 -7.82
C GLN A 537 -16.04 1.89 -6.57
N MET A 538 -16.65 0.73 -6.31
CA MET A 538 -16.43 -0.01 -5.06
C MET A 538 -15.25 -1.00 -5.24
N GLY A 539 -14.79 -1.18 -6.48
CA GLY A 539 -13.74 -2.15 -6.85
C GLY A 539 -14.18 -3.59 -6.59
N ILE A 540 -15.43 -3.93 -6.93
CA ILE A 540 -16.01 -5.29 -6.75
C ILE A 540 -16.66 -5.72 -8.08
N LYS A 541 -16.89 -7.03 -8.23
CA LYS A 541 -17.55 -7.63 -9.41
C LYS A 541 -18.98 -7.07 -9.51
N GLU A 542 -19.52 -6.95 -10.72
CA GLU A 542 -20.93 -6.50 -10.98
C GLU A 542 -21.89 -7.26 -10.04
N ASN A 543 -21.81 -8.60 -9.99
CA ASN A 543 -22.71 -9.47 -9.19
C ASN A 543 -22.63 -9.07 -7.71
N ASP A 544 -21.46 -8.61 -7.25
CA ASP A 544 -21.24 -8.23 -5.83
C ASP A 544 -21.91 -6.86 -5.61
N ALA A 545 -21.68 -5.93 -6.54
CA ALA A 545 -22.32 -4.58 -6.56
C ALA A 545 -23.84 -4.74 -6.61
N ALA A 546 -24.33 -5.67 -7.43
CA ALA A 546 -25.78 -5.94 -7.67
C ALA A 546 -26.44 -6.38 -6.36
N CYS A 547 -25.72 -7.19 -5.57
CA CYS A 547 -26.19 -7.69 -4.25
C CYS A 547 -26.26 -6.50 -3.30
N TYR A 548 -25.24 -5.64 -3.33
CA TYR A 548 -25.12 -4.45 -2.44
C TYR A 548 -26.26 -3.47 -2.75
N ILE A 549 -26.67 -3.32 -4.02
CA ILE A 549 -27.83 -2.45 -4.40
C ILE A 549 -29.11 -3.04 -3.79
N ASP A 550 -29.27 -4.37 -3.88
CA ASP A 550 -30.46 -5.09 -3.38
C ASP A 550 -30.59 -4.86 -1.86
N SER A 551 -29.51 -5.06 -1.11
CA SER A 551 -29.39 -4.82 0.35
C SER A 551 -29.82 -3.37 0.66
N PHE A 552 -29.23 -2.38 -0.02
CA PHE A 552 -29.56 -0.93 0.15
C PHE A 552 -31.06 -0.73 -0.12
N LYS A 553 -31.56 -1.19 -1.28
CA LYS A 553 -32.98 -0.99 -1.65
C LYS A 553 -33.89 -1.64 -0.60
N SER A 554 -33.52 -2.81 -0.07
CA SER A 554 -34.31 -3.58 0.94
C SER A 554 -34.37 -2.83 2.29
N ARG A 555 -33.26 -2.23 2.72
CA ARG A 555 -33.14 -1.41 3.98
C ARG A 555 -34.11 -0.23 3.95
N TYR A 556 -34.26 0.43 2.80
CA TYR A 556 -35.06 1.68 2.63
C TYR A 556 -36.18 1.42 1.61
N THR A 557 -37.26 0.77 2.03
CA THR A 557 -38.36 0.33 1.13
C THR A 557 -39.25 1.53 0.77
N GLY A 558 -39.39 2.51 1.68
CA GLY A 558 -40.13 3.75 1.43
C GLY A 558 -39.57 4.49 0.23
N ILE A 559 -38.24 4.62 0.16
CA ILE A 559 -37.51 5.28 -0.97
C ILE A 559 -37.94 4.61 -2.27
N ASN A 560 -37.85 3.27 -2.34
CA ASN A 560 -38.14 2.47 -3.57
C ASN A 560 -39.60 2.63 -3.99
N GLN A 561 -40.52 2.79 -3.04
CA GLN A 561 -41.96 2.98 -3.36
C GLN A 561 -42.12 4.35 -4.02
N PHE A 562 -41.40 5.37 -3.51
CA PHE A 562 -41.43 6.77 -4.00
C PHE A 562 -40.82 6.87 -5.40
N MET A 563 -39.76 6.11 -5.69
CA MET A 563 -39.16 5.96 -7.05
C MET A 563 -40.23 5.48 -8.05
N THR A 564 -40.93 4.38 -7.74
CA THR A 564 -41.92 3.77 -8.68
C THR A 564 -43.15 4.70 -8.78
N GLU A 565 -43.56 5.34 -7.68
CA GLU A 565 -44.73 6.25 -7.62
C GLU A 565 -44.43 7.54 -8.38
N THR A 566 -43.16 7.96 -8.42
CA THR A 566 -42.72 9.18 -9.15
C THR A 566 -42.63 8.87 -10.64
N VAL A 567 -42.14 7.68 -11.01
CA VAL A 567 -42.04 7.27 -12.44
C VAL A 567 -43.45 7.05 -13.02
N LYS A 568 -44.34 6.37 -12.28
CA LYS A 568 -45.76 6.16 -12.71
C LYS A 568 -46.39 7.52 -12.99
N ASN A 569 -46.28 8.47 -12.05
CA ASN A 569 -46.95 9.79 -12.12
C ASN A 569 -46.33 10.63 -13.24
N CYS A 570 -45.04 10.48 -13.51
CA CYS A 570 -44.34 11.22 -14.59
C CYS A 570 -44.81 10.74 -15.96
N LYS A 571 -44.89 9.43 -16.15
CA LYS A 571 -45.34 8.76 -17.41
C LYS A 571 -46.71 9.31 -17.80
N ARG A 572 -47.63 9.38 -16.84
CA ARG A 572 -49.01 9.93 -16.95
C ARG A 572 -48.99 11.41 -17.37
N ASP A 573 -48.24 12.27 -16.66
CA ASP A 573 -48.36 13.75 -16.71
C ASP A 573 -47.40 14.37 -17.74
N GLY A 574 -46.29 13.70 -18.07
CA GLY A 574 -45.22 14.25 -18.92
C GLY A 574 -44.25 15.16 -18.18
N PHE A 575 -44.36 15.28 -16.85
CA PHE A 575 -43.51 16.17 -16.02
C PHE A 575 -43.41 15.67 -14.57
N VAL A 576 -42.49 16.25 -13.82
CA VAL A 576 -42.37 16.16 -12.33
C VAL A 576 -42.42 17.58 -11.76
N GLN A 577 -42.79 17.72 -10.49
CA GLN A 577 -42.92 19.01 -9.78
C GLN A 577 -42.05 19.01 -8.54
N THR A 578 -41.45 20.17 -8.23
CA THR A 578 -40.72 20.42 -6.96
C THR A 578 -41.71 20.85 -5.87
N ILE A 579 -41.20 21.01 -4.65
CA ILE A 579 -41.97 21.42 -3.44
C ILE A 579 -42.69 22.77 -3.70
N LEU A 580 -42.19 23.64 -4.56
CA LEU A 580 -42.78 25.00 -4.81
C LEU A 580 -43.69 25.01 -6.05
N GLY A 581 -43.79 23.93 -6.81
CA GLY A 581 -44.70 23.81 -7.97
C GLY A 581 -44.01 23.96 -9.31
N ARG A 582 -42.68 24.16 -9.34
CA ARG A 582 -41.95 24.25 -10.64
C ARG A 582 -42.01 22.88 -11.33
N ARG A 583 -42.15 22.89 -12.64
CA ARG A 583 -42.36 21.67 -13.46
C ARG A 583 -41.19 21.46 -14.40
N ARG A 584 -40.73 20.23 -14.51
CA ARG A 584 -39.74 19.87 -15.54
C ARG A 584 -40.39 18.84 -16.44
N TYR A 585 -40.34 19.10 -17.73
CA TYR A 585 -40.97 18.26 -18.78
C TYR A 585 -39.95 17.20 -19.18
N LEU A 586 -40.34 15.92 -19.11
CA LEU A 586 -39.46 14.75 -19.40
C LEU A 586 -40.18 13.84 -20.38
N PRO A 587 -40.33 14.27 -21.65
CA PRO A 587 -40.99 13.46 -22.68
C PRO A 587 -40.21 12.20 -23.09
N GLY A 588 -38.93 12.09 -22.70
CA GLY A 588 -38.14 10.86 -22.74
C GLY A 588 -38.77 9.73 -21.94
N ILE A 589 -39.62 10.05 -20.96
CA ILE A 589 -40.27 9.06 -20.05
C ILE A 589 -41.12 8.07 -20.85
N LYS A 590 -41.73 8.50 -21.98
CA LYS A 590 -42.62 7.67 -22.84
C LYS A 590 -41.77 6.87 -23.84
N ASP A 591 -40.55 7.33 -24.13
CA ASP A 591 -39.66 6.79 -25.20
C ASP A 591 -39.55 5.26 -25.06
N ASN A 592 -39.53 4.56 -26.21
CA ASN A 592 -39.46 3.08 -26.33
C ASN A 592 -38.01 2.64 -26.14
N ASN A 593 -37.04 3.45 -26.59
CA ASN A 593 -35.59 3.21 -26.41
C ASN A 593 -35.32 2.99 -24.92
N PRO A 594 -34.72 1.85 -24.52
CA PRO A 594 -34.44 1.59 -23.11
C PRO A 594 -33.56 2.65 -22.41
N TYR A 595 -32.50 3.16 -23.04
CA TYR A 595 -31.59 4.17 -22.42
C TYR A 595 -32.40 5.44 -22.11
N ARG A 596 -32.93 6.09 -23.17
CA ARG A 596 -33.65 7.38 -23.06
C ARG A 596 -34.75 7.25 -22.01
N LYS A 597 -35.47 6.12 -21.96
CA LYS A 597 -36.54 5.89 -20.95
C LYS A 597 -35.91 5.92 -19.55
N ALA A 598 -34.88 5.12 -19.33
CA ALA A 598 -34.23 4.96 -18.00
C ALA A 598 -33.62 6.31 -17.55
N HIS A 599 -33.00 7.05 -18.47
CA HIS A 599 -32.39 8.39 -18.22
C HIS A 599 -33.48 9.34 -17.68
N ALA A 600 -34.61 9.39 -18.37
CA ALA A 600 -35.80 10.21 -18.00
C ALA A 600 -36.31 9.81 -16.61
N GLU A 601 -36.42 8.52 -16.33
CA GLU A 601 -36.88 8.01 -15.01
C GLU A 601 -35.92 8.52 -13.93
N ARG A 602 -34.61 8.50 -14.19
CA ARG A 602 -33.56 8.94 -13.23
C ARG A 602 -33.67 10.46 -13.05
N GLN A 603 -33.87 11.20 -14.14
CA GLN A 603 -34.10 12.67 -14.10
C GLN A 603 -35.38 12.96 -13.33
N ALA A 604 -36.41 12.14 -13.48
CA ALA A 604 -37.69 12.34 -12.82
C ALA A 604 -37.46 12.35 -11.30
N ILE A 605 -36.83 11.29 -10.79
CA ILE A 605 -36.56 11.12 -9.34
C ILE A 605 -35.65 12.24 -8.89
N ASN A 606 -34.53 12.46 -9.59
CA ASN A 606 -33.50 13.41 -9.13
C ASN A 606 -34.01 14.84 -9.18
N THR A 607 -34.78 15.19 -10.21
CA THR A 607 -35.29 16.58 -10.36
C THR A 607 -36.15 16.93 -9.14
N ILE A 608 -37.05 16.06 -8.73
CA ILE A 608 -37.93 16.36 -7.57
C ILE A 608 -37.07 16.68 -6.35
N VAL A 609 -36.04 15.87 -6.03
CA VAL A 609 -35.29 16.02 -4.77
C VAL A 609 -34.30 17.18 -4.89
N GLN A 610 -33.50 17.21 -5.96
CA GLN A 610 -32.46 18.23 -6.16
C GLN A 610 -33.14 19.58 -6.41
N GLY A 611 -34.23 19.62 -7.18
CA GLY A 611 -34.99 20.86 -7.46
C GLY A 611 -35.64 21.42 -6.21
N SER A 612 -36.21 20.54 -5.38
CA SER A 612 -36.81 20.92 -4.08
C SER A 612 -35.73 21.55 -3.16
N ALA A 613 -34.55 20.97 -3.12
CA ALA A 613 -33.43 21.45 -2.27
C ALA A 613 -33.05 22.86 -2.73
N ALA A 614 -33.03 23.07 -4.03
CA ALA A 614 -32.64 24.36 -4.63
C ALA A 614 -33.72 25.43 -4.30
N ASP A 615 -34.99 25.05 -4.24
CA ASP A 615 -36.12 25.90 -3.80
C ASP A 615 -35.88 26.34 -2.34
N ILE A 616 -35.55 25.38 -1.46
CA ILE A 616 -35.38 25.65 -0.01
C ILE A 616 -34.22 26.64 0.18
N VAL A 617 -33.13 26.49 -0.55
CA VAL A 617 -31.91 27.32 -0.37
C VAL A 617 -32.24 28.74 -0.87
N LYS A 618 -32.95 28.86 -1.97
CA LYS A 618 -33.41 30.17 -2.50
C LYS A 618 -34.28 30.87 -1.45
N ILE A 619 -35.24 30.17 -0.86
CA ILE A 619 -36.13 30.77 0.16
C ILE A 619 -35.25 31.23 1.34
N ALA A 620 -34.33 30.39 1.78
CA ALA A 620 -33.39 30.73 2.88
C ALA A 620 -32.64 32.01 2.53
N THR A 621 -32.10 32.08 1.33
CA THR A 621 -31.25 33.20 0.87
C THR A 621 -32.07 34.49 0.97
N VAL A 622 -33.29 34.44 0.47
CA VAL A 622 -34.21 35.61 0.37
C VAL A 622 -34.55 36.06 1.79
N ASN A 623 -34.89 35.12 2.65
CA ASN A 623 -35.34 35.40 4.05
C ASN A 623 -34.15 35.93 4.88
N ILE A 624 -32.93 35.47 4.64
CA ILE A 624 -31.72 35.99 5.34
C ILE A 624 -31.53 37.45 4.91
N GLN A 625 -31.63 37.72 3.61
CA GLN A 625 -31.39 39.09 3.07
C GLN A 625 -32.40 40.07 3.68
N LYS A 626 -33.68 39.70 3.79
CA LYS A 626 -34.71 40.56 4.44
C LYS A 626 -34.26 40.88 5.88
N GLN A 627 -33.93 39.88 6.67
CA GLN A 627 -33.47 40.04 8.08
C GLN A 627 -32.23 40.95 8.12
N LEU A 628 -31.23 40.71 7.29
CA LEU A 628 -29.98 41.51 7.32
C LEU A 628 -30.33 43.00 7.08
N GLU A 629 -31.30 43.29 6.23
CA GLU A 629 -31.65 44.67 5.83
C GLU A 629 -32.52 45.36 6.89
N THR A 630 -33.15 44.62 7.82
CA THR A 630 -33.91 45.23 8.96
C THR A 630 -32.89 45.78 9.96
N PHE A 631 -31.90 44.95 10.33
CA PHE A 631 -30.84 45.30 11.29
C PHE A 631 -29.81 46.19 10.58
N HIS A 632 -30.09 46.57 9.34
CA HIS A 632 -29.18 47.30 8.40
C HIS A 632 -29.24 48.80 8.67
N SER A 633 -28.43 49.28 9.64
CA SER A 633 -27.95 50.68 9.79
C SER A 633 -27.23 51.15 8.51
N THR A 634 -26.75 50.20 7.67
CA THR A 634 -25.61 50.38 6.71
C THR A 634 -25.86 49.63 5.38
N PHE A 635 -24.84 49.58 4.51
CA PHE A 635 -24.93 49.40 3.04
C PHE A 635 -25.28 47.94 2.72
N LYS A 636 -26.18 47.72 1.75
CA LYS A 636 -26.70 46.37 1.45
C LYS A 636 -25.65 45.53 0.67
N SER A 637 -24.59 46.13 0.15
CA SER A 637 -23.51 45.47 -0.63
C SER A 637 -22.30 46.40 -0.66
N HIS A 638 -21.13 45.88 -0.99
CA HIS A 638 -19.94 46.72 -1.27
C HIS A 638 -20.22 47.67 -2.43
N GLY A 639 -21.03 47.29 -3.42
CA GLY A 639 -21.39 48.16 -4.54
C GLY A 639 -22.14 49.40 -4.06
N HIS A 640 -23.03 49.25 -3.10
CA HIS A 640 -23.78 50.38 -2.51
C HIS A 640 -22.81 51.41 -1.90
N ARG A 641 -21.55 51.06 -1.58
CA ARG A 641 -20.51 52.08 -1.23
C ARG A 641 -19.85 52.69 -2.48
N GLU A 642 -19.39 51.87 -3.43
CA GLU A 642 -18.91 52.34 -4.77
C GLU A 642 -19.92 53.36 -5.33
N GLY A 643 -21.18 52.93 -5.55
CA GLY A 643 -22.29 53.73 -6.14
C GLY A 643 -22.74 54.90 -5.25
N MET A 644 -22.36 54.90 -3.96
CA MET A 644 -22.59 56.02 -3.00
C MET A 644 -21.88 57.28 -3.51
N LEU A 645 -20.55 57.18 -3.75
CA LEU A 645 -19.66 58.26 -4.29
C LEU A 645 -20.03 58.53 -5.76
N CYS A 663 -16.40 55.53 8.15
CA CYS A 663 -17.72 54.83 8.22
C CYS A 663 -17.51 53.32 8.06
N PRO A 664 -16.98 52.62 9.11
CA PRO A 664 -16.50 51.25 8.96
C PRO A 664 -17.56 50.24 8.50
N ILE A 665 -17.11 49.09 8.00
CA ILE A 665 -17.98 48.00 7.46
C ILE A 665 -18.75 47.35 8.62
N ARG A 666 -20.06 47.19 8.43
CA ARG A 666 -20.95 46.49 9.35
C ARG A 666 -21.78 45.51 8.55
N GLY A 667 -22.18 44.39 9.14
CA GLY A 667 -23.17 43.48 8.55
C GLY A 667 -22.53 42.29 7.86
N GLY A 668 -23.35 41.59 7.08
CA GLY A 668 -23.02 40.34 6.38
C GLY A 668 -23.30 40.49 4.91
N PHE A 669 -22.36 40.05 4.10
CA PHE A 669 -22.37 40.23 2.62
C PHE A 669 -22.37 38.86 1.98
N PHE A 670 -23.41 38.55 1.23
CA PHE A 670 -23.54 37.29 0.46
C PHE A 670 -22.42 37.24 -0.56
N ILE A 671 -21.52 36.25 -0.46
CA ILE A 671 -20.32 36.18 -1.35
C ILE A 671 -20.36 34.93 -2.24
N LEU A 672 -21.06 33.86 -1.87
CA LEU A 672 -21.07 32.63 -2.69
C LEU A 672 -22.23 31.72 -2.29
N GLN A 673 -22.81 31.05 -3.29
CA GLN A 673 -23.78 29.97 -3.05
C GLN A 673 -23.12 28.67 -3.54
N LEU A 674 -23.22 27.61 -2.75
CA LEU A 674 -22.67 26.28 -3.03
C LEU A 674 -23.71 25.19 -2.86
N HIS A 675 -24.91 25.38 -3.40
CA HIS A 675 -25.97 24.37 -3.63
C HIS A 675 -26.67 24.04 -2.31
N ASP A 676 -25.94 23.59 -1.25
CA ASP A 676 -26.59 23.36 0.05
C ASP A 676 -25.96 24.27 1.11
N GLU A 677 -25.19 25.26 0.71
CA GLU A 677 -24.30 26.03 1.60
C GLU A 677 -24.26 27.50 1.14
N LEU A 678 -24.37 28.45 2.06
CA LEU A 678 -24.31 29.89 1.81
C LEU A 678 -23.07 30.46 2.48
N LEU A 679 -22.27 31.23 1.78
CA LEU A 679 -21.09 31.93 2.34
C LEU A 679 -21.40 33.43 2.44
N TYR A 680 -21.08 34.00 3.58
CA TYR A 680 -21.19 35.43 3.88
C TYR A 680 -19.84 35.90 4.40
N GLU A 681 -19.48 37.11 4.00
CA GLU A 681 -18.33 37.87 4.54
C GLU A 681 -18.91 38.77 5.63
N VAL A 682 -18.40 38.72 6.87
CA VAL A 682 -19.08 39.37 8.03
C VAL A 682 -18.07 40.19 8.83
N ALA A 683 -18.46 41.41 9.22
CA ALA A 683 -17.65 42.29 10.08
C ALA A 683 -17.48 41.61 11.45
N GLU A 684 -16.29 41.68 12.04
CA GLU A 684 -15.98 41.06 13.38
C GLU A 684 -17.13 41.27 14.39
N GLU A 685 -17.65 42.50 14.53
CA GLU A 685 -18.67 42.83 15.57
C GLU A 685 -20.01 42.15 15.25
N ASP A 686 -20.22 41.67 14.03
CA ASP A 686 -21.59 41.26 13.64
C ASP A 686 -21.66 39.75 13.48
N VAL A 687 -20.57 38.99 13.75
CA VAL A 687 -20.53 37.56 13.35
C VAL A 687 -21.52 36.77 14.20
N VAL A 688 -21.66 37.08 15.49
CA VAL A 688 -22.59 36.32 16.37
C VAL A 688 -24.02 36.53 15.86
N GLN A 689 -24.43 37.77 15.62
CA GLN A 689 -25.83 38.12 15.23
C GLN A 689 -26.14 37.54 13.84
N VAL A 690 -25.23 37.70 12.88
CA VAL A 690 -25.42 37.18 11.49
C VAL A 690 -25.49 35.63 11.52
N ALA A 691 -24.67 34.96 12.34
CA ALA A 691 -24.67 33.50 12.46
C ALA A 691 -26.05 33.03 12.96
N GLN A 692 -26.62 33.71 13.96
CA GLN A 692 -27.97 33.41 14.53
C GLN A 692 -29.04 33.58 13.43
N ILE A 693 -29.06 34.72 12.75
CA ILE A 693 -30.01 35.03 11.66
C ILE A 693 -29.92 33.96 10.57
N VAL A 694 -28.70 33.64 10.09
CA VAL A 694 -28.49 32.69 8.97
C VAL A 694 -29.06 31.33 9.38
N LYS A 695 -28.69 30.82 10.56
CA LYS A 695 -29.10 29.49 11.06
C LYS A 695 -30.61 29.45 11.26
N ASN A 696 -31.17 30.45 11.95
CA ASN A 696 -32.62 30.53 12.24
C ASN A 696 -33.40 30.47 10.92
N GLU A 697 -33.03 31.31 9.93
CA GLU A 697 -33.77 31.46 8.65
C GLU A 697 -33.60 30.21 7.78
N MET A 698 -32.46 29.52 7.86
CA MET A 698 -32.23 28.29 7.04
C MET A 698 -33.06 27.15 7.65
N GLU A 699 -33.16 27.06 8.99
CA GLU A 699 -33.91 26.00 9.73
C GLU A 699 -35.42 26.21 9.62
N SER A 700 -35.88 27.44 9.41
CA SER A 700 -37.30 27.86 9.30
C SER A 700 -37.75 28.01 7.83
N ALA A 701 -36.88 27.76 6.85
CA ALA A 701 -37.18 28.06 5.42
C ALA A 701 -38.52 27.43 5.03
N VAL A 702 -38.69 26.15 5.34
CA VAL A 702 -39.95 25.37 5.13
C VAL A 702 -40.14 24.43 6.33
N LYS A 703 -41.35 23.90 6.49
CA LYS A 703 -41.70 22.88 7.52
C LYS A 703 -41.83 21.52 6.82
N LEU A 704 -40.94 20.57 7.14
CA LEU A 704 -40.98 19.18 6.62
C LEU A 704 -41.30 18.22 7.78
N SER A 705 -41.46 16.93 7.48
CA SER A 705 -41.66 15.83 8.46
C SER A 705 -40.41 15.69 9.33
N VAL A 706 -39.25 16.11 8.81
CA VAL A 706 -37.91 16.02 9.48
C VAL A 706 -37.37 17.43 9.69
N LYS A 707 -36.52 17.62 10.69
CA LYS A 707 -35.86 18.91 11.02
C LYS A 707 -34.81 19.20 9.94
N LEU A 708 -34.75 20.43 9.43
CA LEU A 708 -33.64 20.88 8.59
C LEU A 708 -32.50 21.33 9.50
N LYS A 709 -31.48 20.49 9.68
CA LYS A 709 -30.34 20.81 10.57
C LYS A 709 -29.35 21.67 9.79
N VAL A 710 -28.80 22.70 10.45
CA VAL A 710 -27.77 23.60 9.86
C VAL A 710 -26.52 23.63 10.75
N LYS A 711 -25.35 23.35 10.17
CA LYS A 711 -24.01 23.58 10.77
C LYS A 711 -23.47 24.93 10.24
N VAL A 712 -23.00 25.77 11.15
CA VAL A 712 -22.33 27.06 10.87
C VAL A 712 -20.84 26.91 11.16
N LYS A 713 -20.00 27.39 10.25
CA LYS A 713 -18.53 27.47 10.44
C LYS A 713 -18.09 28.90 10.16
N ILE A 714 -16.91 29.28 10.64
CA ILE A 714 -16.39 30.66 10.60
C ILE A 714 -14.86 30.60 10.52
N GLY A 715 -14.24 31.59 9.87
CA GLY A 715 -12.78 31.55 9.69
C GLY A 715 -12.23 32.71 8.90
N ALA A 716 -10.89 32.73 8.82
CA ALA A 716 -10.09 33.80 8.19
C ALA A 716 -10.00 33.57 6.66
N SER A 717 -10.51 32.43 6.20
CA SER A 717 -10.52 32.03 4.78
C SER A 717 -11.53 30.91 4.59
N TRP A 718 -11.96 30.73 3.35
CA TRP A 718 -12.90 29.66 2.96
C TRP A 718 -12.25 28.32 3.27
N GLY A 719 -10.91 28.26 3.21
CA GLY A 719 -10.14 27.02 3.39
C GLY A 719 -9.96 26.66 4.85
N GLU A 720 -10.03 27.61 5.78
CA GLU A 720 -9.78 27.36 7.23
C GLU A 720 -11.02 27.68 8.06
N LEU A 721 -12.16 27.10 7.72
CA LEU A 721 -13.42 27.32 8.47
C LEU A 721 -13.42 26.39 9.67
N LYS A 722 -13.84 26.91 10.83
CA LYS A 722 -13.94 26.12 12.09
C LYS A 722 -15.41 26.12 12.53
N ASP A 723 -15.89 24.98 13.06
CA ASP A 723 -17.20 24.82 13.73
C ASP A 723 -17.41 25.99 14.69
N PHE A 724 -18.62 26.53 14.69
CA PHE A 724 -19.06 27.68 15.50
C PHE A 724 -20.47 27.37 16.00
N ASP A 725 -20.60 27.10 17.30
CA ASP A 725 -21.87 26.77 17.99
C ASP A 725 -22.70 28.06 18.10
N VAL A 726 -23.89 28.08 17.50
CA VAL A 726 -24.75 29.31 17.41
C VAL A 726 -26.02 29.10 18.24
N SER B 5 43.58 21.29 68.30
CA SER B 5 43.65 21.71 66.86
C SER B 5 44.42 20.67 66.04
N LEU B 6 44.16 20.59 64.73
CA LEU B 6 44.86 19.70 63.76
C LEU B 6 46.35 19.58 64.14
N SER B 7 46.90 18.37 64.11
CA SER B 7 48.37 18.17 64.11
C SER B 7 48.83 17.49 62.79
N ILE B 8 49.98 17.94 62.30
CA ILE B 8 50.74 17.33 61.18
C ILE B 8 51.99 16.66 61.77
N ILE B 9 52.05 15.33 61.71
CA ILE B 9 53.27 14.55 62.08
C ILE B 9 54.09 14.36 60.79
N ASP B 10 55.28 14.98 60.77
CA ASP B 10 56.26 14.83 59.66
C ASP B 10 57.05 13.53 59.88
N VAL B 11 56.53 12.41 59.38
CA VAL B 11 57.02 11.04 59.69
C VAL B 11 58.45 10.85 59.14
N ALA B 12 58.88 11.57 58.10
CA ALA B 12 60.20 11.41 57.45
C ALA B 12 61.27 12.30 58.12
N SER B 13 60.94 12.96 59.23
CA SER B 13 61.89 13.86 59.94
C SER B 13 62.79 13.04 60.86
N ASP B 14 62.42 11.79 61.16
CA ASP B 14 63.14 10.93 62.13
C ASP B 14 62.88 9.45 61.83
N GLN B 15 63.95 8.67 61.64
CA GLN B 15 63.94 7.21 61.34
C GLN B 15 62.98 6.50 62.31
N ASN B 16 63.09 6.79 63.61
CA ASN B 16 62.33 6.06 64.67
C ASN B 16 60.83 6.38 64.57
N LEU B 17 60.49 7.66 64.34
CA LEU B 17 59.08 8.10 64.13
C LEU B 17 58.52 7.44 62.86
N PHE B 18 59.34 7.34 61.81
CA PHE B 18 58.95 6.77 60.48
C PHE B 18 58.52 5.30 60.62
N GLN B 19 59.29 4.49 61.34
CA GLN B 19 59.05 3.03 61.48
C GLN B 19 57.80 2.83 62.34
N THR B 20 57.62 3.67 63.35
CA THR B 20 56.41 3.62 64.23
C THR B 20 55.18 3.96 63.38
N PHE B 21 55.27 4.99 62.55
CA PHE B 21 54.23 5.32 61.55
C PHE B 21 53.97 4.13 60.61
N ILE B 22 55.04 3.50 60.09
CA ILE B 22 54.87 2.38 59.10
C ILE B 22 54.17 1.22 59.80
N LYS B 23 54.63 0.86 61.01
CA LYS B 23 54.05 -0.24 61.81
C LYS B 23 52.54 0.05 62.05
N GLU B 24 52.17 1.25 62.48
CA GLU B 24 50.74 1.64 62.72
C GLU B 24 49.96 1.56 61.38
N TRP B 25 50.50 2.15 60.32
CA TRP B 25 49.81 2.17 59.01
C TRP B 25 49.50 0.74 58.56
N ARG B 26 50.42 -0.21 58.78
CA ARG B 26 50.27 -1.61 58.32
C ARG B 26 49.12 -2.31 59.09
N CYS B 27 48.70 -1.77 60.24
CA CYS B 27 47.54 -2.29 61.02
C CYS B 27 46.19 -1.80 60.49
N LYS B 28 46.12 -0.73 59.70
CA LYS B 28 44.83 -0.04 59.40
C LYS B 28 44.03 -0.77 58.33
N LYS B 29 42.73 -0.95 58.52
CA LYS B 29 41.79 -1.55 57.53
C LYS B 29 41.14 -0.45 56.67
N ARG B 30 41.27 0.80 57.09
CA ARG B 30 40.72 1.99 56.38
C ARG B 30 41.66 3.18 56.62
N PHE B 31 41.89 4.00 55.62
CA PHE B 31 42.66 5.26 55.75
C PHE B 31 42.40 6.11 54.52
N SER B 32 42.74 7.38 54.63
CA SER B 32 42.60 8.36 53.54
C SER B 32 44.01 8.72 53.13
N ILE B 33 44.22 9.08 51.87
CA ILE B 33 45.49 9.71 51.40
C ILE B 33 45.08 10.95 50.61
N SER B 34 45.97 11.93 50.58
CA SER B 34 45.84 13.14 49.77
C SER B 34 47.23 13.54 49.31
N LEU B 35 47.42 13.68 48.01
CA LEU B 35 48.70 14.08 47.37
C LEU B 35 48.91 15.58 47.57
N ALA B 36 50.13 15.98 47.87
CA ALA B 36 50.56 17.38 47.99
C ALA B 36 51.25 17.77 46.68
N CYS B 37 50.59 18.59 45.84
CA CYS B 37 51.23 19.17 44.63
C CYS B 37 51.45 20.66 44.86
N GLU B 38 52.60 21.17 44.42
CA GLU B 38 53.03 22.60 44.47
C GLU B 38 53.66 23.00 43.13
N LYS B 39 53.75 24.31 42.88
CA LYS B 39 54.55 24.90 41.77
C LYS B 39 55.97 25.14 42.29
N ILE B 40 56.83 25.70 41.44
CA ILE B 40 58.02 26.50 41.88
C ILE B 40 57.87 27.94 41.35
N ILE B 66 64.60 14.58 36.61
CA ILE B 66 64.71 14.11 38.03
C ILE B 66 65.21 15.27 38.90
N ARG B 67 64.43 15.66 39.91
CA ARG B 67 64.66 16.85 40.78
C ARG B 67 64.72 16.39 42.25
N ASP B 68 65.38 17.18 43.10
CA ASP B 68 65.55 16.87 44.55
C ASP B 68 64.26 17.19 45.32
N ASP B 69 63.36 17.99 44.75
CA ASP B 69 62.25 18.65 45.49
C ASP B 69 60.90 18.00 45.17
N GLY B 70 60.87 16.92 44.37
CA GLY B 70 59.67 16.07 44.19
C GLY B 70 59.54 15.53 42.78
N PHE B 71 58.38 14.98 42.44
CA PHE B 71 58.09 14.27 41.17
C PHE B 71 57.35 15.15 40.17
N PRO B 72 57.94 15.45 38.99
CA PRO B 72 57.21 16.09 37.91
C PRO B 72 55.88 15.44 37.57
N ILE B 73 54.88 16.23 37.18
CA ILE B 73 53.53 15.73 36.81
C ILE B 73 53.39 15.77 35.30
N LYS B 74 52.91 14.69 34.68
CA LYS B 74 52.72 14.60 33.20
C LYS B 74 51.60 15.56 32.82
N GLY B 75 51.92 16.59 32.03
CA GLY B 75 50.94 17.56 31.50
C GLY B 75 51.06 18.92 32.16
N CYS B 76 51.93 19.06 33.17
CA CYS B 76 52.19 20.34 33.90
C CYS B 76 53.70 20.55 34.06
N ASP B 77 54.29 21.46 33.28
CA ASP B 77 55.74 21.81 33.36
C ASP B 77 55.99 22.68 34.62
N ASP B 78 54.95 22.95 35.42
CA ASP B 78 54.98 23.94 36.52
C ASP B 78 55.00 23.27 37.91
N THR B 79 54.38 22.08 38.04
CA THR B 79 53.89 21.49 39.32
C THR B 79 54.65 20.20 39.67
N LEU B 80 54.83 19.94 40.96
CA LEU B 80 55.54 18.75 41.51
C LEU B 80 54.64 18.09 42.55
N VAL B 81 54.62 16.76 42.59
CA VAL B 81 54.16 16.01 43.80
C VAL B 81 55.30 16.09 44.81
N VAL B 82 55.10 16.71 45.96
CA VAL B 82 56.16 16.91 46.99
C VAL B 82 55.94 15.94 48.15
N GLY B 83 54.74 15.38 48.28
CA GLY B 83 54.46 14.42 49.35
C GLY B 83 53.03 13.96 49.31
N LEU B 84 52.56 13.34 50.40
CA LEU B 84 51.14 12.96 50.57
C LEU B 84 50.87 12.92 52.06
N ALA B 85 49.60 13.06 52.45
CA ALA B 85 49.16 12.96 53.85
C ALA B 85 48.29 11.72 53.99
N VAL B 86 48.37 11.08 55.14
CA VAL B 86 47.57 9.88 55.51
C VAL B 86 46.77 10.25 56.76
N CYS B 87 45.54 9.77 56.81
CA CYS B 87 44.69 9.93 58.00
C CYS B 87 43.91 8.63 58.23
N TRP B 88 43.85 8.20 59.47
CA TRP B 88 43.12 6.97 59.86
C TRP B 88 42.26 7.23 61.12
N GLY B 89 41.92 8.49 61.41
CA GLY B 89 41.02 8.83 62.51
C GLY B 89 41.38 10.17 63.14
N GLY B 90 40.42 10.78 63.84
CA GLY B 90 40.63 12.03 64.58
C GLY B 90 41.06 13.14 63.65
N ARG B 91 41.96 14.01 64.11
CA ARG B 91 42.40 15.22 63.37
C ARG B 91 43.92 15.20 63.29
N ASP B 92 44.47 14.00 63.18
CA ASP B 92 45.93 13.73 62.97
C ASP B 92 46.14 13.39 61.49
N ALA B 93 46.91 14.23 60.79
CA ALA B 93 47.46 13.99 59.45
C ALA B 93 48.93 13.56 59.56
N TYR B 94 49.30 12.43 58.96
CA TYR B 94 50.72 11.99 58.84
C TYR B 94 51.20 12.45 57.49
N TYR B 95 52.07 13.45 57.45
CA TYR B 95 52.62 13.96 56.18
C TYR B 95 53.91 13.21 55.83
N PHE B 96 53.89 12.62 54.64
CA PHE B 96 54.91 11.66 54.14
C PHE B 96 55.60 12.37 52.98
N SER B 97 56.78 12.94 53.21
CA SER B 97 57.55 13.76 52.24
C SER B 97 58.14 12.83 51.16
N LEU B 98 58.10 13.29 49.91
CA LEU B 98 58.66 12.61 48.72
C LEU B 98 59.73 13.49 48.09
N GLN B 99 60.39 14.33 48.90
CA GLN B 99 61.50 15.20 48.46
C GLN B 99 62.85 14.56 48.85
N LYS B 100 63.81 14.51 47.93
CA LYS B 100 65.18 14.03 48.23
C LYS B 100 65.76 14.91 49.33
N GLU B 101 65.79 16.24 49.09
CA GLU B 101 66.14 17.29 50.09
C GLU B 101 65.04 18.35 50.09
N GLN B 102 64.83 19.02 51.23
CA GLN B 102 63.62 19.83 51.56
C GLN B 102 63.58 21.12 50.73
N PRO B 114 59.95 19.98 59.91
CA PRO B 114 61.35 19.57 60.18
C PRO B 114 62.03 18.98 58.94
N SER B 115 63.37 19.02 58.94
CA SER B 115 64.27 18.51 57.87
C SER B 115 64.11 16.98 57.76
N LEU B 116 64.56 16.43 56.64
CA LEU B 116 64.52 14.97 56.37
C LEU B 116 65.71 14.27 57.06
N ASP B 117 65.39 13.22 57.80
CA ASP B 117 66.37 12.22 58.26
C ASP B 117 67.04 11.61 57.03
N PRO B 118 68.37 11.84 56.84
CA PRO B 118 69.03 11.46 55.59
C PRO B 118 69.25 9.94 55.43
N SER B 119 69.11 9.14 56.49
CA SER B 119 69.13 7.65 56.43
C SER B 119 67.86 7.13 55.71
N LEU B 120 66.82 7.96 55.59
CA LEU B 120 65.59 7.58 54.87
C LEU B 120 65.70 8.07 53.42
N THR B 121 66.42 7.33 52.60
CA THR B 121 66.57 7.63 51.16
C THR B 121 65.16 7.72 50.54
N LEU B 122 65.03 8.44 49.45
CA LEU B 122 63.75 8.50 48.72
C LEU B 122 63.39 7.08 48.24
N LYS B 123 64.34 6.31 47.73
CA LYS B 123 64.11 4.90 47.33
C LYS B 123 63.53 4.10 48.51
N ASP B 124 64.10 4.19 49.72
CA ASP B 124 63.53 3.53 50.92
C ASP B 124 62.09 3.99 51.19
N ARG B 125 61.81 5.30 51.11
CA ARG B 125 60.44 5.86 51.34
C ARG B 125 59.51 5.30 50.28
N MET B 126 59.95 5.28 49.03
CA MET B 126 59.10 4.78 47.89
C MET B 126 58.83 3.30 48.11
N TRP B 127 59.81 2.54 48.62
CA TRP B 127 59.54 1.12 48.91
C TRP B 127 58.33 1.08 49.88
N TYR B 128 58.46 1.76 51.03
CA TYR B 128 57.50 1.67 52.17
C TYR B 128 56.14 2.23 51.71
N LEU B 129 56.17 3.25 50.88
CA LEU B 129 54.92 3.80 50.30
C LEU B 129 54.26 2.72 49.44
N GLN B 130 54.95 2.11 48.48
CA GLN B 130 54.32 1.08 47.60
C GLN B 130 53.82 -0.09 48.45
N SER B 131 54.55 -0.47 49.47
CA SER B 131 54.23 -1.62 50.35
C SER B 131 52.92 -1.35 51.09
N CYS B 132 52.66 -0.14 51.54
CA CYS B 132 51.44 0.18 52.34
C CYS B 132 50.26 0.47 51.41
N LEU B 133 50.50 0.74 50.14
CA LEU B 133 49.42 1.06 49.17
C LEU B 133 49.08 -0.14 48.30
N ARG B 134 49.71 -1.30 48.48
CA ARG B 134 49.40 -2.51 47.67
C ARG B 134 48.90 -3.64 48.59
N LYS B 135 47.85 -4.35 48.13
CA LYS B 135 47.13 -5.50 48.75
C LYS B 135 48.08 -6.63 49.10
N GLU B 136 47.87 -7.30 50.22
CA GLU B 136 48.36 -8.69 50.44
C GLU B 136 47.27 -9.66 49.96
N SER B 137 47.57 -10.98 49.97
CA SER B 137 46.64 -12.09 49.59
C SER B 137 45.75 -12.43 50.80
N ASP B 138 44.41 -12.32 50.63
CA ASP B 138 43.38 -12.56 51.69
C ASP B 138 43.43 -11.42 52.73
N LYS B 139 43.55 -10.17 52.28
CA LYS B 139 43.49 -8.96 53.15
C LYS B 139 42.48 -7.92 52.61
N GLU B 140 41.67 -7.35 53.52
CA GLU B 140 40.61 -6.34 53.24
C GLU B 140 41.10 -4.97 53.71
N CYS B 141 41.33 -4.03 52.79
CA CYS B 141 41.83 -2.67 53.09
C CYS B 141 41.17 -1.64 52.14
N SER B 142 40.65 -0.54 52.69
CA SER B 142 39.94 0.50 51.91
C SER B 142 40.67 1.84 52.02
N VAL B 143 40.98 2.46 50.89
CA VAL B 143 41.63 3.80 50.86
C VAL B 143 40.61 4.82 50.33
N VAL B 144 40.45 5.91 51.08
CA VAL B 144 39.53 7.03 50.77
C VAL B 144 40.33 8.10 50.06
N ILE B 145 39.98 8.41 48.81
CA ILE B 145 40.67 9.46 48.02
C ILE B 145 39.62 10.37 47.37
N TYR B 146 39.71 11.66 47.64
CA TYR B 146 38.89 12.65 46.91
C TYR B 146 39.43 12.73 45.47
N ASP B 147 38.56 12.54 44.47
CA ASP B 147 38.96 12.46 43.03
C ASP B 147 39.97 11.33 42.88
N PHE B 148 39.52 10.13 43.16
CA PHE B 148 40.29 8.89 43.07
C PHE B 148 40.95 8.80 41.69
N ILE B 149 40.22 9.03 40.59
CA ILE B 149 40.79 8.81 39.23
C ILE B 149 42.02 9.67 39.04
N GLN B 150 41.94 10.96 39.29
CA GLN B 150 43.11 11.84 39.07
C GLN B 150 44.27 11.44 40.00
N SER B 151 43.98 11.01 41.23
CA SER B 151 45.04 10.64 42.21
C SER B 151 45.72 9.33 41.78
N TYR B 152 44.94 8.33 41.37
CA TYR B 152 45.47 7.05 40.87
C TYR B 152 46.45 7.31 39.74
N LYS B 153 46.12 8.24 38.84
CA LYS B 153 46.92 8.48 37.63
C LYS B 153 48.21 9.20 38.02
N ILE B 154 48.13 10.19 38.88
CA ILE B 154 49.36 10.93 39.29
C ILE B 154 50.31 9.98 40.03
N LEU B 155 49.79 9.13 40.91
CA LEU B 155 50.64 8.20 41.67
C LEU B 155 51.34 7.26 40.69
N LEU B 156 50.62 6.79 39.65
CA LEU B 156 51.17 5.83 38.67
C LEU B 156 52.20 6.54 37.79
N LEU B 157 51.84 7.65 37.15
CA LEU B 157 52.68 8.30 36.10
C LEU B 157 53.78 9.14 36.75
N SER B 158 53.56 9.78 37.88
CA SER B 158 54.56 10.69 38.50
C SER B 158 55.51 9.94 39.43
N CYS B 159 54.98 9.05 40.28
CA CYS B 159 55.73 8.42 41.39
C CYS B 159 55.97 6.93 41.12
N GLY B 160 55.36 6.37 40.08
CA GLY B 160 55.57 4.95 39.69
C GLY B 160 54.91 4.01 40.66
N ILE B 161 53.85 4.45 41.31
CA ILE B 161 53.11 3.64 42.32
C ILE B 161 51.71 3.33 41.82
N SER B 162 51.37 2.05 41.85
CA SER B 162 50.10 1.46 41.41
C SER B 162 49.30 1.11 42.66
N LEU B 163 48.29 1.89 43.02
CA LEU B 163 47.36 1.56 44.13
C LEU B 163 46.76 0.17 43.84
N GLU B 164 46.72 -0.71 44.84
CA GLU B 164 46.08 -2.06 44.75
C GLU B 164 45.34 -2.32 46.05
N GLN B 165 44.23 -1.61 46.27
CA GLN B 165 43.31 -1.81 47.41
C GLN B 165 41.88 -1.55 46.95
N SER B 166 40.90 -1.64 47.85
CA SER B 166 39.51 -1.16 47.62
C SER B 166 39.50 0.35 47.72
N TYR B 167 38.80 1.01 46.81
CA TYR B 167 38.78 2.49 46.69
C TYR B 167 37.38 2.97 47.08
N GLU B 168 37.39 4.18 47.65
CA GLU B 168 36.18 4.93 48.13
C GLU B 168 36.45 6.39 47.83
N ASP B 169 35.70 6.97 46.89
CA ASP B 169 35.73 8.41 46.60
C ASP B 169 34.45 9.03 47.17
N PRO B 170 34.52 9.96 48.14
CA PRO B 170 33.31 10.61 48.64
C PRO B 170 32.53 11.40 47.55
N LYS B 171 33.18 11.88 46.49
CA LYS B 171 32.47 12.50 45.31
C LYS B 171 31.47 11.50 44.75
N VAL B 172 31.84 10.23 44.66
CA VAL B 172 30.98 9.18 44.04
C VAL B 172 29.82 8.85 44.99
N ALA B 173 30.11 8.79 46.29
CA ALA B 173 29.11 8.56 47.34
C ALA B 173 28.01 9.67 47.28
N CYS B 174 28.40 10.95 47.16
CA CYS B 174 27.49 12.10 47.05
C CYS B 174 26.57 11.88 45.84
N TRP B 175 27.17 11.59 44.67
CA TRP B 175 26.42 11.32 43.43
C TRP B 175 25.38 10.23 43.70
N LEU B 176 25.79 9.17 44.39
CA LEU B 176 24.95 7.96 44.59
C LEU B 176 23.76 8.32 45.47
N LEU B 177 23.89 9.31 46.36
CA LEU B 177 22.81 9.71 47.29
C LEU B 177 21.83 10.67 46.61
N ASP B 178 22.32 11.48 45.66
CA ASP B 178 21.43 12.37 44.86
C ASP B 178 22.09 12.65 43.52
N PRO B 179 21.72 11.93 42.45
CA PRO B 179 22.39 12.07 41.17
C PRO B 179 22.19 13.43 40.49
N ASP B 180 21.19 14.21 40.90
CA ASP B 180 20.87 15.57 40.36
C ASP B 180 21.54 16.67 41.19
N SER B 181 22.24 16.31 42.29
CA SER B 181 23.01 17.25 43.14
C SER B 181 24.05 17.94 42.27
N GLN B 182 24.50 19.12 42.66
CA GLN B 182 25.63 19.78 41.96
C GLN B 182 26.90 18.95 42.19
N GLU B 183 27.79 18.91 41.21
CA GLU B 183 29.14 18.30 41.34
C GLU B 183 29.71 18.70 42.69
N PRO B 184 30.11 17.73 43.55
CA PRO B 184 30.62 18.06 44.88
C PRO B 184 31.99 18.74 44.82
N THR B 185 32.25 19.66 45.73
CA THR B 185 33.59 20.25 45.99
C THR B 185 33.97 19.77 47.39
N LEU B 186 35.20 19.97 47.84
CA LEU B 186 35.54 19.63 49.26
C LEU B 186 34.68 20.50 50.18
N HIS B 187 34.45 21.76 49.81
CA HIS B 187 33.63 22.72 50.61
C HIS B 187 32.18 22.23 50.73
N SER B 188 31.55 21.75 49.66
CA SER B 188 30.15 21.26 49.67
C SER B 188 30.06 19.94 50.48
N ILE B 189 31.04 19.05 50.33
CA ILE B 189 31.06 17.78 51.11
C ILE B 189 31.13 18.11 52.60
N VAL B 190 32.04 19.00 52.98
CA VAL B 190 32.25 19.33 54.43
C VAL B 190 30.99 20.06 54.94
N THR B 191 30.42 20.95 54.12
CA THR B 191 29.14 21.66 54.45
C THR B 191 28.07 20.61 54.80
N SER B 192 27.83 19.63 53.92
CA SER B 192 26.70 18.67 54.00
C SER B 192 26.94 17.57 55.04
N PHE B 193 28.18 17.06 55.16
CA PHE B 193 28.49 15.80 55.87
C PHE B 193 29.40 16.04 57.09
N LEU B 194 30.15 17.15 57.16
CA LEU B 194 31.14 17.37 58.27
C LEU B 194 31.16 18.83 58.70
N PRO B 195 29.98 19.45 58.94
CA PRO B 195 29.87 20.92 58.99
C PRO B 195 30.67 21.61 60.13
N HIS B 196 30.83 20.95 61.26
CA HIS B 196 31.74 21.38 62.37
C HIS B 196 33.20 21.60 61.92
N GLU B 197 33.67 21.11 60.75
CA GLU B 197 35.08 21.38 60.30
C GLU B 197 35.17 22.50 59.25
N LEU B 198 34.08 23.20 58.93
CA LEU B 198 34.09 24.39 58.04
C LEU B 198 35.19 25.40 58.40
N PRO B 199 35.45 25.72 59.69
CA PRO B 199 36.49 26.73 60.00
C PRO B 199 37.87 26.40 59.41
N LEU B 200 38.24 25.12 59.45
CA LEU B 200 39.54 24.64 58.92
C LEU B 200 39.68 24.97 57.42
N LEU B 201 38.58 25.14 56.68
CA LEU B 201 38.58 25.49 55.24
C LEU B 201 38.63 27.02 55.01
N GLU B 202 38.44 27.83 56.06
CA GLU B 202 38.38 29.32 55.97
C GLU B 202 39.72 29.85 55.43
N GLY B 203 39.67 30.60 54.32
CA GLY B 203 40.86 31.18 53.65
C GLY B 203 41.58 30.16 52.78
N MET B 204 40.89 29.08 52.43
CA MET B 204 41.34 28.04 51.47
C MET B 204 40.31 27.98 50.35
N GLU B 205 40.20 29.09 49.62
CA GLU B 205 39.11 29.40 48.64
C GLU B 205 39.04 28.32 47.54
N THR B 206 40.17 27.67 47.22
CA THR B 206 40.27 26.57 46.21
C THR B 206 39.49 25.32 46.65
N SER B 207 39.14 25.17 47.94
CA SER B 207 38.23 24.10 48.43
C SER B 207 36.83 24.20 47.81
N GLN B 208 36.47 25.38 47.26
CA GLN B 208 35.18 25.64 46.56
C GLN B 208 35.31 25.41 45.04
N GLY B 209 36.47 24.91 44.58
CA GLY B 209 36.68 24.37 43.23
C GLY B 209 36.55 22.84 43.22
N ILE B 210 36.43 22.26 42.04
CA ILE B 210 36.07 20.83 41.83
C ILE B 210 37.32 19.98 42.14
N GLN B 211 38.50 20.47 41.78
CA GLN B 211 39.81 19.79 41.95
C GLN B 211 40.17 19.65 43.45
N SER B 212 40.81 18.52 43.78
CA SER B 212 41.32 18.15 45.13
C SER B 212 42.15 19.30 45.72
N LEU B 213 41.98 19.61 47.00
CA LEU B 213 42.76 20.68 47.67
C LEU B 213 44.27 20.38 47.58
N GLY B 214 44.67 19.12 47.76
CA GLY B 214 46.09 18.73 47.67
C GLY B 214 46.61 18.89 46.26
N LEU B 215 45.80 18.56 45.25
CA LEU B 215 46.20 18.60 43.81
C LEU B 215 46.24 20.04 43.29
N ASN B 216 45.59 20.98 43.97
CA ASN B 216 45.40 22.34 43.43
C ASN B 216 46.58 23.21 43.86
N ALA B 217 47.61 23.26 43.02
CA ALA B 217 48.87 24.03 43.22
C ALA B 217 48.67 25.51 42.83
N GLY B 218 47.47 25.91 42.40
CA GLY B 218 47.08 27.33 42.23
C GLY B 218 47.19 28.11 43.54
N SER B 219 46.88 27.45 44.66
CA SER B 219 46.84 28.06 46.03
C SER B 219 48.22 28.55 46.45
N GLU B 220 48.24 29.54 47.35
CA GLU B 220 49.48 30.10 47.97
C GLU B 220 49.85 29.25 49.20
N HIS B 221 48.92 28.42 49.70
CA HIS B 221 49.19 27.45 50.80
C HIS B 221 50.08 26.31 50.29
N SER B 222 50.99 25.84 51.13
CA SER B 222 51.88 24.68 50.85
C SER B 222 51.06 23.42 50.56
N GLY B 223 51.60 22.53 49.72
CA GLY B 223 51.05 21.19 49.47
C GLY B 223 50.91 20.41 50.77
N ARG B 224 51.87 20.55 51.67
CA ARG B 224 51.85 19.83 52.96
C ARG B 224 50.58 20.19 53.73
N TYR B 225 50.32 21.49 53.92
CA TYR B 225 49.15 21.97 54.70
C TYR B 225 47.86 21.51 53.99
N ARG B 226 47.79 21.75 52.69
CA ARG B 226 46.58 21.42 51.88
C ARG B 226 46.26 19.92 51.98
N ALA B 227 47.27 19.06 51.78
CA ALA B 227 47.11 17.59 51.77
C ALA B 227 46.70 17.12 53.16
N SER B 228 47.32 17.67 54.21
CA SER B 228 47.01 17.27 55.60
C SER B 228 45.56 17.57 55.92
N VAL B 229 45.10 18.80 55.63
CA VAL B 229 43.69 19.22 55.92
C VAL B 229 42.74 18.32 55.12
N GLU B 230 43.00 18.17 53.83
CA GLU B 230 42.18 17.30 52.95
C GLU B 230 42.07 15.89 53.55
N SER B 231 43.21 15.30 53.96
CA SER B 231 43.25 13.90 54.41
C SER B 231 42.27 13.73 55.58
N ILE B 232 42.31 14.66 56.53
CA ILE B 232 41.43 14.64 57.74
C ILE B 232 39.96 14.86 57.33
N LEU B 233 39.68 15.88 56.53
CA LEU B 233 38.27 16.19 56.15
C LEU B 233 37.66 15.01 55.39
N ILE B 234 38.45 14.34 54.53
CA ILE B 234 37.91 13.30 53.61
C ILE B 234 37.66 12.02 54.42
N PHE B 235 38.56 11.66 55.33
CA PHE B 235 38.43 10.41 56.13
C PHE B 235 37.15 10.49 56.97
N ASN B 236 36.96 11.59 57.69
CA ASN B 236 35.77 11.81 58.58
C ASN B 236 34.48 11.97 57.74
N SER B 237 34.51 12.71 56.64
CA SER B 237 33.36 12.85 55.70
C SER B 237 32.90 11.48 55.18
N MET B 238 33.85 10.60 54.88
CA MET B 238 33.55 9.28 54.29
C MET B 238 32.86 8.36 55.33
N ASN B 239 33.18 8.50 56.61
CA ASN B 239 32.42 7.77 57.66
C ASN B 239 30.96 8.16 57.62
N GLN B 240 30.67 9.44 57.51
CA GLN B 240 29.27 9.95 57.48
C GLN B 240 28.61 9.44 56.18
N LEU B 241 29.28 9.59 55.04
CA LEU B 241 28.75 9.11 53.73
C LEU B 241 28.49 7.60 53.77
N ASN B 242 29.37 6.81 54.37
CA ASN B 242 29.19 5.34 54.49
C ASN B 242 27.95 5.02 55.33
N SER B 243 27.70 5.74 56.42
CA SER B 243 26.45 5.56 57.23
C SER B 243 25.24 5.80 56.32
N LEU B 244 25.26 6.89 55.58
CA LEU B 244 24.10 7.27 54.72
C LEU B 244 23.90 6.22 53.63
N LEU B 245 24.98 5.73 52.99
CA LEU B 245 24.87 4.67 51.95
C LEU B 245 24.20 3.44 52.56
N GLN B 246 24.61 3.06 53.77
CA GLN B 246 24.08 1.86 54.45
C GLN B 246 22.58 2.05 54.75
N LYS B 247 22.18 3.24 55.21
CA LYS B 247 20.74 3.51 55.49
C LYS B 247 19.95 3.40 54.18
N GLU B 248 20.49 3.86 53.06
CA GLU B 248 19.82 3.82 51.73
C GLU B 248 19.97 2.45 51.05
N ASN B 249 20.82 1.57 51.57
CA ASN B 249 21.12 0.24 50.98
C ASN B 249 21.82 0.41 49.62
N LEU B 250 22.74 1.38 49.53
CA LEU B 250 23.54 1.66 48.32
C LEU B 250 25.02 1.30 48.55
N GLN B 251 25.38 0.68 49.67
CA GLN B 251 26.81 0.40 49.95
C GLN B 251 27.31 -0.74 49.04
N ASP B 252 26.50 -1.77 48.78
CA ASP B 252 26.90 -2.85 47.84
C ASP B 252 27.08 -2.24 46.45
N VAL B 253 26.16 -1.40 46.01
CA VAL B 253 26.25 -0.72 44.69
C VAL B 253 27.57 0.05 44.64
N PHE B 254 27.89 0.78 45.71
CA PHE B 254 29.08 1.66 45.81
C PHE B 254 30.36 0.83 45.66
N ARG B 255 30.48 -0.27 46.40
CA ARG B 255 31.74 -1.07 46.46
C ARG B 255 31.84 -2.07 45.30
N LYS B 256 30.73 -2.66 44.84
CA LYS B 256 30.76 -3.68 43.76
C LYS B 256 30.63 -3.07 42.36
N VAL B 257 30.02 -1.89 42.16
CA VAL B 257 29.74 -1.35 40.80
C VAL B 257 30.38 0.02 40.61
N GLU B 258 30.02 1.02 41.42
CA GLU B 258 30.41 2.43 41.14
C GLU B 258 31.91 2.61 41.30
N MET B 259 32.51 2.16 42.39
CA MET B 259 33.97 2.42 42.59
C MET B 259 34.79 1.57 41.61
N PRO B 260 34.46 0.29 41.37
CA PRO B 260 35.16 -0.47 40.33
C PRO B 260 35.04 0.17 38.94
N SER B 261 33.85 0.72 38.62
CA SER B 261 33.62 1.46 37.36
C SER B 261 34.59 2.64 37.33
N GLN B 262 34.80 3.36 38.43
CA GLN B 262 35.79 4.46 38.43
C GLN B 262 37.20 3.89 38.12
N TYR B 263 37.54 2.71 38.63
CA TYR B 263 38.87 2.10 38.39
C TYR B 263 38.98 1.78 36.89
N CYS B 264 38.01 1.10 36.29
CA CYS B 264 38.00 0.89 34.81
C CYS B 264 38.13 2.21 34.05
N LEU B 265 37.52 3.29 34.50
CA LEU B 265 37.64 4.58 33.76
C LEU B 265 39.03 5.18 33.96
N ALA B 266 39.67 4.97 35.10
CA ALA B 266 41.08 5.37 35.32
C ALA B 266 41.98 4.68 34.28
N LEU B 267 41.78 3.39 34.02
CA LEU B 267 42.60 2.64 33.01
C LEU B 267 42.33 3.23 31.60
N LEU B 268 41.07 3.58 31.31
CA LEU B 268 40.67 4.18 29.99
C LEU B 268 41.37 5.53 29.83
N GLU B 269 41.39 6.32 30.87
CA GLU B 269 42.04 7.65 30.80
C GLU B 269 43.56 7.49 30.70
N LEU B 270 44.12 6.45 31.32
CA LEU B 270 45.57 6.18 31.15
C LEU B 270 45.83 5.68 29.73
N ASN B 271 44.95 4.86 29.19
CA ASN B 271 45.10 4.28 27.83
C ASN B 271 45.02 5.37 26.77
N GLY B 272 44.06 6.29 26.88
CA GLY B 272 43.76 7.21 25.75
C GLY B 272 43.28 6.43 24.54
N ILE B 273 42.99 7.12 23.43
CA ILE B 273 42.53 6.47 22.18
C ILE B 273 43.45 6.94 21.06
N GLY B 274 43.93 5.98 20.28
CA GLY B 274 44.83 6.25 19.14
C GLY B 274 44.18 7.17 18.13
N PHE B 275 44.97 8.09 17.56
CA PHE B 275 44.48 9.16 16.68
C PHE B 275 45.48 9.35 15.55
N SER B 276 44.96 9.37 14.33
CA SER B 276 45.73 9.67 13.11
C SER B 276 45.48 11.11 12.67
N THR B 277 46.43 12.00 12.91
CA THR B 277 46.35 13.42 12.54
C THR B 277 46.25 13.53 11.00
N ALA B 278 46.90 12.62 10.27
CA ALA B 278 46.91 12.58 8.80
C ALA B 278 45.51 12.28 8.28
N GLU B 279 44.83 11.27 8.85
CA GLU B 279 43.45 10.93 8.42
C GLU B 279 42.50 12.11 8.72
N CYS B 280 42.59 12.71 9.90
CA CYS B 280 41.82 13.91 10.29
C CYS B 280 42.02 15.08 9.31
N GLU B 281 43.26 15.43 8.93
CA GLU B 281 43.61 16.57 8.06
C GLU B 281 43.03 16.35 6.67
N SER B 282 43.10 15.13 6.15
CA SER B 282 42.65 14.83 4.78
C SER B 282 41.13 14.91 4.75
N GLN B 283 40.44 14.53 5.82
CA GLN B 283 38.98 14.71 5.90
C GLN B 283 38.66 16.20 5.98
N LYS B 284 39.39 16.95 6.82
CA LYS B 284 39.23 18.41 6.95
C LYS B 284 39.28 19.06 5.56
N HIS B 285 40.28 18.72 4.73
CA HIS B 285 40.53 19.41 3.45
C HIS B 285 39.37 19.13 2.47
N ILE B 286 38.84 17.91 2.45
CA ILE B 286 37.66 17.56 1.62
C ILE B 286 36.44 18.36 2.13
N MET B 287 36.22 18.38 3.42
CA MET B 287 35.08 19.10 4.02
C MET B 287 35.19 20.61 3.72
N GLN B 288 36.40 21.18 3.75
CA GLN B 288 36.60 22.62 3.56
C GLN B 288 36.31 22.97 2.09
N ALA B 289 36.71 22.11 1.15
CA ALA B 289 36.45 22.27 -0.30
C ALA B 289 34.93 22.23 -0.55
N LYS B 290 34.20 21.38 0.16
CA LYS B 290 32.74 21.25 0.02
C LYS B 290 32.06 22.50 0.63
N LEU B 291 32.54 22.98 1.77
CA LEU B 291 32.05 24.24 2.38
C LEU B 291 32.18 25.39 1.36
N ASP B 292 33.29 25.46 0.64
CA ASP B 292 33.57 26.55 -0.34
C ASP B 292 32.55 26.46 -1.49
N ALA B 293 32.35 25.28 -2.08
CA ALA B 293 31.39 25.01 -3.16
C ALA B 293 29.95 25.27 -2.68
N ILE B 294 29.61 24.88 -1.46
CA ILE B 294 28.25 25.14 -0.89
C ILE B 294 28.03 26.65 -0.80
N GLU B 295 29.00 27.39 -0.26
CA GLU B 295 28.86 28.86 -0.11
C GLU B 295 28.62 29.46 -1.50
N THR B 296 29.50 29.17 -2.48
CA THR B 296 29.43 29.75 -3.84
C THR B 296 28.06 29.44 -4.47
N GLN B 297 27.52 28.24 -4.29
CA GLN B 297 26.21 27.83 -4.86
C GLN B 297 25.06 28.49 -4.08
N ALA B 298 25.15 28.53 -2.75
CA ALA B 298 24.17 29.26 -1.90
C ALA B 298 24.02 30.72 -2.39
N TYR B 299 25.14 31.41 -2.59
CA TYR B 299 25.16 32.86 -2.89
C TYR B 299 24.63 33.10 -4.31
N GLN B 300 24.79 32.15 -5.25
CA GLN B 300 24.19 32.23 -6.61
C GLN B 300 22.68 32.06 -6.50
N LEU B 301 22.19 31.12 -5.72
CA LEU B 301 20.73 30.89 -5.54
C LEU B 301 20.11 32.11 -4.83
N ALA B 302 20.78 32.68 -3.82
CA ALA B 302 20.27 33.82 -3.04
C ALA B 302 20.31 35.12 -3.88
N GLY B 303 21.26 35.22 -4.81
CA GLY B 303 21.55 36.44 -5.57
C GLY B 303 22.60 37.31 -4.88
N HIS B 304 22.86 37.12 -3.59
CA HIS B 304 23.86 37.93 -2.84
C HIS B 304 24.48 37.09 -1.73
N SER B 305 25.61 37.55 -1.17
CA SER B 305 26.17 37.07 0.12
C SER B 305 25.08 37.12 1.18
N PHE B 306 25.13 36.16 2.11
CA PHE B 306 24.39 36.14 3.39
C PHE B 306 25.24 35.32 4.36
N SER B 307 25.14 35.60 5.65
CA SER B 307 25.83 34.85 6.72
C SER B 307 25.01 33.59 7.03
N PHE B 308 25.65 32.41 6.97
CA PHE B 308 25.05 31.08 7.34
C PHE B 308 24.79 31.01 8.86
N THR B 309 25.38 31.94 9.61
CA THR B 309 25.33 31.98 11.09
C THR B 309 24.18 32.89 11.58
N SER B 310 23.58 33.69 10.70
CA SER B 310 22.50 34.66 11.01
C SER B 310 21.13 34.11 10.56
N SER B 311 20.30 33.72 11.52
CA SER B 311 18.91 33.27 11.30
C SER B 311 18.11 34.38 10.58
N ASP B 312 18.35 35.65 10.94
CA ASP B 312 17.74 36.83 10.27
C ASP B 312 18.02 36.79 8.76
N ASP B 313 19.30 36.71 8.37
CA ASP B 313 19.73 36.69 6.94
C ASP B 313 19.04 35.54 6.22
N ILE B 314 19.07 34.34 6.80
CA ILE B 314 18.52 33.10 6.19
C ILE B 314 17.01 33.27 6.01
N ALA B 315 16.34 33.85 7.01
CA ALA B 315 14.88 34.08 6.99
C ALA B 315 14.54 35.10 5.90
N GLU B 316 15.33 36.18 5.78
CA GLU B 316 15.12 37.22 4.74
C GLU B 316 15.17 36.50 3.38
N VAL B 317 16.18 35.65 3.13
CA VAL B 317 16.38 34.97 1.82
C VAL B 317 15.26 33.94 1.59
N LEU B 318 14.98 33.07 2.56
CA LEU B 318 14.03 31.95 2.35
C LEU B 318 12.60 32.49 2.16
N PHE B 319 12.17 33.45 2.99
CA PHE B 319 10.73 33.79 3.18
C PHE B 319 10.35 35.10 2.48
N LEU B 320 11.20 36.12 2.54
CA LEU B 320 10.94 37.43 1.91
C LEU B 320 11.36 37.37 0.43
N GLU B 321 12.55 36.84 0.12
CA GLU B 321 13.19 36.97 -1.22
C GLU B 321 12.83 35.80 -2.13
N LEU B 322 12.74 34.57 -1.60
CA LEU B 322 12.37 33.34 -2.35
C LEU B 322 10.89 33.01 -2.11
N LYS B 323 10.24 33.67 -1.14
CA LYS B 323 8.78 33.51 -0.88
C LYS B 323 8.45 32.00 -0.81
N LEU B 324 9.17 31.25 0.03
CA LEU B 324 8.87 29.83 0.35
C LEU B 324 7.84 29.82 1.50
N PRO B 325 6.99 28.78 1.60
CA PRO B 325 5.97 28.70 2.65
C PRO B 325 6.48 28.44 4.07
N PRO B 326 6.04 29.25 5.08
CA PRO B 326 6.32 28.99 6.50
C PRO B 326 5.18 28.36 7.30
N PHE B 358 10.11 34.22 12.09
CA PHE B 358 10.34 33.17 11.07
C PHE B 358 11.43 32.21 11.55
N SER B 359 11.06 30.98 11.91
CA SER B 359 11.97 29.89 12.34
C SER B 359 12.80 29.39 11.13
N THR B 360 14.06 29.01 11.37
CA THR B 360 14.98 28.41 10.37
C THR B 360 15.64 27.22 11.05
N SER B 361 14.87 26.50 11.85
CA SER B 361 15.27 25.27 12.55
C SER B 361 15.44 24.14 11.55
N LYS B 362 16.06 23.06 12.01
CA LYS B 362 16.28 21.82 11.23
C LYS B 362 14.92 21.37 10.67
N ASP B 363 13.85 21.40 11.46
CA ASP B 363 12.52 20.84 11.09
C ASP B 363 11.92 21.63 9.90
N VAL B 364 12.02 22.95 9.96
CA VAL B 364 11.58 23.85 8.87
C VAL B 364 12.39 23.53 7.61
N LEU B 365 13.73 23.56 7.68
CA LEU B 365 14.61 23.45 6.48
C LEU B 365 14.48 22.06 5.89
N ASN B 366 14.20 21.08 6.74
CA ASN B 366 14.01 19.67 6.35
C ASN B 366 12.78 19.54 5.44
N LYS B 367 11.70 20.26 5.75
CA LYS B 367 10.47 20.28 4.93
C LYS B 367 10.80 20.97 3.60
N LEU B 368 11.45 22.14 3.68
CA LEU B 368 11.60 23.07 2.54
C LEU B 368 12.60 22.53 1.51
N LYS B 369 13.50 21.59 1.88
CA LYS B 369 14.54 21.12 0.94
C LYS B 369 13.87 20.39 -0.23
N ALA B 370 12.65 19.92 -0.05
CA ALA B 370 11.88 19.30 -1.14
C ALA B 370 11.44 20.35 -2.17
N LEU B 371 11.52 21.67 -1.90
CA LEU B 371 11.00 22.73 -2.81
C LEU B 371 12.10 23.53 -3.52
N HIS B 372 13.28 23.60 -2.93
CA HIS B 372 14.37 24.52 -3.38
C HIS B 372 15.68 23.98 -2.83
N PRO B 373 16.78 24.04 -3.60
CA PRO B 373 18.06 23.52 -3.12
C PRO B 373 18.70 24.27 -1.93
N LEU B 374 18.37 25.54 -1.68
CA LEU B 374 19.08 26.36 -0.65
C LEU B 374 18.89 25.82 0.77
N PRO B 375 17.69 25.46 1.26
CA PRO B 375 17.56 24.88 2.60
C PRO B 375 18.40 23.61 2.86
N GLY B 376 18.55 22.76 1.84
CA GLY B 376 19.47 21.60 1.89
C GLY B 376 20.91 22.04 2.03
N LEU B 377 21.35 23.04 1.25
CA LEU B 377 22.71 23.62 1.37
C LEU B 377 22.91 24.15 2.80
N ILE B 378 21.93 24.83 3.37
CA ILE B 378 22.05 25.39 4.76
C ILE B 378 22.32 24.22 5.72
N LEU B 379 21.58 23.11 5.59
CA LEU B 379 21.65 21.97 6.53
C LEU B 379 23.03 21.34 6.39
N GLU B 380 23.53 21.21 5.17
CA GLU B 380 24.84 20.57 4.88
C GLU B 380 25.95 21.49 5.37
N TRP B 381 25.79 22.80 5.18
CA TRP B 381 26.75 23.79 5.70
C TRP B 381 26.90 23.62 7.23
N ARG B 382 25.80 23.50 7.96
CA ARG B 382 25.86 23.42 9.43
C ARG B 382 26.50 22.09 9.83
N ARG B 383 26.21 21.03 9.07
CA ARG B 383 26.73 19.67 9.39
C ARG B 383 28.24 19.69 9.25
N ILE B 384 28.72 20.23 8.16
CA ILE B 384 30.18 20.21 7.84
C ILE B 384 30.89 21.23 8.72
N THR B 385 30.32 22.43 8.95
CA THR B 385 30.93 23.45 9.83
C THR B 385 31.09 22.84 11.23
N ASN B 386 30.13 22.07 11.67
CA ASN B 386 30.17 21.33 12.95
C ASN B 386 31.38 20.38 12.96
N ALA B 387 31.55 19.56 11.92
CA ALA B 387 32.66 18.57 11.88
C ALA B 387 34.01 19.32 11.89
N ILE B 388 34.13 20.46 11.21
CA ILE B 388 35.42 21.20 11.14
C ILE B 388 35.69 21.91 12.48
N THR B 389 34.75 22.68 13.01
CA THR B 389 34.98 23.67 14.11
C THR B 389 34.77 23.02 15.47
N LYS B 390 33.92 22.01 15.60
CA LYS B 390 33.64 21.33 16.90
C LYS B 390 34.25 19.92 16.97
N VAL B 391 34.84 19.38 15.90
CA VAL B 391 35.43 18.01 15.98
C VAL B 391 36.89 18.04 15.54
N VAL B 392 37.19 18.45 14.31
CA VAL B 392 38.60 18.53 13.84
C VAL B 392 39.44 19.47 14.72
N PHE B 393 38.97 20.71 14.96
CA PHE B 393 39.76 21.73 15.69
C PHE B 393 40.12 21.20 17.08
N PRO B 394 39.17 20.75 17.92
CA PRO B 394 39.52 20.26 19.24
C PRO B 394 40.35 18.97 19.27
N LEU B 395 40.12 18.01 18.37
CA LEU B 395 40.97 16.79 18.28
C LEU B 395 42.41 17.18 17.95
N GLN B 396 42.63 18.06 16.99
CA GLN B 396 44.00 18.47 16.60
C GLN B 396 44.66 19.20 17.77
N ARG B 397 43.89 19.89 18.59
CA ARG B 397 44.43 20.73 19.69
C ARG B 397 44.85 19.82 20.85
N GLU B 398 44.15 18.71 21.07
CA GLU B 398 44.27 17.84 22.27
C GLU B 398 45.18 16.62 22.04
N LYS B 399 45.50 16.30 20.80
CA LYS B 399 46.29 15.10 20.48
C LYS B 399 47.67 15.26 21.12
N CYS B 400 48.30 14.15 21.47
CA CYS B 400 49.49 14.10 22.35
C CYS B 400 50.35 12.91 21.89
N LEU B 401 51.62 13.11 21.57
CA LEU B 401 52.52 11.98 21.17
C LEU B 401 52.67 11.01 22.36
N ASN B 402 52.46 9.71 22.13
CA ASN B 402 52.91 8.63 23.06
C ASN B 402 54.19 8.01 22.49
N PRO B 403 55.37 8.34 23.06
CA PRO B 403 56.64 7.88 22.49
C PRO B 403 56.90 6.37 22.66
N PHE B 404 56.20 5.67 23.56
CA PHE B 404 56.34 4.20 23.78
C PHE B 404 55.65 3.45 22.63
N LEU B 405 54.37 3.75 22.39
CA LEU B 405 53.56 3.14 21.30
C LEU B 405 54.03 3.65 19.94
N GLY B 406 54.64 4.83 19.86
CA GLY B 406 55.03 5.48 18.60
C GLY B 406 53.82 5.96 17.80
N MET B 407 52.89 6.65 18.44
CA MET B 407 51.64 7.13 17.80
C MET B 407 51.06 8.29 18.62
N GLU B 408 50.19 9.08 18.02
CA GLU B 408 49.46 10.14 18.72
C GLU B 408 48.22 9.51 19.36
N ARG B 409 47.82 10.06 20.50
CA ARG B 409 46.59 9.60 21.19
C ARG B 409 45.86 10.81 21.71
N ILE B 410 44.61 10.60 22.06
CA ILE B 410 43.78 11.60 22.75
C ILE B 410 43.41 11.05 24.11
N TYR B 411 43.55 11.90 25.14
CA TYR B 411 43.35 11.52 26.55
C TYR B 411 42.17 12.30 27.09
N PRO B 412 40.93 11.81 26.88
CA PRO B 412 39.76 12.46 27.43
C PRO B 412 39.61 12.15 28.92
N VAL B 413 38.79 12.96 29.59
CA VAL B 413 38.53 12.88 31.05
C VAL B 413 37.11 12.36 31.20
N SER B 414 36.93 11.30 31.99
CA SER B 414 35.62 10.66 32.20
C SER B 414 34.81 11.54 33.16
N GLN B 415 33.49 11.46 33.07
CA GLN B 415 32.54 12.25 33.90
C GLN B 415 31.39 11.29 34.19
N SER B 416 31.25 10.91 35.46
CA SER B 416 30.25 9.92 35.93
C SER B 416 29.16 10.64 36.74
N HIS B 417 29.28 11.94 36.96
CA HIS B 417 28.25 12.67 37.76
C HIS B 417 27.10 13.10 36.81
N THR B 418 26.18 12.20 36.52
CA THR B 418 25.14 12.37 35.49
C THR B 418 23.80 12.02 36.12
N ALA B 419 22.70 12.45 35.52
CA ALA B 419 21.34 12.32 36.07
C ALA B 419 20.93 10.86 36.13
N THR B 420 21.40 10.02 35.22
CA THR B 420 20.89 8.64 35.05
C THR B 420 21.99 7.60 35.29
N GLY B 421 23.24 8.01 35.46
CA GLY B 421 24.36 7.07 35.74
C GLY B 421 25.08 6.68 34.45
N ARG B 422 24.76 7.34 33.34
CA ARG B 422 25.57 7.21 32.13
C ARG B 422 26.92 7.81 32.40
N ILE B 423 27.89 7.46 31.55
CA ILE B 423 29.24 8.04 31.61
C ILE B 423 29.43 8.85 30.34
N THR B 424 30.07 10.02 30.45
CA THR B 424 30.37 10.88 29.30
C THR B 424 31.84 11.30 29.44
N PHE B 425 32.32 12.08 28.50
CA PHE B 425 33.72 12.51 28.42
C PHE B 425 33.79 13.98 28.11
N THR B 426 34.89 14.60 28.50
CA THR B 426 35.18 16.02 28.21
C THR B 426 36.63 16.09 27.70
N GLU B 427 36.94 17.19 27.02
CA GLU B 427 38.32 17.63 26.75
C GLU B 427 39.07 16.53 26.02
N PRO B 428 38.62 16.11 24.81
CA PRO B 428 37.35 16.53 24.20
C PRO B 428 36.27 15.46 24.41
N ASN B 429 35.00 15.71 24.09
CA ASN B 429 33.95 14.68 24.23
C ASN B 429 33.87 13.90 22.93
N ILE B 430 34.64 12.82 22.91
CA ILE B 430 34.81 11.82 21.84
C ILE B 430 33.48 11.11 21.56
N GLN B 431 32.54 11.09 22.50
CA GLN B 431 31.23 10.48 22.22
C GLN B 431 30.49 11.26 21.12
N ASN B 432 30.87 12.49 20.78
CA ASN B 432 30.13 13.34 19.81
C ASN B 432 30.74 13.28 18.42
N VAL B 433 31.71 12.39 18.21
CA VAL B 433 32.34 12.26 16.88
C VAL B 433 31.26 11.81 15.90
N PRO B 434 31.01 12.57 14.83
CA PRO B 434 29.95 12.25 13.87
C PRO B 434 30.03 10.82 13.34
N ARG B 435 28.84 10.25 13.19
CA ARG B 435 28.57 9.06 12.35
C ARG B 435 29.03 9.39 10.91
N ASP B 436 29.38 8.35 10.15
CA ASP B 436 29.76 8.45 8.72
C ASP B 436 28.66 9.24 7.99
N PHE B 437 29.04 10.11 7.06
CA PHE B 437 28.11 10.75 6.11
C PHE B 437 28.81 10.99 4.78
N GLU B 438 28.00 11.34 3.79
CA GLU B 438 28.43 11.39 2.37
C GLU B 438 28.42 12.85 1.90
N ILE B 439 29.47 13.22 1.17
CA ILE B 439 29.64 14.53 0.49
C ILE B 439 29.73 14.25 -1.01
N LYS B 440 29.04 15.06 -1.82
CA LYS B 440 29.11 14.99 -3.32
C LYS B 440 29.95 16.14 -3.85
N MET B 441 30.94 15.87 -4.68
CA MET B 441 31.72 16.91 -5.38
C MET B 441 31.96 16.44 -6.82
N GLY B 442 31.67 17.30 -7.81
CA GLY B 442 31.75 16.93 -9.24
C GLY B 442 30.97 15.66 -9.54
N GLY B 443 29.81 15.51 -8.89
CA GLY B 443 28.97 14.33 -9.02
C GLY B 443 29.60 13.03 -8.48
N MET B 444 30.67 13.09 -7.69
CA MET B 444 31.33 11.90 -7.10
C MET B 444 31.13 11.92 -5.60
N PRO B 445 30.77 10.79 -4.98
CA PRO B 445 30.58 10.71 -3.54
C PRO B 445 31.91 10.49 -2.80
N PHE B 446 32.10 11.22 -1.70
CA PHE B 446 33.21 11.00 -0.74
C PHE B 446 32.61 10.66 0.61
N SER B 447 33.04 9.56 1.19
CA SER B 447 32.65 9.13 2.55
C SER B 447 33.45 9.96 3.56
N ILE B 448 32.78 10.73 4.42
CA ILE B 448 33.47 11.39 5.56
C ILE B 448 33.23 10.52 6.78
N SER B 449 34.28 9.86 7.24
CA SER B 449 34.26 8.99 8.44
C SER B 449 35.25 9.55 9.45
N MET B 450 34.78 10.44 10.30
CA MET B 450 35.66 11.03 11.35
C MET B 450 36.15 9.94 12.29
N ARG B 451 35.33 8.91 12.52
CA ARG B 451 35.70 7.76 13.37
C ARG B 451 36.90 7.02 12.80
N HIS B 452 37.15 7.12 11.51
CA HIS B 452 38.27 6.45 10.81
C HIS B 452 39.61 7.01 11.29
N ALA B 453 39.63 8.17 11.94
CA ALA B 453 40.87 8.78 12.47
C ALA B 453 41.28 8.11 13.79
N PHE B 454 40.41 7.30 14.39
CA PHE B 454 40.66 6.65 15.69
C PHE B 454 41.14 5.22 15.43
N VAL B 455 42.44 5.01 15.65
CA VAL B 455 43.17 3.81 15.17
C VAL B 455 43.75 3.09 16.38
N PRO B 456 43.96 1.77 16.28
CA PRO B 456 44.69 1.03 17.30
C PRO B 456 46.20 1.25 17.14
N PHE B 457 47.01 0.85 18.11
CA PHE B 457 48.50 0.80 17.99
C PHE B 457 48.83 -0.14 16.83
N PRO B 458 49.99 0.04 16.17
CA PRO B 458 50.43 -0.89 15.12
C PRO B 458 50.37 -2.36 15.53
N GLY B 459 49.72 -3.19 14.69
CA GLY B 459 49.46 -4.62 14.96
C GLY B 459 48.07 -4.83 15.56
N GLY B 460 47.57 -3.84 16.31
CA GLY B 460 46.32 -3.97 17.07
C GLY B 460 45.07 -3.92 16.22
N SER B 461 43.93 -4.25 16.83
CA SER B 461 42.57 -4.04 16.29
C SER B 461 41.73 -3.23 17.27
N ILE B 462 40.74 -2.48 16.75
CA ILE B 462 39.62 -1.91 17.55
C ILE B 462 38.55 -3.00 17.60
N LEU B 463 38.08 -3.30 18.80
CA LEU B 463 36.90 -4.16 19.04
C LEU B 463 35.79 -3.28 19.64
N ALA B 464 34.60 -3.34 19.05
CA ALA B 464 33.37 -2.72 19.57
C ALA B 464 32.36 -3.82 19.83
N ALA B 465 31.78 -3.84 21.02
CA ALA B 465 30.69 -4.76 21.40
C ALA B 465 29.53 -3.89 21.88
N ASP B 466 28.39 -4.00 21.22
CA ASP B 466 27.19 -3.16 21.48
C ASP B 466 26.02 -4.08 21.82
N TYR B 467 25.31 -3.74 22.88
CA TYR B 467 24.01 -4.37 23.22
C TYR B 467 23.00 -3.99 22.12
N SER B 468 22.33 -4.97 21.52
CA SER B 468 21.19 -4.73 20.60
C SER B 468 19.97 -4.24 21.40
N GLN B 469 19.57 -2.99 21.20
CA GLN B 469 18.31 -2.42 21.75
C GLN B 469 18.22 -2.72 23.24
N LEU B 470 19.23 -2.34 23.99
CA LEU B 470 19.29 -2.61 25.45
C LEU B 470 18.11 -1.94 26.16
N GLU B 471 17.83 -0.67 25.86
CA GLU B 471 16.74 0.08 26.52
C GLU B 471 15.40 -0.56 26.14
N LEU B 472 15.24 -1.06 24.91
CA LEU B 472 13.98 -1.72 24.49
C LEU B 472 13.87 -3.07 25.20
N ARG B 473 14.97 -3.80 25.38
CA ARG B 473 14.99 -5.11 26.07
C ARG B 473 14.59 -4.91 27.53
N ILE B 474 15.11 -3.88 28.18
CA ILE B 474 14.76 -3.55 29.59
C ILE B 474 13.28 -3.16 29.64
N LEU B 475 12.78 -2.36 28.70
CA LEU B 475 11.37 -1.91 28.67
C LEU B 475 10.46 -3.12 28.46
N ALA B 476 10.80 -4.03 27.58
CA ALA B 476 10.06 -5.30 27.34
C ALA B 476 9.97 -6.06 28.67
N HIS B 477 11.09 -6.22 29.36
CA HIS B 477 11.20 -6.98 30.63
C HIS B 477 10.26 -6.39 31.68
N LEU B 478 10.09 -5.08 31.74
CA LEU B 478 9.30 -4.39 32.79
C LEU B 478 7.82 -4.26 32.37
N SER B 479 7.49 -4.34 31.07
CA SER B 479 6.12 -4.09 30.51
C SER B 479 5.50 -5.35 29.88
N HIS B 480 6.28 -6.37 29.56
CA HIS B 480 5.87 -7.65 28.91
C HIS B 480 5.06 -7.38 27.63
N ASP B 481 5.30 -6.23 26.98
CA ASP B 481 4.52 -5.79 25.79
C ASP B 481 4.71 -6.79 24.65
N ARG B 482 3.63 -7.43 24.20
CA ARG B 482 3.63 -8.57 23.24
C ARG B 482 4.19 -8.13 21.87
N ARG B 483 3.84 -6.93 21.38
CA ARG B 483 4.27 -6.43 20.04
C ARG B 483 5.77 -6.10 20.06
N LEU B 484 6.23 -5.46 21.13
CA LEU B 484 7.67 -5.14 21.36
C LEU B 484 8.49 -6.45 21.43
N ILE B 485 8.02 -7.47 22.14
CA ILE B 485 8.73 -8.79 22.29
C ILE B 485 8.81 -9.51 20.93
N GLN B 486 7.77 -9.46 20.10
CA GLN B 486 7.85 -10.03 18.72
C GLN B 486 9.00 -9.34 17.98
N VAL B 487 8.98 -8.01 17.93
CA VAL B 487 9.99 -7.17 17.21
C VAL B 487 11.40 -7.62 17.61
N LEU B 488 11.68 -7.70 18.92
CA LEU B 488 13.02 -8.05 19.48
C LEU B 488 13.38 -9.51 19.17
N ASN B 489 12.42 -10.45 19.23
CA ASN B 489 12.63 -11.91 18.95
C ASN B 489 13.03 -12.13 17.47
N THR B 490 12.37 -11.41 16.55
CA THR B 490 12.50 -11.54 15.06
C THR B 490 13.77 -10.84 14.54
N GLY B 491 14.47 -10.07 15.37
CA GLY B 491 15.64 -9.30 14.95
C GLY B 491 15.26 -8.02 14.22
N ALA B 492 14.02 -7.89 13.73
CA ALA B 492 13.56 -6.87 12.76
C ALA B 492 14.13 -5.46 13.04
N ASP B 493 14.69 -4.81 12.01
CA ASP B 493 15.09 -3.38 12.08
C ASP B 493 13.80 -2.55 12.11
N VAL B 494 13.43 -2.18 13.32
CA VAL B 494 12.16 -1.48 13.66
C VAL B 494 12.20 -0.09 13.02
N PHE B 495 13.36 0.57 13.09
CA PHE B 495 13.56 1.97 12.65
C PHE B 495 13.52 1.99 11.13
N ARG B 496 13.99 0.92 10.48
CA ARG B 496 13.89 0.70 9.01
C ARG B 496 12.40 0.61 8.61
N SER B 497 11.61 -0.27 9.27
CA SER B 497 10.17 -0.44 8.99
C SER B 497 9.47 0.92 9.11
N ILE B 498 9.71 1.66 10.19
CA ILE B 498 9.09 3.01 10.43
C ILE B 498 9.45 3.97 9.27
N ALA B 499 10.74 4.04 8.90
CA ALA B 499 11.27 4.93 7.84
C ALA B 499 10.62 4.59 6.48
N ALA B 500 10.49 3.29 6.17
CA ALA B 500 9.95 2.76 4.89
C ALA B 500 8.46 3.13 4.73
N GLU B 501 7.61 2.69 5.67
CA GLU B 501 6.18 3.04 5.80
C GLU B 501 6.04 4.55 5.58
N TRP B 502 6.82 5.34 6.33
CA TRP B 502 6.72 6.82 6.40
C TRP B 502 7.05 7.46 5.04
N LYS B 503 8.19 7.11 4.43
CA LYS B 503 8.69 7.78 3.19
C LYS B 503 8.14 7.09 1.93
N MET B 504 7.27 6.08 2.05
CA MET B 504 6.65 5.33 0.93
C MET B 504 7.76 4.67 0.10
N ILE B 505 8.71 4.01 0.78
CA ILE B 505 9.98 3.51 0.16
C ILE B 505 10.28 2.09 0.68
N GLU B 506 11.22 1.40 0.02
CA GLU B 506 11.56 -0.03 0.30
C GLU B 506 12.52 -0.08 1.48
N PRO B 507 12.38 -1.09 2.38
CA PRO B 507 13.23 -1.20 3.57
C PRO B 507 14.74 -1.11 3.32
N GLU B 508 15.23 -1.74 2.24
CA GLU B 508 16.67 -1.80 1.87
C GLU B 508 17.20 -0.42 1.46
N SER B 509 16.33 0.48 0.96
CA SER B 509 16.65 1.84 0.43
C SER B 509 16.92 2.87 1.54
N VAL B 510 16.52 2.60 2.79
CA VAL B 510 16.64 3.55 3.95
C VAL B 510 18.13 3.77 4.25
N GLY B 511 18.63 4.99 4.05
CA GLY B 511 19.98 5.41 4.42
C GLY B 511 20.07 5.70 5.91
N ASP B 512 21.30 5.77 6.44
CA ASP B 512 21.57 5.98 7.89
C ASP B 512 20.89 7.26 8.38
N ASP B 513 20.92 8.38 7.64
CA ASP B 513 20.30 9.66 8.09
C ASP B 513 18.79 9.47 8.34
N LEU B 514 18.11 8.78 7.44
CA LEU B 514 16.63 8.57 7.53
C LEU B 514 16.32 7.59 8.68
N ARG B 515 17.13 6.54 8.84
CA ARG B 515 16.97 5.57 9.95
C ARG B 515 17.14 6.29 11.31
N GLN B 516 18.08 7.23 11.42
CA GLN B 516 18.29 8.09 12.64
C GLN B 516 17.04 8.96 12.88
N GLN B 517 16.41 9.52 11.83
CA GLN B 517 15.15 10.30 11.99
C GLN B 517 14.07 9.37 12.56
N ALA B 518 13.99 8.11 12.08
CA ALA B 518 13.01 7.10 12.53
C ALA B 518 13.31 6.67 13.96
N LYS B 519 14.58 6.55 14.31
CA LYS B 519 15.06 6.18 15.67
C LYS B 519 14.55 7.25 16.65
N GLN B 520 14.72 8.53 16.30
CA GLN B 520 14.28 9.69 17.12
C GLN B 520 12.77 9.63 17.31
N ILE B 521 12.01 9.32 16.25
CA ILE B 521 10.53 9.19 16.27
C ILE B 521 10.14 8.07 17.25
N CYS B 522 10.78 6.90 17.16
CA CYS B 522 10.39 5.70 17.93
C CYS B 522 10.68 5.91 19.43
N TYR B 523 11.90 6.31 19.82
CA TYR B 523 12.25 6.56 21.24
C TYR B 523 11.49 7.80 21.74
N GLY B 524 11.31 8.80 20.88
CA GLY B 524 10.53 10.01 21.19
C GLY B 524 9.13 9.64 21.63
N ILE B 525 8.42 8.86 20.82
CA ILE B 525 7.02 8.48 21.12
C ILE B 525 7.04 7.69 22.44
N ILE B 526 7.92 6.69 22.58
CA ILE B 526 8.00 5.85 23.82
C ILE B 526 8.23 6.74 25.05
N TYR B 527 9.02 7.82 24.96
CA TYR B 527 9.38 8.62 26.15
C TYR B 527 8.54 9.92 26.21
N GLY B 528 7.38 9.94 25.53
CA GLY B 528 6.27 10.88 25.78
C GLY B 528 6.23 12.08 24.85
N MET B 529 6.81 11.98 23.65
CA MET B 529 6.81 13.07 22.64
C MET B 529 5.37 13.41 22.25
N GLY B 530 5.08 14.71 22.10
CA GLY B 530 3.75 15.28 21.75
C GLY B 530 3.53 15.44 20.25
N ALA B 531 2.27 15.63 19.85
CA ALA B 531 1.86 15.80 18.43
C ALA B 531 2.53 17.03 17.80
N LYS B 532 2.55 18.19 18.49
CA LYS B 532 3.19 19.41 17.94
C LYS B 532 4.63 19.08 17.52
N SER B 533 5.50 18.59 18.43
CA SER B 533 6.91 18.23 18.10
C SER B 533 6.96 17.14 17.02
N LEU B 534 6.15 16.08 17.08
CA LEU B 534 6.29 14.99 16.08
C LEU B 534 5.88 15.55 14.69
N GLY B 535 4.82 16.35 14.66
CA GLY B 535 4.38 17.11 13.48
C GLY B 535 5.54 17.83 12.81
N GLU B 536 6.27 18.68 13.56
CA GLU B 536 7.41 19.47 13.06
C GLU B 536 8.50 18.53 12.51
N GLN B 537 8.79 17.43 13.20
CA GLN B 537 9.89 16.50 12.82
C GLN B 537 9.52 15.75 11.55
N MET B 538 8.28 15.31 11.44
CA MET B 538 7.82 14.43 10.34
C MET B 538 7.36 15.29 9.16
N GLY B 539 7.18 16.60 9.38
CA GLY B 539 6.64 17.58 8.41
C GLY B 539 5.20 17.25 8.05
N ILE B 540 4.38 16.91 9.05
CA ILE B 540 2.92 16.62 8.90
C ILE B 540 2.14 17.53 9.87
N LYS B 541 0.84 17.71 9.64
CA LYS B 541 -0.02 18.54 10.53
C LYS B 541 -0.09 17.87 11.92
N GLU B 542 -0.29 18.65 12.98
CA GLU B 542 -0.38 18.14 14.38
C GLU B 542 -1.39 16.99 14.44
N ASN B 543 -2.60 17.18 13.90
CA ASN B 543 -3.72 16.19 13.90
C ASN B 543 -3.25 14.89 13.23
N ASP B 544 -2.35 14.98 12.25
CA ASP B 544 -1.83 13.79 11.51
C ASP B 544 -0.83 13.09 12.40
N ALA B 545 0.08 13.85 13.01
CA ALA B 545 1.08 13.36 14.00
C ALA B 545 0.35 12.68 15.17
N ALA B 546 -0.73 13.31 15.64
CA ALA B 546 -1.55 12.88 16.80
C ALA B 546 -2.16 11.51 16.50
N CYS B 547 -2.59 11.29 15.26
CA CYS B 547 -3.18 10.00 14.79
C CYS B 547 -2.08 8.95 14.79
N TYR B 548 -0.89 9.32 14.29
CA TYR B 548 0.28 8.43 14.17
C TYR B 548 0.72 7.98 15.58
N ILE B 549 0.66 8.87 16.58
CA ILE B 549 1.02 8.53 17.99
C ILE B 549 -0.02 7.54 18.52
N ASP B 550 -1.31 7.75 18.22
CA ASP B 550 -2.42 6.90 18.69
C ASP B 550 -2.20 5.47 18.16
N SER B 551 -1.94 5.32 16.85
CA SER B 551 -1.61 4.04 16.17
C SER B 551 -0.46 3.34 16.92
N PHE B 552 0.66 4.05 17.13
CA PHE B 552 1.85 3.54 17.86
C PHE B 552 1.43 3.12 19.28
N LYS B 553 0.78 4.00 20.05
CA LYS B 553 0.35 3.73 21.45
C LYS B 553 -0.57 2.49 21.47
N SER B 554 -1.48 2.34 20.48
CA SER B 554 -2.45 1.22 20.39
C SER B 554 -1.73 -0.12 20.14
N ARG B 555 -0.71 -0.12 19.28
CA ARG B 555 0.12 -1.32 18.96
C ARG B 555 0.84 -1.86 20.21
N TYR B 556 1.32 -0.97 21.09
CA TYR B 556 2.17 -1.29 22.27
C TYR B 556 1.44 -0.88 23.57
N THR B 557 0.39 -1.62 23.96
CA THR B 557 -0.47 -1.28 25.12
C THR B 557 0.24 -1.64 26.45
N GLY B 558 1.09 -2.66 26.46
CA GLY B 558 1.91 -3.04 27.63
C GLY B 558 2.80 -1.90 28.08
N ILE B 559 3.48 -1.24 27.13
CA ILE B 559 4.35 -0.06 27.37
C ILE B 559 3.54 1.00 28.12
N ASN B 560 2.36 1.35 27.59
CA ASN B 560 1.47 2.43 28.12
C ASN B 560 0.99 2.09 29.53
N GLN B 561 0.79 0.81 29.86
CA GLN B 561 0.36 0.38 31.21
C GLN B 561 1.53 0.63 32.17
N PHE B 562 2.76 0.35 31.73
CA PHE B 562 4.00 0.50 32.53
C PHE B 562 4.31 1.99 32.78
N MET B 563 4.05 2.86 31.80
CA MET B 563 4.10 4.35 31.94
C MET B 563 3.16 4.81 33.08
N THR B 564 1.89 4.40 33.08
CA THR B 564 0.90 4.87 34.11
C THR B 564 1.25 4.26 35.47
N GLU B 565 1.71 3.00 35.50
CA GLU B 565 2.09 2.29 36.75
C GLU B 565 3.35 2.92 37.35
N THR B 566 4.26 3.44 36.51
CA THR B 566 5.52 4.10 36.94
C THR B 566 5.20 5.51 37.46
N VAL B 567 4.30 6.23 36.81
CA VAL B 567 3.87 7.60 37.25
C VAL B 567 3.11 7.51 38.59
N LYS B 568 2.17 6.56 38.73
CA LYS B 568 1.42 6.35 40.00
C LYS B 568 2.43 6.13 41.14
N ASN B 569 3.39 5.20 40.94
CA ASN B 569 4.36 4.78 41.97
C ASN B 569 5.34 5.91 42.28
N CYS B 570 5.67 6.75 41.31
CA CYS B 570 6.60 7.90 41.49
C CYS B 570 5.93 8.99 42.34
N LYS B 571 4.65 9.30 42.03
CA LYS B 571 3.85 10.33 42.72
C LYS B 571 3.82 10.02 44.23
N ARG B 572 3.59 8.75 44.56
CA ARG B 572 3.57 8.18 45.93
C ARG B 572 4.93 8.36 46.63
N ASP B 573 6.03 7.94 45.99
CA ASP B 573 7.37 7.74 46.62
C ASP B 573 8.23 9.00 46.55
N GLY B 574 8.01 9.86 45.55
CA GLY B 574 8.85 11.05 45.29
C GLY B 574 10.12 10.72 44.51
N PHE B 575 10.26 9.47 44.03
CA PHE B 575 11.47 9.00 43.28
C PHE B 575 11.12 7.82 42.37
N VAL B 576 12.06 7.46 41.49
CA VAL B 576 12.08 6.17 40.71
C VAL B 576 13.38 5.45 41.02
N GLN B 577 13.38 4.12 40.85
CA GLN B 577 14.57 3.27 41.10
C GLN B 577 14.99 2.53 39.84
N THR B 578 16.31 2.41 39.63
CA THR B 578 16.93 1.56 38.59
C THR B 578 17.04 0.12 39.09
N ILE B 579 17.44 -0.78 38.20
CA ILE B 579 17.56 -2.25 38.44
C ILE B 579 18.50 -2.51 39.65
N LEU B 580 19.47 -1.63 39.95
CA LEU B 580 20.46 -1.85 41.04
C LEU B 580 20.04 -1.14 42.35
N GLY B 581 18.96 -0.36 42.35
CA GLY B 581 18.45 0.31 43.57
C GLY B 581 18.83 1.79 43.66
N ARG B 582 19.53 2.35 42.67
CA ARG B 582 19.80 3.81 42.66
C ARG B 582 18.47 4.57 42.54
N ARG B 583 18.36 5.70 43.20
CA ARG B 583 17.11 6.49 43.27
C ARG B 583 17.33 7.85 42.64
N ARG B 584 16.36 8.28 41.83
CA ARG B 584 16.38 9.67 41.33
C ARG B 584 15.12 10.36 41.88
N TYR B 585 15.31 11.50 42.52
CA TYR B 585 14.23 12.25 43.20
C TYR B 585 13.62 13.20 42.17
N LEU B 586 12.30 13.10 41.95
CA LEU B 586 11.55 13.91 40.95
C LEU B 586 10.35 14.56 41.65
N PRO B 587 10.57 15.55 42.54
CA PRO B 587 9.47 16.22 43.24
C PRO B 587 8.60 17.13 42.32
N GLY B 588 9.05 17.39 41.10
CA GLY B 588 8.25 17.91 39.97
C GLY B 588 7.03 17.06 39.68
N ILE B 589 7.06 15.77 40.02
CA ILE B 589 5.96 14.79 39.76
C ILE B 589 4.64 15.27 40.40
N LYS B 590 4.69 15.94 41.57
CA LYS B 590 3.51 16.42 42.33
C LYS B 590 3.03 17.77 41.77
N ASP B 591 3.92 18.52 41.11
CA ASP B 591 3.70 19.93 40.67
C ASP B 591 2.35 20.06 39.95
N ASN B 592 1.64 21.19 40.19
CA ASN B 592 0.33 21.52 39.57
C ASN B 592 0.54 22.07 38.16
N ASN B 593 1.65 22.78 37.93
CA ASN B 593 2.05 23.31 36.60
C ASN B 593 2.04 22.16 35.60
N PRO B 594 1.26 22.24 34.50
CA PRO B 594 1.22 21.16 33.51
C PRO B 594 2.57 20.74 32.92
N TYR B 595 3.45 21.69 32.56
CA TYR B 595 4.77 21.37 31.95
C TYR B 595 5.61 20.57 32.96
N ARG B 596 5.93 21.19 34.11
CA ARG B 596 6.83 20.62 35.13
C ARG B 596 6.32 19.23 35.51
N LYS B 597 5.00 19.03 35.64
CA LYS B 597 4.41 17.70 35.97
C LYS B 597 4.79 16.71 34.86
N ALA B 598 4.49 17.06 33.62
CA ALA B 598 4.66 16.18 32.45
C ALA B 598 6.15 15.85 32.26
N HIS B 599 7.02 16.83 32.45
CA HIS B 599 8.50 16.68 32.32
C HIS B 599 8.96 15.62 33.33
N ALA B 600 8.53 15.73 34.59
CA ALA B 600 8.84 14.80 35.67
C ALA B 600 8.33 13.39 35.35
N GLU B 601 7.10 13.27 34.84
CA GLU B 601 6.53 11.95 34.46
C GLU B 601 7.42 11.33 33.37
N ARG B 602 7.87 12.12 32.41
CA ARG B 602 8.72 11.63 31.29
C ARG B 602 10.09 11.23 31.84
N GLN B 603 10.65 12.01 32.77
CA GLN B 603 11.91 11.69 33.46
C GLN B 603 11.74 10.41 34.27
N ALA B 604 10.58 10.22 34.88
CA ALA B 604 10.32 9.05 35.72
C ALA B 604 10.49 7.81 34.85
N ILE B 605 9.79 7.75 33.72
CA ILE B 605 9.80 6.59 32.78
C ILE B 605 11.23 6.42 32.24
N ASN B 606 11.82 7.49 31.75
CA ASN B 606 13.12 7.41 31.03
C ASN B 606 14.23 7.06 32.02
N THR B 607 14.19 7.61 33.23
CA THR B 607 15.28 7.37 34.22
C THR B 607 15.33 5.88 34.55
N ILE B 608 14.19 5.24 34.78
CA ILE B 608 14.18 3.79 35.12
C ILE B 608 14.92 3.02 34.01
N VAL B 609 14.59 3.25 32.74
CA VAL B 609 15.07 2.39 31.62
C VAL B 609 16.50 2.79 31.26
N GLN B 610 16.78 4.08 31.06
CA GLN B 610 18.11 4.58 30.67
C GLN B 610 19.09 4.36 31.84
N GLY B 611 18.67 4.58 33.09
CA GLY B 611 19.52 4.38 34.29
C GLY B 611 19.85 2.91 34.48
N SER B 612 18.88 2.03 34.27
CA SER B 612 19.07 0.57 34.34
C SER B 612 20.10 0.14 33.29
N ALA B 613 20.01 0.66 32.06
CA ALA B 613 20.92 0.31 30.96
C ALA B 613 22.35 0.70 31.36
N ALA B 614 22.49 1.87 31.98
CA ALA B 614 23.81 2.39 32.39
C ALA B 614 24.39 1.50 33.50
N ASP B 615 23.56 0.97 34.40
CA ASP B 615 23.95 0.00 35.46
C ASP B 615 24.50 -1.28 34.80
N ILE B 616 23.80 -1.82 33.82
CA ILE B 616 24.18 -3.10 33.17
C ILE B 616 25.52 -2.93 32.45
N VAL B 617 25.74 -1.79 31.80
CA VAL B 617 27.00 -1.53 31.04
C VAL B 617 28.16 -1.40 32.04
N LYS B 618 27.93 -0.76 33.17
CA LYS B 618 28.93 -0.64 34.27
C LYS B 618 29.31 -2.05 34.77
N ILE B 619 28.32 -2.89 35.04
CA ILE B 619 28.54 -4.26 35.54
C ILE B 619 29.39 -5.00 34.48
N ALA B 620 29.01 -4.89 33.21
CA ALA B 620 29.71 -5.55 32.09
C ALA B 620 31.15 -5.09 32.09
N THR B 621 31.36 -3.78 32.19
CA THR B 621 32.71 -3.18 32.08
C THR B 621 33.59 -3.76 33.19
N VAL B 622 33.07 -3.80 34.42
CA VAL B 622 33.80 -4.21 35.64
C VAL B 622 34.15 -5.69 35.50
N ASN B 623 33.19 -6.50 35.06
CA ASN B 623 33.36 -7.97 34.94
C ASN B 623 34.35 -8.29 33.82
N ILE B 624 34.37 -7.50 32.73
CA ILE B 624 35.35 -7.68 31.63
C ILE B 624 36.75 -7.37 32.19
N GLN B 625 36.89 -6.30 32.97
CA GLN B 625 38.22 -5.88 33.47
C GLN B 625 38.78 -6.97 34.40
N LYS B 626 37.95 -7.55 35.27
CA LYS B 626 38.35 -8.69 36.15
C LYS B 626 38.90 -9.83 35.27
N GLN B 627 38.14 -10.28 34.28
CA GLN B 627 38.55 -11.38 33.36
C GLN B 627 39.86 -11.02 32.68
N LEU B 628 39.98 -9.81 32.12
CA LEU B 628 41.20 -9.43 31.36
C LEU B 628 42.43 -9.55 32.27
N GLU B 629 42.29 -9.21 33.55
CA GLU B 629 43.44 -9.19 34.49
C GLU B 629 43.78 -10.62 34.99
N THR B 630 42.91 -11.61 34.84
CA THR B 630 43.25 -13.04 35.13
C THR B 630 44.09 -13.57 33.96
N PHE B 631 43.59 -13.41 32.73
CA PHE B 631 44.19 -13.98 31.50
C PHE B 631 45.39 -13.16 31.03
N HIS B 632 45.69 -11.98 31.60
CA HIS B 632 46.76 -11.07 31.12
C HIS B 632 47.43 -10.35 32.29
N SER B 633 48.41 -11.01 32.92
CA SER B 633 49.40 -10.46 33.89
C SER B 633 50.18 -9.28 33.28
N THR B 634 50.27 -9.26 31.94
CA THR B 634 50.76 -8.15 31.06
C THR B 634 50.07 -6.84 31.49
N PHE B 635 50.64 -5.66 31.13
CA PHE B 635 50.37 -4.34 31.76
C PHE B 635 48.86 -3.99 31.71
N LYS B 636 48.36 -3.36 32.76
CA LYS B 636 46.92 -3.18 33.01
C LYS B 636 46.35 -2.13 32.04
N SER B 637 47.24 -1.24 31.59
CA SER B 637 46.98 -0.01 30.82
C SER B 637 48.30 0.41 30.17
N HIS B 638 48.24 1.24 29.15
CA HIS B 638 49.44 1.89 28.59
C HIS B 638 50.15 2.74 29.65
N GLY B 639 49.45 3.30 30.63
CA GLY B 639 50.09 4.09 31.70
C GLY B 639 50.97 3.20 32.56
N HIS B 640 50.56 1.96 32.81
CA HIS B 640 51.37 0.98 33.58
C HIS B 640 52.70 0.74 32.87
N ARG B 641 52.88 1.04 31.58
CA ARG B 641 54.21 1.05 30.90
C ARG B 641 54.94 2.39 31.16
N GLU B 642 54.29 3.54 30.90
CA GLU B 642 54.84 4.89 31.23
C GLU B 642 55.39 4.86 32.66
N GLY B 643 54.52 4.59 33.65
CA GLY B 643 54.82 4.58 35.10
C GLY B 643 55.74 3.44 35.52
N MET B 644 55.99 2.45 34.65
CA MET B 644 57.00 1.36 34.83
C MET B 644 58.40 1.99 34.97
N LEU B 645 58.83 2.85 34.04
CA LEU B 645 60.17 3.53 34.05
C LEU B 645 60.49 4.18 35.42
N GLN B 646 59.48 4.72 36.11
CA GLN B 646 59.63 5.60 37.31
C GLN B 646 60.11 4.78 38.53
N CYS B 663 59.29 -6.21 24.57
CA CYS B 663 58.25 -6.65 25.55
C CYS B 663 56.87 -6.39 24.96
N PRO B 664 56.45 -7.11 23.90
CA PRO B 664 55.34 -6.68 23.04
C PRO B 664 54.00 -6.54 23.78
N ILE B 665 53.10 -5.75 23.19
CA ILE B 665 51.77 -5.43 23.78
C ILE B 665 50.90 -6.68 23.63
N ARG B 666 50.25 -7.08 24.71
CA ARG B 666 49.29 -8.21 24.75
C ARG B 666 48.05 -7.71 25.47
N GLY B 667 46.88 -8.28 25.15
CA GLY B 667 45.61 -8.05 25.86
C GLY B 667 44.75 -6.99 25.20
N GLY B 668 43.73 -6.55 25.95
CA GLY B 668 42.67 -5.62 25.55
C GLY B 668 42.64 -4.43 26.49
N PHE B 669 42.55 -3.24 25.92
CA PHE B 669 42.66 -1.95 26.63
C PHE B 669 41.36 -1.18 26.37
N PHE B 670 40.66 -0.85 27.44
CA PHE B 670 39.40 -0.07 27.41
C PHE B 670 39.71 1.33 26.91
N ILE B 671 39.14 1.74 25.76
CA ILE B 671 39.49 3.04 25.14
C ILE B 671 38.28 4.00 25.11
N LEU B 672 37.05 3.50 25.14
CA LEU B 672 35.88 4.38 25.02
C LEU B 672 34.65 3.62 25.46
N GLN B 673 33.75 4.35 26.11
CA GLN B 673 32.39 3.88 26.41
C GLN B 673 31.44 4.76 25.62
N LEU B 674 30.42 4.16 25.03
CA LEU B 674 29.43 4.83 24.17
C LEU B 674 28.02 4.39 24.55
N HIS B 675 27.73 4.31 25.85
CA HIS B 675 26.38 4.18 26.44
C HIS B 675 25.82 2.77 26.27
N ASP B 676 25.75 2.21 25.07
CA ASP B 676 25.31 0.80 24.91
C ASP B 676 26.46 -0.01 24.29
N GLU B 677 27.68 0.54 24.26
CA GLU B 677 28.78 -0.01 23.45
C GLU B 677 30.11 0.21 24.18
N LEU B 678 30.97 -0.81 24.20
CA LEU B 678 32.33 -0.75 24.76
C LEU B 678 33.36 -0.89 23.65
N LEU B 679 34.37 -0.02 23.62
CA LEU B 679 35.48 -0.11 22.65
C LEU B 679 36.75 -0.52 23.41
N TYR B 680 37.44 -1.49 22.85
CA TYR B 680 38.74 -1.98 23.33
C TYR B 680 39.73 -1.95 22.15
N GLU B 681 40.96 -1.60 22.46
CA GLU B 681 42.14 -1.73 21.58
C GLU B 681 42.79 -3.07 21.92
N VAL B 682 42.97 -3.97 20.97
CA VAL B 682 43.38 -5.37 21.27
C VAL B 682 44.55 -5.78 20.39
N ALA B 683 45.55 -6.43 20.97
CA ALA B 683 46.69 -7.02 20.22
C ALA B 683 46.17 -8.12 19.28
N GLU B 684 46.69 -8.19 18.06
CA GLU B 684 46.28 -9.20 17.02
C GLU B 684 46.09 -10.60 17.64
N GLU B 685 47.05 -11.08 18.44
CA GLU B 685 47.02 -12.47 18.99
C GLU B 685 45.88 -12.66 20.00
N ASP B 686 45.30 -11.57 20.53
CA ASP B 686 44.37 -11.71 21.67
C ASP B 686 42.94 -11.42 21.23
N VAL B 687 42.67 -11.09 19.97
CA VAL B 687 41.35 -10.51 19.59
C VAL B 687 40.28 -11.60 19.71
N VAL B 688 40.56 -12.84 19.36
CA VAL B 688 39.55 -13.93 19.45
C VAL B 688 39.16 -14.10 20.92
N GLN B 689 40.13 -14.25 21.83
CA GLN B 689 39.85 -14.52 23.26
C GLN B 689 39.16 -13.30 23.92
N VAL B 690 39.63 -12.09 23.64
CA VAL B 690 39.04 -10.85 24.22
C VAL B 690 37.60 -10.67 23.70
N ALA B 691 37.33 -10.98 22.43
CA ALA B 691 35.98 -10.89 21.86
C ALA B 691 35.04 -11.84 22.61
N GLN B 692 35.50 -13.08 22.90
CA GLN B 692 34.73 -14.11 23.64
C GLN B 692 34.40 -13.59 25.05
N ILE B 693 35.42 -13.12 25.79
CA ILE B 693 35.28 -12.56 27.16
C ILE B 693 34.27 -11.40 27.14
N VAL B 694 34.44 -10.45 26.23
CA VAL B 694 33.59 -9.22 26.17
C VAL B 694 32.13 -9.63 25.92
N LYS B 695 31.87 -10.48 24.93
CA LYS B 695 30.52 -10.95 24.56
C LYS B 695 29.90 -11.73 25.74
N ASN B 696 30.63 -12.69 26.28
CA ASN B 696 30.15 -13.55 27.39
C ASN B 696 29.74 -12.66 28.57
N GLU B 697 30.62 -11.75 29.00
CA GLU B 697 30.41 -10.91 30.21
C GLU B 697 29.28 -9.92 29.97
N MET B 698 29.09 -9.42 28.75
CA MET B 698 28.01 -8.45 28.45
C MET B 698 26.65 -9.17 28.42
N GLU B 699 26.60 -10.40 27.89
CA GLU B 699 25.38 -11.24 27.77
C GLU B 699 24.94 -11.78 29.13
N SER B 700 25.88 -11.92 30.08
CA SER B 700 25.65 -12.49 31.44
C SER B 700 25.52 -11.39 32.49
N ALA B 701 25.63 -10.11 32.12
CA ALA B 701 25.74 -9.00 33.11
C ALA B 701 24.58 -9.09 34.11
N VAL B 702 23.35 -9.22 33.62
CA VAL B 702 22.13 -9.48 34.45
C VAL B 702 21.26 -10.49 33.69
N LYS B 703 20.29 -11.10 34.39
CA LYS B 703 19.27 -12.01 33.83
C LYS B 703 17.95 -11.25 33.76
N LEU B 704 17.41 -11.04 32.56
CA LEU B 704 16.06 -10.45 32.32
C LEU B 704 15.15 -11.53 31.72
N SER B 705 13.87 -11.19 31.50
CA SER B 705 12.85 -12.06 30.84
C SER B 705 13.28 -12.32 29.39
N VAL B 706 14.04 -11.39 28.80
CA VAL B 706 14.53 -11.45 27.39
C VAL B 706 16.06 -11.49 27.42
N LYS B 707 16.68 -12.15 26.44
CA LYS B 707 18.15 -12.35 26.36
C LYS B 707 18.77 -11.02 25.91
N LEU B 708 19.86 -10.62 26.55
CA LEU B 708 20.70 -9.45 26.17
C LEU B 708 21.60 -9.87 25.00
N LYS B 709 21.24 -9.52 23.77
CA LYS B 709 22.02 -9.87 22.57
C LYS B 709 23.14 -8.83 22.42
N VAL B 710 24.33 -9.31 22.07
CA VAL B 710 25.54 -8.48 21.81
C VAL B 710 26.05 -8.80 20.41
N LYS B 711 26.24 -7.75 19.61
CA LYS B 711 26.95 -7.80 18.31
C LYS B 711 28.38 -7.28 18.56
N VAL B 712 29.36 -8.03 18.06
CA VAL B 712 30.79 -7.68 18.15
C VAL B 712 31.26 -7.33 16.73
N LYS B 713 31.99 -6.24 16.58
CA LYS B 713 32.67 -5.87 15.33
C LYS B 713 34.14 -5.62 15.64
N ILE B 714 34.97 -5.68 14.60
CA ILE B 714 36.45 -5.57 14.71
C ILE B 714 36.97 -4.86 13.45
N GLY B 715 38.07 -4.13 13.57
CA GLY B 715 38.69 -3.47 12.41
C GLY B 715 39.89 -2.61 12.76
N ALA B 716 40.42 -1.93 11.75
CA ALA B 716 41.70 -1.19 11.79
C ALA B 716 41.43 0.25 12.26
N SER B 717 40.17 0.57 12.49
CA SER B 717 39.74 1.91 12.94
C SER B 717 38.30 1.82 13.43
N TRP B 718 37.91 2.80 14.23
CA TRP B 718 36.53 2.89 14.79
C TRP B 718 35.57 3.03 13.60
N GLY B 719 36.04 3.64 12.52
CA GLY B 719 35.24 3.91 11.31
C GLY B 719 35.06 2.70 10.41
N GLU B 720 35.96 1.71 10.46
CA GLU B 720 35.93 0.53 9.56
C GLU B 720 35.76 -0.76 10.34
N LEU B 721 34.74 -0.82 11.18
CA LEU B 721 34.40 -2.04 11.96
C LEU B 721 33.60 -2.98 11.06
N LYS B 722 33.96 -4.27 11.10
CA LYS B 722 33.26 -5.34 10.36
C LYS B 722 32.70 -6.33 11.38
N ASP B 723 31.49 -6.85 11.14
CA ASP B 723 30.88 -7.97 11.91
C ASP B 723 31.92 -9.07 12.09
N PHE B 724 31.97 -9.61 13.30
CA PHE B 724 32.91 -10.63 13.76
C PHE B 724 32.11 -11.64 14.58
N ASP B 725 31.89 -12.84 14.02
CA ASP B 725 31.16 -13.95 14.68
C ASP B 725 32.06 -14.53 15.78
N VAL B 726 31.59 -14.49 17.04
CA VAL B 726 32.37 -14.88 18.25
C VAL B 726 31.76 -16.17 18.83
N SER C 5 12.37 -70.09 -36.43
CA SER C 5 13.18 -68.88 -36.10
C SER C 5 12.63 -67.65 -36.82
N LEU C 6 12.82 -66.46 -36.24
CA LEU C 6 12.40 -65.15 -36.80
C LEU C 6 12.90 -64.97 -38.23
N SER C 7 12.01 -64.72 -39.19
CA SER C 7 12.40 -64.33 -40.56
C SER C 7 11.73 -63.00 -40.91
N ILE C 8 12.48 -62.18 -41.64
CA ILE C 8 12.05 -60.88 -42.22
C ILE C 8 11.95 -61.08 -43.74
N ILE C 9 10.73 -61.04 -44.29
CA ILE C 9 10.48 -61.06 -45.76
C ILE C 9 10.40 -59.60 -46.22
N ASP C 10 11.40 -59.16 -46.99
CA ASP C 10 11.46 -57.80 -47.59
C ASP C 10 10.57 -57.78 -48.85
N VAL C 11 9.28 -57.47 -48.69
CA VAL C 11 8.26 -57.70 -49.75
C VAL C 11 8.51 -56.77 -50.95
N ALA C 12 9.17 -55.62 -50.75
CA ALA C 12 9.44 -54.62 -51.81
C ALA C 12 10.75 -54.92 -52.55
N SER C 13 11.37 -56.07 -52.32
CA SER C 13 12.64 -56.49 -52.99
C SER C 13 12.34 -57.08 -54.36
N ASP C 14 11.09 -57.45 -54.62
CA ASP C 14 10.72 -58.15 -55.88
C ASP C 14 9.21 -57.94 -56.13
N GLN C 15 8.86 -57.40 -57.31
CA GLN C 15 7.46 -57.14 -57.73
C GLN C 15 6.60 -58.39 -57.53
N ASN C 16 7.08 -59.57 -57.91
CA ASN C 16 6.30 -60.84 -57.85
C ASN C 16 6.04 -61.25 -56.38
N LEU C 17 7.05 -61.13 -55.51
CA LEU C 17 6.91 -61.41 -54.04
C LEU C 17 5.92 -60.39 -53.43
N PHE C 18 5.99 -59.13 -53.86
CA PHE C 18 5.13 -58.02 -53.37
C PHE C 18 3.64 -58.31 -53.62
N GLN C 19 3.28 -58.74 -54.82
CA GLN C 19 1.87 -58.99 -55.23
C GLN C 19 1.35 -60.23 -54.49
N THR C 20 2.19 -61.24 -54.30
CA THR C 20 1.86 -62.44 -53.49
C THR C 20 1.56 -62.00 -52.06
N PHE C 21 2.43 -61.17 -51.48
CA PHE C 21 2.24 -60.57 -50.14
C PHE C 21 0.90 -59.79 -50.11
N ILE C 22 0.65 -58.95 -51.13
CA ILE C 22 -0.56 -58.07 -51.12
C ILE C 22 -1.79 -58.98 -51.20
N LYS C 23 -1.79 -59.96 -52.07
CA LYS C 23 -2.92 -60.92 -52.25
C LYS C 23 -3.21 -61.61 -50.90
N GLU C 24 -2.16 -62.13 -50.23
CA GLU C 24 -2.31 -62.81 -48.91
C GLU C 24 -2.85 -61.81 -47.88
N TRP C 25 -2.22 -60.64 -47.78
CA TRP C 25 -2.64 -59.61 -46.79
C TRP C 25 -4.14 -59.32 -46.94
N ARG C 26 -4.65 -59.19 -48.18
CA ARG C 26 -6.05 -58.78 -48.43
C ARG C 26 -7.01 -59.87 -47.94
N CYS C 27 -6.54 -61.12 -47.76
CA CYS C 27 -7.36 -62.24 -47.23
C CYS C 27 -7.48 -62.23 -45.69
N LYS C 28 -6.60 -61.53 -44.96
CA LYS C 28 -6.51 -61.67 -43.49
C LYS C 28 -7.61 -60.84 -42.81
N LYS C 29 -8.27 -61.42 -41.80
CA LYS C 29 -9.27 -60.74 -40.93
C LYS C 29 -8.56 -60.21 -39.67
N ARG C 30 -7.31 -60.59 -39.42
CA ARG C 30 -6.51 -60.09 -38.26
C ARG C 30 -5.04 -59.95 -38.66
N PHE C 31 -4.37 -58.87 -38.26
CA PHE C 31 -2.91 -58.72 -38.44
C PHE C 31 -2.41 -57.62 -37.52
N SER C 32 -1.10 -57.59 -37.31
CA SER C 32 -0.39 -56.62 -36.49
C SER C 32 0.42 -55.75 -37.43
N ILE C 33 0.62 -54.48 -37.11
CA ILE C 33 1.63 -53.64 -37.81
C ILE C 33 2.48 -52.97 -36.73
N SER C 34 3.72 -52.68 -37.08
CA SER C 34 4.66 -51.92 -36.23
C SER C 34 5.48 -51.01 -37.15
N LEU C 35 5.49 -49.71 -36.84
CA LEU C 35 6.22 -48.68 -37.61
C LEU C 35 7.70 -48.75 -37.27
N ALA C 36 8.56 -48.60 -38.26
CA ALA C 36 10.03 -48.57 -38.12
C ALA C 36 10.48 -47.11 -38.17
N CYS C 37 10.88 -46.53 -37.03
CA CYS C 37 11.50 -45.18 -36.99
C CYS C 37 12.98 -45.31 -36.64
N GLU C 38 13.82 -44.48 -37.27
CA GLU C 38 15.29 -44.36 -37.07
C GLU C 38 15.69 -42.87 -37.12
N LYS C 39 16.84 -42.49 -36.57
CA LYS C 39 17.52 -41.20 -36.90
C LYS C 39 18.35 -41.45 -38.17
N ILE C 40 18.53 -40.43 -39.03
CA ILE C 40 19.66 -40.37 -40.00
C ILE C 40 20.29 -38.98 -39.89
N ILE C 66 10.95 -33.25 -47.89
CA ILE C 66 10.80 -34.54 -48.63
C ILE C 66 12.19 -35.12 -48.90
N ARG C 67 12.44 -36.34 -48.41
CA ARG C 67 13.74 -37.06 -48.44
C ARG C 67 13.55 -38.42 -49.14
N ASP C 68 14.64 -39.01 -49.63
CA ASP C 68 14.64 -40.32 -50.36
C ASP C 68 14.51 -41.48 -49.36
N ASP C 69 14.84 -41.25 -48.08
CA ASP C 69 15.16 -42.34 -47.12
C ASP C 69 14.04 -42.51 -46.08
N GLY C 70 12.91 -41.79 -46.23
CA GLY C 70 11.68 -42.03 -45.46
C GLY C 70 10.93 -40.75 -45.16
N PHE C 71 9.95 -40.82 -44.25
CA PHE C 71 9.00 -39.73 -43.91
C PHE C 71 9.41 -39.03 -42.62
N PRO C 72 9.74 -37.72 -42.67
CA PRO C 72 9.95 -36.94 -41.45
C PRO C 72 8.79 -37.06 -40.44
N ILE C 73 9.10 -37.04 -39.16
CA ILE C 73 8.09 -37.14 -38.07
C ILE C 73 7.92 -35.74 -37.48
N LYS C 74 6.67 -35.31 -37.30
CA LYS C 74 6.31 -33.97 -36.75
C LYS C 74 6.83 -33.89 -35.31
N GLY C 75 7.78 -32.99 -35.04
CA GLY C 75 8.29 -32.70 -33.69
C GLY C 75 9.69 -33.24 -33.45
N CYS C 76 10.27 -33.95 -34.43
CA CYS C 76 11.66 -34.49 -34.38
C CYS C 76 12.35 -34.24 -35.72
N ASP C 77 13.30 -33.29 -35.78
CA ASP C 77 14.04 -32.92 -37.01
C ASP C 77 15.05 -34.01 -37.38
N ASP C 78 15.15 -35.08 -36.58
CA ASP C 78 16.25 -36.09 -36.67
C ASP C 78 15.78 -37.45 -37.21
N THR C 79 14.50 -37.79 -36.99
CA THR C 79 13.95 -39.17 -37.01
C THR C 79 12.97 -39.37 -38.17
N LEU C 80 12.98 -40.55 -38.77
CA LEU C 80 12.25 -40.87 -40.03
C LEU C 80 11.46 -42.15 -39.82
N VAL C 81 10.24 -42.20 -40.33
CA VAL C 81 9.53 -43.48 -40.59
C VAL C 81 10.19 -44.06 -41.85
N VAL C 82 10.85 -45.22 -41.75
CA VAL C 82 11.55 -45.84 -42.91
C VAL C 82 10.74 -47.01 -43.45
N GLY C 83 9.80 -47.52 -42.66
CA GLY C 83 8.95 -48.64 -43.12
C GLY C 83 8.02 -49.08 -42.03
N LEU C 84 7.41 -50.25 -42.20
CA LEU C 84 6.60 -50.90 -41.16
C LEU C 84 6.69 -52.41 -41.38
N ALA C 85 6.42 -53.19 -40.34
CA ALA C 85 6.34 -54.66 -40.42
C ALA C 85 4.88 -55.09 -40.21
N VAL C 86 4.46 -56.12 -40.92
CA VAL C 86 3.14 -56.78 -40.79
C VAL C 86 3.36 -58.21 -40.33
N CYS C 87 2.48 -58.69 -39.45
CA CYS C 87 2.49 -60.10 -39.00
C CYS C 87 1.05 -60.58 -38.95
N TRP C 88 0.81 -61.79 -39.44
CA TRP C 88 -0.54 -62.43 -39.37
C TRP C 88 -0.45 -63.87 -38.88
N GLY C 89 0.64 -64.22 -38.17
CA GLY C 89 0.80 -65.55 -37.57
C GLY C 89 2.26 -65.96 -37.54
N GLY C 90 2.58 -66.95 -36.68
CA GLY C 90 3.90 -67.56 -36.64
C GLY C 90 4.96 -66.55 -36.26
N ARG C 91 6.15 -66.66 -36.83
CA ARG C 91 7.37 -65.89 -36.48
C ARG C 91 7.87 -65.19 -37.75
N ASP C 92 6.96 -64.96 -38.72
CA ASP C 92 7.25 -64.27 -40.00
C ASP C 92 6.76 -62.82 -39.89
N ALA C 93 7.70 -61.88 -40.02
CA ALA C 93 7.43 -60.43 -40.21
C ALA C 93 7.62 -60.08 -41.70
N TYR C 94 6.60 -59.48 -42.32
CA TYR C 94 6.70 -58.93 -43.68
C TYR C 94 7.08 -57.46 -43.55
N TYR C 95 8.32 -57.11 -43.91
CA TYR C 95 8.84 -55.73 -43.78
C TYR C 95 8.57 -54.97 -45.07
N PHE C 96 7.85 -53.86 -44.92
CA PHE C 96 7.29 -53.04 -46.01
C PHE C 96 8.03 -51.71 -45.99
N SER C 97 9.02 -51.54 -46.86
CA SER C 97 9.90 -50.36 -46.95
C SER C 97 9.12 -49.16 -47.50
N LEU C 98 9.36 -47.99 -46.92
CA LEU C 98 8.76 -46.70 -47.31
C LEU C 98 9.87 -45.74 -47.70
N GLN C 99 10.99 -46.26 -48.19
CA GLN C 99 12.12 -45.43 -48.69
C GLN C 99 12.06 -45.31 -50.22
N LYS C 100 12.18 -44.10 -50.74
CA LYS C 100 12.12 -43.81 -52.21
C LYS C 100 13.28 -44.58 -52.85
N GLU C 101 14.52 -44.35 -52.36
CA GLU C 101 15.73 -45.17 -52.64
C GLU C 101 16.34 -45.61 -51.31
N GLN C 102 17.06 -46.76 -51.31
CA GLN C 102 17.45 -47.53 -50.10
C GLN C 102 18.58 -46.80 -49.35
N LYS C 103 18.35 -46.47 -48.07
CA LYS C 103 19.38 -46.03 -47.09
C LYS C 103 19.29 -46.95 -45.88
N HIS C 104 20.11 -48.03 -45.87
CA HIS C 104 20.16 -49.11 -44.84
C HIS C 104 21.08 -48.71 -43.67
N SER C 105 20.57 -48.78 -42.43
CA SER C 105 21.34 -48.57 -41.16
C SER C 105 21.96 -49.89 -40.67
N GLU C 106 22.25 -50.85 -41.56
CA GLU C 106 22.43 -52.29 -41.21
C GLU C 106 23.88 -52.71 -41.48
N ILE C 107 24.61 -53.07 -40.41
CA ILE C 107 26.07 -53.40 -40.39
C ILE C 107 26.27 -54.93 -40.28
N SER C 108 25.24 -55.66 -39.83
CA SER C 108 25.17 -57.15 -39.73
C SER C 108 24.79 -57.76 -41.08
N ALA C 109 25.74 -58.43 -41.77
CA ALA C 109 25.58 -59.00 -43.14
C ALA C 109 24.34 -59.90 -43.23
N SER C 110 24.00 -60.59 -42.13
CA SER C 110 22.88 -61.56 -42.04
C SER C 110 21.54 -60.83 -42.05
N LEU C 111 21.49 -59.55 -41.65
CA LEU C 111 20.24 -58.77 -41.62
C LEU C 111 20.14 -57.83 -42.83
N VAL C 112 21.23 -57.60 -43.58
CA VAL C 112 21.29 -56.66 -44.75
C VAL C 112 20.18 -57.03 -45.73
N PRO C 113 19.25 -56.09 -46.05
CA PRO C 113 18.06 -56.40 -46.83
C PRO C 113 18.38 -56.46 -48.32
N PRO C 114 17.67 -57.31 -49.11
CA PRO C 114 17.82 -57.26 -50.58
C PRO C 114 17.54 -55.84 -51.09
N SER C 115 17.97 -55.55 -52.32
CA SER C 115 17.76 -54.27 -53.07
C SER C 115 16.25 -53.99 -53.18
N LEU C 116 15.83 -52.73 -53.35
CA LEU C 116 14.41 -52.42 -53.70
C LEU C 116 14.22 -52.61 -55.22
N ASP C 117 13.19 -53.38 -55.58
CA ASP C 117 12.70 -53.49 -56.98
C ASP C 117 12.26 -52.10 -57.43
N PRO C 118 12.95 -51.50 -58.42
CA PRO C 118 12.69 -50.09 -58.77
C PRO C 118 11.36 -49.87 -59.51
N SER C 119 10.73 -50.92 -60.04
CA SER C 119 9.36 -50.88 -60.63
C SER C 119 8.31 -50.62 -59.54
N LEU C 120 8.64 -50.86 -58.26
CA LEU C 120 7.74 -50.56 -57.13
C LEU C 120 8.02 -49.13 -56.62
N THR C 121 7.48 -48.14 -57.31
CA THR C 121 7.62 -46.72 -56.91
C THR C 121 7.07 -46.56 -55.48
N LEU C 122 7.53 -45.55 -54.77
CA LEU C 122 6.99 -45.24 -53.42
C LEU C 122 5.48 -44.95 -53.53
N LYS C 123 5.07 -44.19 -54.54
CA LYS C 123 3.63 -43.89 -54.79
C LYS C 123 2.86 -45.21 -54.94
N ASP C 124 3.32 -46.17 -55.75
CA ASP C 124 2.67 -47.50 -55.87
C ASP C 124 2.56 -48.19 -54.50
N ARG C 125 3.63 -48.19 -53.71
CA ARG C 125 3.66 -48.84 -52.36
C ARG C 125 2.64 -48.13 -51.47
N MET C 126 2.62 -46.80 -51.47
CA MET C 126 1.69 -46.01 -50.63
C MET C 126 0.24 -46.31 -51.05
N TRP C 127 -0.02 -46.48 -52.35
CA TRP C 127 -1.38 -46.87 -52.78
C TRP C 127 -1.73 -48.18 -52.03
N TYR C 128 -0.90 -49.23 -52.21
CA TYR C 128 -1.19 -50.61 -51.73
C TYR C 128 -1.26 -50.58 -50.20
N LEU C 129 -0.41 -49.79 -49.57
CA LEU C 129 -0.45 -49.63 -48.09
C LEU C 129 -1.81 -49.06 -47.66
N GLN C 130 -2.26 -47.94 -48.25
CA GLN C 130 -3.55 -47.33 -47.85
C GLN C 130 -4.70 -48.32 -48.12
N SER C 131 -4.62 -49.06 -49.22
CA SER C 131 -5.68 -50.01 -49.64
C SER C 131 -5.84 -51.12 -48.59
N CYS C 132 -4.75 -51.62 -48.02
CA CYS C 132 -4.80 -52.77 -47.09
C CYS C 132 -5.12 -52.29 -45.67
N LEU C 133 -4.95 -51.00 -45.39
CA LEU C 133 -5.20 -50.44 -44.04
C LEU C 133 -6.57 -49.73 -43.97
N ARG C 134 -7.37 -49.72 -45.03
CA ARG C 134 -8.71 -49.06 -45.01
C ARG C 134 -9.82 -50.08 -45.28
N LYS C 135 -10.92 -50.04 -44.52
CA LYS C 135 -12.07 -50.99 -44.55
C LYS C 135 -12.80 -50.93 -45.89
N GLU C 136 -13.25 -52.08 -46.39
CA GLU C 136 -14.28 -52.16 -47.45
C GLU C 136 -15.63 -52.34 -46.74
N SER C 137 -16.73 -52.39 -47.52
CA SER C 137 -18.12 -52.68 -47.04
C SER C 137 -18.31 -54.20 -46.89
N ASP C 138 -18.68 -54.64 -45.68
CA ASP C 138 -18.90 -56.08 -45.31
C ASP C 138 -17.54 -56.79 -45.23
N LYS C 139 -16.53 -56.14 -44.65
CA LYS C 139 -15.18 -56.72 -44.37
C LYS C 139 -14.81 -56.37 -42.91
N GLU C 140 -15.11 -57.27 -41.97
CA GLU C 140 -14.69 -57.17 -40.54
C GLU C 140 -13.21 -57.52 -40.46
N CYS C 141 -12.36 -56.56 -40.12
CA CYS C 141 -10.89 -56.69 -40.11
C CYS C 141 -10.30 -55.97 -38.88
N SER C 142 -9.40 -56.63 -38.14
CA SER C 142 -8.83 -56.10 -36.88
C SER C 142 -7.32 -55.93 -37.01
N VAL C 143 -6.80 -54.75 -36.68
CA VAL C 143 -5.34 -54.48 -36.69
C VAL C 143 -4.85 -54.32 -35.25
N VAL C 144 -3.81 -55.06 -34.90
CA VAL C 144 -3.23 -54.99 -33.53
C VAL C 144 -1.97 -54.12 -33.59
N ILE C 145 -1.98 -53.05 -32.81
CA ILE C 145 -0.85 -52.07 -32.72
C ILE C 145 -0.55 -51.81 -31.25
N TYR C 146 0.68 -52.05 -30.82
CA TYR C 146 1.19 -51.60 -29.52
C TYR C 146 1.26 -50.07 -29.56
N ASP C 147 0.62 -49.40 -28.60
CA ASP C 147 0.50 -47.92 -28.56
C ASP C 147 -0.17 -47.44 -29.85
N PHE C 148 -1.41 -47.86 -30.00
CA PHE C 148 -2.25 -47.54 -31.18
C PHE C 148 -2.26 -46.04 -31.43
N ILE C 149 -2.47 -45.22 -30.38
CA ILE C 149 -2.66 -43.75 -30.55
C ILE C 149 -1.42 -43.16 -31.19
N GLN C 150 -0.24 -43.40 -30.63
CA GLN C 150 0.98 -42.77 -31.21
C GLN C 150 1.21 -43.27 -32.66
N SER C 151 0.88 -44.53 -32.97
CA SER C 151 1.10 -45.08 -34.33
C SER C 151 0.10 -44.49 -35.31
N TYR C 152 -1.17 -44.38 -34.93
CA TYR C 152 -2.22 -43.77 -35.76
C TYR C 152 -1.80 -42.35 -36.14
N LYS C 153 -1.20 -41.61 -35.22
CA LYS C 153 -0.85 -40.19 -35.45
C LYS C 153 0.33 -40.12 -36.42
N ILE C 154 1.35 -40.94 -36.22
CA ILE C 154 2.53 -40.89 -37.13
C ILE C 154 2.10 -41.31 -38.55
N LEU C 155 1.25 -42.33 -38.67
CA LEU C 155 0.79 -42.79 -39.99
C LEU C 155 0.04 -41.65 -40.70
N LEU C 156 -0.79 -40.92 -39.95
CA LEU C 156 -1.62 -39.83 -40.53
C LEU C 156 -0.73 -38.66 -40.87
N LEU C 157 0.06 -38.14 -39.94
CA LEU C 157 0.80 -36.86 -40.10
C LEU C 157 2.07 -37.06 -40.92
N SER C 158 2.76 -38.21 -40.81
CA SER C 158 4.06 -38.43 -41.52
C SER C 158 3.82 -39.02 -42.91
N CYS C 159 2.94 -40.01 -43.04
CA CYS C 159 2.78 -40.82 -44.27
C CYS C 159 1.46 -40.50 -44.97
N GLY C 160 0.57 -39.71 -44.36
CA GLY C 160 -0.72 -39.32 -44.98
C GLY C 160 -1.67 -40.50 -45.08
N ILE C 161 -1.56 -41.45 -44.16
CA ILE C 161 -2.42 -42.67 -44.17
C ILE C 161 -3.30 -42.67 -42.92
N SER C 162 -4.59 -42.84 -43.15
CA SER C 162 -5.67 -42.85 -42.13
C SER C 162 -6.11 -44.30 -41.97
N LEU C 163 -5.71 -44.98 -40.90
CA LEU C 163 -6.21 -46.35 -40.57
C LEU C 163 -7.73 -46.29 -40.49
N GLU C 164 -8.43 -47.25 -41.10
CA GLU C 164 -9.92 -47.36 -41.08
C GLU C 164 -10.28 -48.84 -40.93
N GLN C 165 -10.03 -49.40 -39.74
CA GLN C 165 -10.39 -50.79 -39.37
C GLN C 165 -10.75 -50.81 -37.89
N SER C 166 -11.07 -51.99 -37.36
CA SER C 166 -11.17 -52.23 -35.90
C SER C 166 -9.76 -52.29 -35.33
N TYR C 167 -9.55 -51.68 -34.16
CA TYR C 167 -8.22 -51.59 -33.51
C TYR C 167 -8.24 -52.43 -32.24
N GLU C 168 -7.06 -52.94 -31.93
CA GLU C 168 -6.74 -53.75 -30.73
C GLU C 168 -5.34 -53.35 -30.27
N ASP C 169 -5.23 -52.76 -29.09
CA ASP C 169 -3.94 -52.41 -28.44
C ASP C 169 -3.79 -53.35 -27.25
N PRO C 170 -2.76 -54.22 -27.22
CA PRO C 170 -2.56 -55.09 -26.07
C PRO C 170 -2.32 -54.32 -24.76
N LYS C 171 -1.78 -53.08 -24.80
CA LYS C 171 -1.68 -52.20 -23.59
C LYS C 171 -3.06 -52.09 -22.92
N VAL C 172 -4.10 -51.86 -23.72
CA VAL C 172 -5.47 -51.57 -23.21
C VAL C 172 -6.10 -52.85 -22.68
N ALA C 173 -5.84 -53.98 -23.35
CA ALA C 173 -6.29 -55.32 -22.91
C ALA C 173 -5.74 -55.61 -21.51
N CYS C 174 -4.44 -55.38 -21.29
CA CYS C 174 -3.76 -55.61 -19.98
C CYS C 174 -4.45 -54.75 -18.91
N TRP C 175 -4.66 -53.46 -19.20
CA TRP C 175 -5.36 -52.54 -18.28
C TRP C 175 -6.72 -53.14 -17.91
N LEU C 176 -7.44 -53.65 -18.89
CA LEU C 176 -8.83 -54.10 -18.72
C LEU C 176 -8.85 -55.34 -17.83
N LEU C 177 -7.75 -56.13 -17.82
CA LEU C 177 -7.67 -57.36 -16.98
C LEU C 177 -7.27 -57.00 -15.54
N ASP C 178 -6.46 -55.96 -15.35
CA ASP C 178 -6.07 -55.49 -14.00
C ASP C 178 -5.76 -54.00 -14.04
N PRO C 179 -6.73 -53.13 -13.69
CA PRO C 179 -6.53 -51.69 -13.82
C PRO C 179 -5.46 -51.10 -12.87
N ASP C 180 -5.08 -51.82 -11.83
CA ASP C 180 -4.04 -51.41 -10.83
C ASP C 180 -2.66 -51.97 -11.22
N SER C 181 -2.56 -52.76 -12.29
CA SER C 181 -1.27 -53.29 -12.83
C SER C 181 -0.37 -52.12 -13.16
N GLN C 182 0.94 -52.31 -13.17
CA GLN C 182 1.92 -51.32 -13.64
C GLN C 182 1.67 -51.09 -15.13
N GLU C 183 1.87 -49.88 -15.62
CA GLU C 183 1.78 -49.57 -17.07
C GLU C 183 2.57 -50.65 -17.82
N PRO C 184 1.97 -51.33 -18.82
CA PRO C 184 2.68 -52.36 -19.57
C PRO C 184 3.80 -51.80 -20.47
N THR C 185 4.89 -52.53 -20.60
CA THR C 185 5.96 -52.32 -21.60
C THR C 185 5.88 -53.53 -22.54
N LEU C 186 6.60 -53.53 -23.66
CA LEU C 186 6.66 -54.73 -24.53
C LEU C 186 7.28 -55.86 -23.71
N HIS C 187 8.27 -55.54 -22.89
CA HIS C 187 8.98 -56.54 -22.02
C HIS C 187 8.01 -57.18 -21.01
N SER C 188 7.15 -56.40 -20.35
CA SER C 188 6.18 -56.91 -19.35
C SER C 188 5.09 -57.74 -20.06
N ILE C 189 4.61 -57.29 -21.23
CA ILE C 189 3.56 -58.04 -21.98
C ILE C 189 4.14 -59.40 -22.37
N VAL C 190 5.37 -59.43 -22.88
CA VAL C 190 5.97 -60.70 -23.38
C VAL C 190 6.25 -61.59 -22.16
N THR C 191 6.73 -61.01 -21.06
CA THR C 191 6.94 -61.75 -19.78
C THR C 191 5.62 -62.46 -19.39
N SER C 192 4.50 -61.75 -19.32
CA SER C 192 3.20 -62.26 -18.80
C SER C 192 2.47 -63.17 -19.80
N PHE C 193 2.48 -62.87 -21.09
CA PHE C 193 1.54 -63.45 -22.08
C PHE C 193 2.27 -64.20 -23.19
N LEU C 194 3.59 -64.01 -23.37
CA LEU C 194 4.34 -64.71 -24.45
C LEU C 194 5.74 -65.07 -23.97
N PRO C 195 5.89 -65.67 -22.77
CA PRO C 195 7.18 -65.74 -22.07
C PRO C 195 8.30 -66.50 -22.81
N HIS C 196 7.91 -67.51 -23.60
CA HIS C 196 8.85 -68.30 -24.45
C HIS C 196 9.57 -67.41 -25.48
N GLU C 197 9.11 -66.18 -25.78
CA GLU C 197 9.76 -65.32 -26.79
C GLU C 197 10.60 -64.21 -26.15
N LEU C 198 10.81 -64.23 -24.82
CA LEU C 198 11.76 -63.31 -24.13
C LEU C 198 13.11 -63.23 -24.83
N PRO C 199 13.73 -64.33 -25.32
CA PRO C 199 15.04 -64.23 -25.99
C PRO C 199 15.11 -63.20 -27.13
N LEU C 200 14.05 -63.06 -27.93
CA LEU C 200 13.99 -62.09 -29.06
C LEU C 200 14.24 -60.66 -28.55
N LEU C 201 13.93 -60.38 -27.27
CA LEU C 201 14.07 -59.03 -26.65
C LEU C 201 15.44 -58.86 -26.01
N GLU C 202 16.26 -59.92 -25.91
CA GLU C 202 17.61 -59.88 -25.29
C GLU C 202 18.51 -58.89 -26.03
N GLY C 203 19.04 -57.88 -25.31
CA GLY C 203 19.91 -56.82 -25.85
C GLY C 203 19.12 -55.73 -26.56
N MET C 204 17.80 -55.66 -26.33
CA MET C 204 16.89 -54.63 -26.85
C MET C 204 16.24 -53.94 -25.64
N GLU C 205 17.09 -53.31 -24.83
CA GLU C 205 16.80 -52.84 -23.44
C GLU C 205 15.65 -51.82 -23.45
N THR C 206 15.46 -51.11 -24.56
CA THR C 206 14.39 -50.11 -24.81
C THR C 206 12.98 -50.76 -24.81
N SER C 207 12.87 -52.08 -24.97
CA SER C 207 11.60 -52.85 -24.83
C SER C 207 11.05 -52.76 -23.39
N GLN C 208 11.89 -52.35 -22.42
CA GLN C 208 11.53 -52.13 -20.98
C GLN C 208 11.13 -50.66 -20.74
N GLY C 209 11.05 -49.84 -21.80
CA GLY C 209 10.41 -48.50 -21.79
C GLY C 209 8.99 -48.55 -22.32
N ILE C 210 8.25 -47.46 -22.15
CA ILE C 210 6.79 -47.36 -22.40
C ILE C 210 6.55 -47.35 -23.92
N GLN C 211 7.42 -46.64 -24.65
CA GLN C 211 7.30 -46.38 -26.11
C GLN C 211 7.52 -47.68 -26.89
N SER C 212 6.78 -47.83 -27.99
CA SER C 212 6.85 -48.93 -28.99
C SER C 212 8.31 -49.18 -29.40
N LEU C 213 8.71 -50.44 -29.50
CA LEU C 213 10.08 -50.82 -29.93
C LEU C 213 10.37 -50.24 -31.32
N GLY C 214 9.41 -50.31 -32.24
CA GLY C 214 9.57 -49.76 -33.60
C GLY C 214 9.75 -48.25 -33.56
N LEU C 215 9.00 -47.55 -32.70
CA LEU C 215 9.00 -46.06 -32.61
C LEU C 215 10.24 -45.55 -31.89
N ASN C 216 10.94 -46.40 -31.14
CA ASN C 216 12.04 -45.95 -30.27
C ASN C 216 13.36 -45.96 -31.05
N ALA C 217 13.67 -44.82 -31.67
CA ALA C 217 14.87 -44.59 -32.51
C ALA C 217 16.11 -44.29 -31.64
N GLY C 218 15.96 -44.29 -30.31
CA GLY C 218 17.09 -44.22 -29.35
C GLY C 218 18.00 -45.42 -29.48
N SER C 219 17.46 -46.59 -29.83
CA SER C 219 18.16 -47.89 -29.95
C SER C 219 19.22 -47.82 -31.06
N GLU C 220 20.26 -48.67 -30.95
CA GLU C 220 21.32 -48.85 -31.98
C GLU C 220 20.84 -49.87 -33.03
N HIS C 221 19.79 -50.64 -32.73
CA HIS C 221 19.17 -51.60 -33.68
C HIS C 221 18.39 -50.83 -34.75
N SER C 222 18.41 -51.33 -35.99
CA SER C 222 17.66 -50.76 -37.13
C SER C 222 16.15 -50.76 -36.86
N GLY C 223 15.42 -49.79 -37.41
CA GLY C 223 13.95 -49.73 -37.41
C GLY C 223 13.36 -51.00 -37.98
N ARG C 224 13.96 -51.52 -39.05
CA ARG C 224 13.45 -52.72 -39.73
C ARG C 224 13.42 -53.89 -38.72
N TYR C 225 14.54 -54.14 -38.03
CA TYR C 225 14.66 -55.28 -37.09
C TYR C 225 13.67 -55.06 -35.93
N ARG C 226 13.66 -53.86 -35.36
CA ARG C 226 12.83 -53.53 -34.18
C ARG C 226 11.35 -53.72 -34.52
N ALA C 227 10.91 -53.19 -35.67
CA ALA C 227 9.50 -53.26 -36.12
C ALA C 227 9.11 -54.71 -36.40
N SER C 228 9.99 -55.47 -37.03
CA SER C 228 9.73 -56.90 -37.36
C SER C 228 9.52 -57.69 -36.07
N VAL C 229 10.42 -57.55 -35.09
CA VAL C 229 10.34 -58.29 -33.80
C VAL C 229 9.03 -57.87 -33.10
N GLU C 230 8.81 -56.58 -32.98
CA GLU C 230 7.58 -56.04 -32.35
C GLU C 230 6.33 -56.65 -33.00
N SER C 231 6.26 -56.66 -34.34
CA SER C 231 5.04 -57.10 -35.07
C SER C 231 4.70 -58.53 -34.65
N ILE C 232 5.72 -59.38 -34.55
CA ILE C 232 5.55 -60.82 -34.18
C ILE C 232 5.14 -60.94 -32.71
N LEU C 233 5.86 -60.28 -31.82
CA LEU C 233 5.57 -60.39 -30.37
C LEU C 233 4.14 -59.90 -30.07
N ILE C 234 3.70 -58.85 -30.75
CA ILE C 234 2.42 -58.18 -30.45
C ILE C 234 1.26 -59.03 -30.99
N PHE C 235 1.39 -59.58 -32.21
CA PHE C 235 0.31 -60.37 -32.83
C PHE C 235 0.00 -61.57 -31.93
N ASN C 236 1.04 -62.29 -31.52
CA ASN C 236 0.92 -63.55 -30.73
C ASN C 236 0.47 -63.22 -29.29
N SER C 237 1.02 -62.18 -28.66
CA SER C 237 0.55 -61.67 -27.34
C SER C 237 -0.96 -61.35 -27.36
N MET C 238 -1.45 -60.74 -28.43
CA MET C 238 -2.86 -60.29 -28.52
C MET C 238 -3.81 -61.49 -28.65
N ASN C 239 -3.38 -62.59 -29.26
CA ASN C 239 -4.22 -63.81 -29.30
C ASN C 239 -4.40 -64.32 -27.87
N GLN C 240 -3.34 -64.32 -27.06
CA GLN C 240 -3.43 -64.76 -25.65
C GLN C 240 -4.33 -63.79 -24.88
N LEU C 241 -4.11 -62.49 -25.03
CA LEU C 241 -4.93 -61.45 -24.35
C LEU C 241 -6.41 -61.57 -24.74
N ASN C 242 -6.71 -61.83 -26.00
CA ASN C 242 -8.12 -62.02 -26.47
C ASN C 242 -8.75 -63.23 -25.78
N SER C 243 -8.03 -64.35 -25.61
CA SER C 243 -8.56 -65.51 -24.86
C SER C 243 -8.88 -65.08 -23.42
N LEU C 244 -7.98 -64.37 -22.76
CA LEU C 244 -8.19 -63.94 -21.35
C LEU C 244 -9.42 -63.00 -21.27
N LEU C 245 -9.54 -62.03 -22.19
CA LEU C 245 -10.72 -61.12 -22.23
C LEU C 245 -12.02 -61.93 -22.35
N GLN C 246 -12.03 -62.94 -23.22
CA GLN C 246 -13.22 -63.79 -23.45
C GLN C 246 -13.55 -64.58 -22.18
N LYS C 247 -12.54 -65.13 -21.49
CA LYS C 247 -12.77 -65.87 -20.23
C LYS C 247 -13.39 -64.92 -19.19
N GLU C 248 -12.94 -63.68 -19.12
CA GLU C 248 -13.41 -62.69 -18.10
C GLU C 248 -14.67 -61.96 -18.59
N ASN C 249 -15.11 -62.19 -19.84
CA ASN C 249 -16.35 -61.60 -20.40
C ASN C 249 -16.16 -60.08 -20.58
N LEU C 250 -14.96 -59.65 -20.98
CA LEU C 250 -14.60 -58.22 -21.16
C LEU C 250 -14.34 -57.91 -22.64
N GLN C 251 -14.58 -58.85 -23.54
CA GLN C 251 -14.28 -58.62 -24.98
C GLN C 251 -15.24 -57.60 -25.58
N ASP C 252 -16.53 -57.62 -25.22
CA ASP C 252 -17.51 -56.62 -25.73
C ASP C 252 -17.05 -55.22 -25.27
N VAL C 253 -16.68 -55.09 -23.99
CA VAL C 253 -16.21 -53.80 -23.42
C VAL C 253 -15.01 -53.35 -24.24
N PHE C 254 -14.06 -54.25 -24.53
CA PHE C 254 -12.79 -53.97 -25.23
C PHE C 254 -13.07 -53.43 -26.64
N ARG C 255 -13.94 -54.11 -27.39
CA ARG C 255 -14.18 -53.78 -28.83
C ARG C 255 -15.17 -52.61 -28.98
N LYS C 256 -16.20 -52.52 -28.14
CA LYS C 256 -17.29 -51.52 -28.31
C LYS C 256 -17.01 -50.22 -27.52
N VAL C 257 -16.21 -50.22 -26.44
CA VAL C 257 -16.01 -49.03 -25.58
C VAL C 257 -14.54 -48.63 -25.52
N GLU C 258 -13.65 -49.48 -25.01
CA GLU C 258 -12.26 -49.08 -24.69
C GLU C 258 -11.49 -48.74 -25.97
N MET C 259 -11.52 -49.57 -27.01
CA MET C 259 -10.68 -49.27 -28.20
C MET C 259 -11.29 -48.09 -28.95
N PRO C 260 -12.62 -48.00 -29.16
CA PRO C 260 -13.21 -46.79 -29.74
C PRO C 260 -12.89 -45.50 -28.95
N SER C 261 -12.86 -45.59 -27.60
CA SER C 261 -12.44 -44.47 -26.72
C SER C 261 -10.99 -44.11 -27.06
N GLN C 262 -10.09 -45.08 -27.31
CA GLN C 262 -8.71 -44.76 -27.76
C GLN C 262 -8.76 -44.02 -29.10
N TYR C 263 -9.67 -44.38 -30.00
CA TYR C 263 -9.76 -43.73 -31.33
C TYR C 263 -10.18 -42.27 -31.09
N CYS C 264 -11.23 -42.02 -30.32
CA CYS C 264 -11.63 -40.62 -29.94
C CYS C 264 -10.45 -39.87 -29.33
N LEU C 265 -9.64 -40.49 -28.48
CA LEU C 265 -8.52 -39.78 -27.84
C LEU C 265 -7.42 -39.50 -28.86
N ALA C 266 -7.24 -40.36 -29.86
CA ALA C 266 -6.30 -40.08 -30.98
C ALA C 266 -6.72 -38.78 -31.69
N LEU C 267 -8.02 -38.61 -31.95
CA LEU C 267 -8.54 -37.39 -32.65
C LEU C 267 -8.27 -36.17 -31.76
N LEU C 268 -8.50 -36.30 -30.45
CA LEU C 268 -8.26 -35.22 -29.45
C LEU C 268 -6.78 -34.81 -29.49
N GLU C 269 -5.89 -35.79 -29.49
CA GLU C 269 -4.45 -35.49 -29.50
C GLU C 269 -4.02 -34.90 -30.84
N LEU C 270 -4.67 -35.29 -31.93
CA LEU C 270 -4.38 -34.68 -33.25
C LEU C 270 -4.94 -33.25 -33.26
N ASN C 271 -6.11 -33.03 -32.66
CA ASN C 271 -6.76 -31.68 -32.62
C ASN C 271 -5.94 -30.72 -31.80
N GLY C 272 -5.44 -31.14 -30.63
CA GLY C 272 -4.89 -30.21 -29.63
C GLY C 272 -5.93 -29.20 -29.16
N ILE C 273 -5.56 -28.28 -28.29
CA ILE C 273 -6.50 -27.25 -27.75
C ILE C 273 -5.87 -25.88 -28.01
N GLY C 274 -6.65 -24.96 -28.56
CA GLY C 274 -6.17 -23.61 -28.90
C GLY C 274 -5.71 -22.87 -27.66
N PHE C 275 -4.65 -22.07 -27.79
CA PHE C 275 -3.97 -21.42 -26.66
C PHE C 275 -3.53 -20.03 -27.09
N SER C 276 -3.86 -19.03 -26.28
CA SER C 276 -3.43 -17.63 -26.46
C SER C 276 -2.27 -17.32 -25.50
N THR C 277 -1.06 -17.26 -26.04
CA THR C 277 0.17 -16.92 -25.30
C THR C 277 0.01 -15.51 -24.69
N ALA C 278 -0.65 -14.60 -25.41
CA ALA C 278 -0.85 -13.21 -24.97
C ALA C 278 -1.72 -13.17 -23.71
N GLU C 279 -2.83 -13.92 -23.69
CA GLU C 279 -3.74 -13.96 -22.53
C GLU C 279 -2.98 -14.55 -21.32
N CYS C 280 -2.26 -15.66 -21.52
CA CYS C 280 -1.40 -16.29 -20.50
C CYS C 280 -0.37 -15.30 -19.91
N GLU C 281 0.39 -14.57 -20.75
CA GLU C 281 1.49 -13.64 -20.33
C GLU C 281 0.90 -12.52 -19.45
N SER C 282 -0.23 -11.97 -19.85
CA SER C 282 -0.83 -10.81 -19.14
C SER C 282 -1.32 -11.28 -17.75
N GLN C 283 -1.83 -12.50 -17.65
CA GLN C 283 -2.20 -13.08 -16.33
C GLN C 283 -0.94 -13.33 -15.51
N LYS C 284 0.10 -13.90 -16.11
CA LYS C 284 1.40 -14.14 -15.45
C LYS C 284 1.88 -12.84 -14.81
N HIS C 285 1.85 -11.72 -15.53
CA HIS C 285 2.44 -10.44 -15.04
C HIS C 285 1.64 -9.89 -13.86
N ILE C 286 0.32 -10.02 -13.88
CA ILE C 286 -0.54 -9.64 -12.71
C ILE C 286 -0.20 -10.53 -11.51
N MET C 287 -0.11 -11.84 -11.73
CA MET C 287 0.22 -12.81 -10.66
C MET C 287 1.60 -12.50 -10.09
N GLN C 288 2.57 -12.16 -10.92
CA GLN C 288 3.97 -11.94 -10.47
C GLN C 288 4.04 -10.66 -9.64
N ALA C 289 3.27 -9.64 -9.99
CA ALA C 289 3.19 -8.37 -9.24
C ALA C 289 2.59 -8.63 -7.85
N LYS C 290 1.59 -9.51 -7.77
CA LYS C 290 0.93 -9.86 -6.49
C LYS C 290 1.90 -10.70 -5.64
N LEU C 291 2.63 -11.62 -6.25
CA LEU C 291 3.67 -12.42 -5.55
C LEU C 291 4.70 -11.47 -4.90
N ASP C 292 5.10 -10.42 -5.62
CA ASP C 292 6.10 -9.43 -5.13
C ASP C 292 5.55 -8.71 -3.89
N ALA C 293 4.33 -8.18 -3.96
CA ALA C 293 3.65 -7.45 -2.86
C ALA C 293 3.41 -8.40 -1.68
N ILE C 294 3.01 -9.65 -1.93
CA ILE C 294 2.82 -10.65 -0.85
C ILE C 294 4.15 -10.89 -0.13
N GLU C 295 5.23 -11.10 -0.86
CA GLU C 295 6.56 -11.34 -0.25
C GLU C 295 6.92 -10.13 0.62
N THR C 296 6.87 -8.92 0.08
CA THR C 296 7.29 -7.68 0.80
C THR C 296 6.46 -7.52 2.09
N GLN C 297 5.16 -7.81 2.05
CA GLN C 297 4.27 -7.70 3.24
C GLN C 297 4.56 -8.85 4.22
N ALA C 298 4.71 -10.08 3.72
CA ALA C 298 5.08 -11.25 4.55
C ALA C 298 6.36 -10.95 5.35
N TYR C 299 7.41 -10.45 4.68
CA TYR C 299 8.74 -10.26 5.27
C TYR C 299 8.70 -9.14 6.31
N GLN C 300 7.81 -8.14 6.16
CA GLN C 300 7.65 -7.07 7.18
C GLN C 300 6.93 -7.64 8.41
N LEU C 301 5.89 -8.45 8.23
CA LEU C 301 5.18 -9.11 9.35
C LEU C 301 6.13 -10.07 10.08
N ALA C 302 6.94 -10.84 9.36
CA ALA C 302 7.88 -11.85 9.93
C ALA C 302 9.07 -11.17 10.61
N GLY C 303 9.44 -9.98 10.15
CA GLY C 303 10.62 -9.23 10.64
C GLY C 303 11.87 -9.55 9.87
N HIS C 304 11.89 -10.63 9.10
CA HIS C 304 13.07 -11.04 8.28
C HIS C 304 12.60 -11.84 7.07
N SER C 305 13.47 -12.03 6.07
CA SER C 305 13.28 -13.04 4.99
C SER C 305 12.97 -14.39 5.64
N PHE C 306 12.14 -15.18 4.97
CA PHE C 306 11.92 -16.62 5.24
C PHE C 306 11.54 -17.23 3.89
N SER C 307 11.83 -18.51 3.70
CA SER C 307 11.44 -19.28 2.50
C SER C 307 9.99 -19.73 2.66
N PHE C 308 9.14 -19.40 1.69
CA PHE C 308 7.71 -19.83 1.60
C PHE C 308 7.62 -21.34 1.35
N THR C 309 8.74 -21.96 0.96
CA THR C 309 8.83 -23.39 0.53
C THR C 309 9.30 -24.27 1.71
N SER C 310 9.75 -23.66 2.82
CA SER C 310 10.29 -24.36 4.02
C SER C 310 9.24 -24.34 5.14
N SER C 311 8.63 -25.50 5.40
CA SER C 311 7.68 -25.72 6.52
C SER C 311 8.34 -25.32 7.85
N ASP C 312 9.63 -25.65 8.01
CA ASP C 312 10.44 -25.31 9.22
C ASP C 312 10.41 -23.80 9.45
N ASP C 313 10.78 -22.99 8.43
CA ASP C 313 10.83 -21.51 8.51
C ASP C 313 9.46 -20.99 8.93
N ILE C 314 8.41 -21.44 8.25
CA ILE C 314 7.01 -20.97 8.45
C ILE C 314 6.57 -21.33 9.87
N ALA C 315 6.93 -22.52 10.36
CA ALA C 315 6.60 -23.00 11.72
C ALA C 315 7.33 -22.13 12.76
N GLU C 316 8.61 -21.81 12.53
CA GLU C 316 9.41 -20.95 13.43
C GLU C 316 8.65 -19.63 13.59
N VAL C 317 8.22 -19.03 12.46
CA VAL C 317 7.58 -17.68 12.47
C VAL C 317 6.17 -17.77 13.08
N LEU C 318 5.34 -18.73 12.66
CA LEU C 318 3.93 -18.79 13.12
C LEU C 318 3.86 -19.12 14.62
N PHE C 319 4.66 -20.09 15.11
CA PHE C 319 4.42 -20.78 16.41
C PHE C 319 5.41 -20.31 17.48
N LEU C 320 6.69 -20.13 17.14
CA LEU C 320 7.71 -19.61 18.08
C LEU C 320 7.63 -18.08 18.16
N GLU C 321 7.58 -17.39 17.02
CA GLU C 321 7.80 -15.92 16.93
C GLU C 321 6.47 -15.15 17.06
N LEU C 322 5.38 -15.65 16.49
CA LEU C 322 4.02 -15.05 16.58
C LEU C 322 3.20 -15.76 17.66
N LYS C 323 3.65 -16.91 18.17
CA LYS C 323 2.99 -17.65 19.27
C LYS C 323 1.49 -17.80 18.97
N LEU C 324 1.15 -18.34 17.79
CA LEU C 324 -0.24 -18.69 17.39
C LEU C 324 -0.57 -20.09 17.91
N PRO C 325 -1.86 -20.41 18.15
CA PRO C 325 -2.26 -21.74 18.59
C PRO C 325 -2.16 -22.87 17.56
N PRO C 326 -1.56 -24.03 17.91
CA PRO C 326 -1.63 -25.24 17.07
C PRO C 326 -2.66 -26.30 17.48
N PHE C 358 5.04 -29.44 14.50
CA PHE C 358 4.04 -28.36 14.24
C PHE C 358 3.67 -28.36 12.75
N SER C 359 2.43 -28.75 12.41
CA SER C 359 1.90 -28.78 11.01
C SER C 359 1.72 -27.35 10.47
N THR C 360 1.93 -27.15 9.17
CA THR C 360 1.69 -25.86 8.45
C THR C 360 0.89 -26.18 7.18
N SER C 361 -0.01 -27.15 7.29
CA SER C 361 -0.87 -27.61 6.18
C SER C 361 -1.91 -26.53 5.87
N LYS C 362 -2.58 -26.70 4.73
CA LYS C 362 -3.70 -25.85 4.28
C LYS C 362 -4.73 -25.75 5.41
N ASP C 363 -5.06 -26.88 6.06
CA ASP C 363 -6.16 -26.97 7.08
C ASP C 363 -5.81 -26.07 8.28
N VAL C 364 -4.57 -26.18 8.76
CA VAL C 364 -4.05 -25.33 9.88
C VAL C 364 -4.13 -23.84 9.46
N LEU C 365 -3.56 -23.45 8.32
CA LEU C 365 -3.40 -22.02 7.95
C LEU C 365 -4.78 -21.43 7.66
N ASN C 366 -5.70 -22.27 7.20
CA ASN C 366 -7.08 -21.87 6.88
C ASN C 366 -7.80 -21.43 8.18
N LYS C 367 -7.58 -22.16 9.28
CA LYS C 367 -8.10 -21.79 10.62
C LYS C 367 -7.42 -20.50 11.07
N LEU C 368 -6.08 -20.43 10.98
CA LEU C 368 -5.28 -19.36 11.62
C LEU C 368 -5.44 -18.02 10.90
N LYS C 369 -5.92 -17.98 9.65
CA LYS C 369 -6.03 -16.71 8.89
C LYS C 369 -7.06 -15.80 9.57
N ALA C 370 -7.96 -16.37 10.37
CA ALA C 370 -8.89 -15.58 11.21
C ALA C 370 -8.15 -14.81 12.33
N LEU C 371 -6.89 -15.14 12.66
CA LEU C 371 -6.18 -14.56 13.83
C LEU C 371 -5.06 -13.59 13.44
N HIS C 372 -4.55 -13.64 12.22
CA HIS C 372 -3.30 -12.95 11.80
C HIS C 372 -3.24 -12.97 10.27
N PRO C 373 -2.75 -11.89 9.63
CA PRO C 373 -2.70 -11.85 8.16
C PRO C 373 -1.71 -12.85 7.49
N LEU C 374 -0.65 -13.27 8.18
CA LEU C 374 0.48 -14.02 7.54
C LEU C 374 0.06 -15.41 7.03
N PRO C 375 -0.70 -16.24 7.78
CA PRO C 375 -1.20 -17.50 7.21
C PRO C 375 -2.00 -17.41 5.90
N GLY C 376 -2.81 -16.36 5.75
CA GLY C 376 -3.53 -16.03 4.51
C GLY C 376 -2.56 -15.70 3.38
N LEU C 377 -1.54 -14.89 3.66
CA LEU C 377 -0.49 -14.56 2.67
C LEU C 377 0.21 -15.85 2.22
N ILE C 378 0.52 -16.76 3.16
CA ILE C 378 1.18 -18.05 2.83
C ILE C 378 0.29 -18.79 1.83
N LEU C 379 -1.01 -18.85 2.09
CA LEU C 379 -1.95 -19.65 1.27
C LEU C 379 -2.02 -19.06 -0.13
N GLU C 380 -2.03 -17.75 -0.21
CA GLU C 380 -2.15 -17.03 -1.51
C GLU C 380 -0.83 -17.17 -2.27
N TRP C 381 0.29 -17.09 -1.58
CA TRP C 381 1.61 -17.32 -2.19
C TRP C 381 1.64 -18.69 -2.85
N ARG C 382 1.17 -19.75 -2.18
CA ARG C 382 1.25 -21.12 -2.73
C ARG C 382 0.32 -21.23 -3.94
N ARG C 383 -0.83 -20.56 -3.88
CA ARG C 383 -1.85 -20.64 -4.94
C ARG C 383 -1.27 -19.98 -6.20
N ILE C 384 -0.69 -18.80 -6.03
CA ILE C 384 -0.18 -18.03 -7.19
C ILE C 384 1.12 -18.67 -7.70
N THR C 385 2.03 -19.10 -6.83
CA THR C 385 3.30 -19.76 -7.23
C THR C 385 2.95 -21.01 -8.04
N ASN C 386 1.88 -21.70 -7.66
CA ASN C 386 1.39 -22.88 -8.39
C ASN C 386 0.98 -22.46 -9.81
N ALA C 387 0.19 -21.41 -9.96
CA ALA C 387 -0.31 -20.96 -11.27
C ALA C 387 0.88 -20.54 -12.15
N ILE C 388 1.91 -19.88 -11.59
CA ILE C 388 3.06 -19.39 -12.40
C ILE C 388 3.96 -20.58 -12.77
N THR C 389 4.39 -21.40 -11.82
CA THR C 389 5.49 -22.38 -12.01
C THR C 389 4.97 -23.72 -12.51
N LYS C 390 3.72 -24.11 -12.20
CA LYS C 390 3.14 -25.40 -12.62
C LYS C 390 2.09 -25.25 -13.71
N VAL C 391 1.71 -24.05 -14.12
CA VAL C 391 0.68 -23.91 -15.19
C VAL C 391 1.22 -23.01 -16.30
N VAL C 392 1.55 -21.76 -16.01
CA VAL C 392 2.08 -20.84 -17.06
C VAL C 392 3.37 -21.41 -17.67
N PHE C 393 4.35 -21.82 -16.87
CA PHE C 393 5.68 -22.23 -17.39
C PHE C 393 5.49 -23.42 -18.34
N PRO C 394 4.82 -24.52 -17.95
CA PRO C 394 4.63 -25.64 -18.85
C PRO C 394 3.77 -25.34 -20.10
N LEU C 395 2.73 -24.55 -19.99
CA LEU C 395 1.91 -24.17 -21.18
C LEU C 395 2.77 -23.36 -22.17
N GLN C 396 3.56 -22.42 -21.70
CA GLN C 396 4.41 -21.59 -22.59
C GLN C 396 5.49 -22.48 -23.23
N ARG C 397 5.93 -23.53 -22.55
CA ARG C 397 7.01 -24.42 -23.02
C ARG C 397 6.44 -25.34 -24.11
N GLU C 398 5.18 -25.73 -24.03
CA GLU C 398 4.56 -26.81 -24.84
C GLU C 398 3.76 -26.27 -26.01
N LYS C 399 3.46 -24.97 -26.03
CA LYS C 399 2.63 -24.39 -27.10
C LYS C 399 3.37 -24.57 -28.44
N CYS C 400 2.61 -24.71 -29.52
CA CYS C 400 3.11 -25.12 -30.84
C CYS C 400 2.27 -24.44 -31.91
N LEU C 401 2.89 -23.69 -32.82
CA LEU C 401 2.17 -23.01 -33.93
C LEU C 401 1.48 -24.05 -34.82
N ASN C 402 0.18 -23.89 -35.07
CA ASN C 402 -0.53 -24.60 -36.16
C ASN C 402 -0.68 -23.60 -37.30
N PRO C 403 0.13 -23.72 -38.39
CA PRO C 403 0.13 -22.72 -39.45
C PRO C 403 -1.16 -22.71 -40.30
N PHE C 404 -1.96 -23.78 -40.28
CA PHE C 404 -3.22 -23.90 -41.08
C PHE C 404 -4.32 -23.10 -40.38
N LEU C 405 -4.56 -23.36 -39.10
CA LEU C 405 -5.57 -22.63 -38.28
C LEU C 405 -5.09 -21.20 -37.99
N GLY C 406 -3.78 -20.96 -37.99
CA GLY C 406 -3.16 -19.64 -37.80
C GLY C 406 -3.21 -19.24 -36.34
N MET C 407 -2.85 -20.15 -35.43
CA MET C 407 -2.96 -19.99 -33.96
C MET C 407 -2.02 -21.00 -33.29
N GLU C 408 -1.69 -20.76 -32.03
CA GLU C 408 -0.92 -21.69 -31.21
C GLU C 408 -1.89 -22.70 -30.60
N ARG C 409 -1.43 -23.94 -30.42
CA ARG C 409 -2.23 -24.97 -29.73
C ARG C 409 -1.31 -25.72 -28.78
N ILE C 410 -1.93 -26.46 -27.86
CA ILE C 410 -1.22 -27.38 -26.96
C ILE C 410 -1.71 -28.78 -27.26
N TYR C 411 -0.75 -29.72 -27.36
CA TYR C 411 -0.98 -31.12 -27.78
C TYR C 411 -0.64 -32.00 -26.60
N PRO C 412 -1.60 -32.23 -25.68
CA PRO C 412 -1.34 -33.10 -24.54
C PRO C 412 -1.45 -34.55 -24.99
N VAL C 413 -0.93 -35.45 -24.15
CA VAL C 413 -0.94 -36.91 -24.41
C VAL C 413 -1.95 -37.53 -23.47
N SER C 414 -2.92 -38.29 -23.97
CA SER C 414 -3.96 -38.94 -23.16
C SER C 414 -3.33 -40.14 -22.44
N GLN C 415 -3.89 -40.48 -21.29
CA GLN C 415 -3.43 -41.56 -20.40
C GLN C 415 -4.71 -42.21 -19.88
N SER C 416 -4.94 -43.46 -20.29
CA SER C 416 -6.15 -44.24 -19.98
C SER C 416 -5.83 -45.35 -18.96
N HIS C 417 -4.58 -45.47 -18.54
CA HIS C 417 -4.20 -46.57 -17.61
C HIS C 417 -4.37 -46.05 -16.17
N THR C 418 -5.61 -46.06 -15.66
CA THR C 418 -5.97 -45.45 -14.36
C THR C 418 -6.71 -46.48 -13.54
N ALA C 419 -6.79 -46.29 -12.23
CA ALA C 419 -7.37 -47.27 -11.28
C ALA C 419 -8.86 -47.51 -11.54
N THR C 420 -9.58 -46.51 -12.03
CA THR C 420 -11.06 -46.52 -12.10
C THR C 420 -11.54 -46.36 -13.53
N GLY C 421 -10.66 -46.10 -14.49
CA GLY C 421 -11.03 -45.98 -15.92
C GLY C 421 -11.32 -44.53 -16.31
N ARG C 422 -10.99 -43.59 -15.45
CA ARG C 422 -10.95 -42.17 -15.85
C ARG C 422 -9.85 -42.02 -16.88
N ILE C 423 -9.91 -40.92 -17.62
CA ILE C 423 -8.86 -40.50 -18.57
C ILE C 423 -8.21 -39.25 -18.01
N THR C 424 -6.89 -39.17 -18.10
CA THR C 424 -6.11 -37.99 -17.65
C THR C 424 -5.16 -37.62 -18.78
N PHE C 425 -4.38 -36.58 -18.59
CA PHE C 425 -3.47 -36.05 -19.61
C PHE C 425 -2.14 -35.74 -18.98
N THR C 426 -1.11 -35.77 -19.80
CA THR C 426 0.29 -35.42 -19.42
C THR C 426 0.82 -34.45 -20.46
N GLU C 427 1.86 -33.72 -20.08
CA GLU C 427 2.76 -32.97 -20.99
C GLU C 427 1.94 -32.03 -21.84
N PRO C 428 1.24 -31.05 -21.23
CA PRO C 428 1.10 -30.92 -19.76
C PRO C 428 -0.27 -31.47 -19.31
N ASN C 429 -0.53 -31.58 -18.00
CA ASN C 429 -1.88 -32.05 -17.56
C ASN C 429 -2.84 -30.87 -17.46
N ILE C 430 -3.52 -30.60 -18.57
CA ILE C 430 -4.51 -29.52 -18.81
C ILE C 430 -5.70 -29.70 -17.88
N GLN C 431 -5.97 -30.90 -17.39
CA GLN C 431 -7.07 -31.06 -16.42
C GLN C 431 -6.80 -30.24 -15.15
N ASN C 432 -5.56 -29.81 -14.87
CA ASN C 432 -5.19 -29.19 -13.58
C ASN C 432 -5.13 -27.67 -13.72
N VAL C 433 -5.59 -27.12 -14.83
CA VAL C 433 -5.62 -25.66 -15.01
C VAL C 433 -6.56 -25.10 -13.95
N PRO C 434 -6.06 -24.20 -13.09
CA PRO C 434 -6.85 -23.60 -12.01
C PRO C 434 -8.23 -23.11 -12.47
N ARG C 435 -9.19 -23.32 -11.56
CA ARG C 435 -10.49 -22.58 -11.49
C ARG C 435 -10.18 -21.08 -11.42
N ASP C 436 -11.12 -20.26 -11.91
CA ASP C 436 -11.13 -18.78 -11.74
C ASP C 436 -10.84 -18.45 -10.27
N PHE C 437 -10.02 -17.42 -10.01
CA PHE C 437 -9.87 -16.82 -8.66
C PHE C 437 -9.54 -15.34 -8.78
N GLU C 438 -9.63 -14.65 -7.64
CA GLU C 438 -9.54 -13.19 -7.55
C GLU C 438 -8.25 -12.82 -6.83
N ILE C 439 -7.56 -11.81 -7.35
CA ILE C 439 -6.42 -11.12 -6.72
C ILE C 439 -6.86 -9.67 -6.44
N LYS C 440 -6.62 -9.19 -5.23
CA LYS C 440 -6.81 -7.75 -4.87
C LYS C 440 -5.44 -7.07 -4.80
N MET C 441 -5.30 -5.93 -5.46
CA MET C 441 -4.10 -5.05 -5.30
C MET C 441 -4.57 -3.61 -5.30
N GLY C 442 -4.08 -2.82 -4.34
CA GLY C 442 -4.48 -1.41 -4.17
C GLY C 442 -6.00 -1.27 -4.13
N GLY C 443 -6.66 -2.23 -3.46
CA GLY C 443 -8.11 -2.23 -3.32
C GLY C 443 -8.86 -2.50 -4.62
N MET C 444 -8.19 -2.95 -5.69
CA MET C 444 -8.84 -3.24 -6.99
C MET C 444 -8.80 -4.75 -7.24
N PRO C 445 -9.92 -5.36 -7.66
CA PRO C 445 -9.96 -6.80 -7.94
C PRO C 445 -9.50 -7.10 -9.37
N PHE C 446 -8.68 -8.14 -9.54
CA PHE C 446 -8.31 -8.69 -10.87
C PHE C 446 -8.73 -10.15 -10.91
N SER C 447 -9.52 -10.51 -11.92
CA SER C 447 -9.99 -11.89 -12.18
C SER C 447 -8.82 -12.65 -12.83
N ILE C 448 -8.34 -13.72 -12.21
CA ILE C 448 -7.34 -14.60 -12.87
C ILE C 448 -8.09 -15.82 -13.39
N SER C 449 -8.30 -15.88 -14.69
CA SER C 449 -8.98 -16.99 -15.36
C SER C 449 -7.99 -17.63 -16.34
N MET C 450 -7.20 -18.58 -15.85
CA MET C 450 -6.18 -19.28 -16.69
C MET C 450 -6.90 -20.01 -17.82
N ARG C 451 -8.12 -20.49 -17.59
CA ARG C 451 -8.93 -21.19 -18.61
C ARG C 451 -9.24 -20.25 -19.77
N HIS C 452 -9.22 -18.93 -19.54
CA HIS C 452 -9.51 -17.92 -20.58
C HIS C 452 -8.44 -17.94 -21.66
N ALA C 453 -7.28 -18.55 -21.42
CA ALA C 453 -6.19 -18.63 -22.42
C ALA C 453 -6.47 -19.74 -23.44
N PHE C 454 -7.47 -20.58 -23.20
CA PHE C 454 -7.82 -21.71 -24.09
C PHE C 454 -8.96 -21.28 -25.00
N VAL C 455 -8.65 -21.08 -26.27
CA VAL C 455 -9.54 -20.38 -27.25
C VAL C 455 -9.80 -21.31 -28.41
N PRO C 456 -10.94 -21.14 -29.10
CA PRO C 456 -11.21 -21.86 -30.35
C PRO C 456 -10.47 -21.20 -31.52
N PHE C 457 -10.42 -21.84 -32.68
CA PHE C 457 -9.93 -21.25 -33.95
C PHE C 457 -10.82 -20.05 -34.27
N PRO C 458 -10.30 -19.05 -35.00
CA PRO C 458 -11.11 -17.90 -35.39
C PRO C 458 -12.44 -18.28 -36.08
N GLY C 459 -13.55 -17.71 -35.58
CA GLY C 459 -14.92 -18.04 -35.99
C GLY C 459 -15.55 -19.08 -35.07
N GLY C 460 -14.74 -19.98 -34.49
CA GLY C 460 -15.23 -21.11 -33.69
C GLY C 460 -15.74 -20.73 -32.31
N SER C 461 -16.40 -21.68 -31.66
CA SER C 461 -16.78 -21.62 -30.23
C SER C 461 -16.24 -22.84 -29.48
N ILE C 462 -15.99 -22.68 -28.18
CA ILE C 462 -15.79 -23.81 -27.22
C ILE C 462 -17.18 -24.20 -26.74
N LEU C 463 -17.49 -25.48 -26.84
CA LEU C 463 -18.72 -26.07 -26.25
C LEU C 463 -18.27 -27.01 -25.13
N ALA C 464 -18.82 -26.81 -23.94
CA ALA C 464 -18.66 -27.71 -22.78
C ALA C 464 -20.04 -28.29 -22.45
N ALA C 465 -20.12 -29.61 -22.36
CA ALA C 465 -21.32 -30.32 -21.88
C ALA C 465 -20.91 -31.13 -20.65
N ASP C 466 -21.53 -30.85 -19.51
CA ASP C 466 -21.19 -31.54 -18.23
C ASP C 466 -22.45 -32.23 -17.70
N TYR C 467 -22.27 -33.48 -17.27
CA TYR C 467 -23.28 -34.23 -16.48
C TYR C 467 -23.45 -33.51 -15.13
N SER C 468 -24.67 -33.14 -14.75
CA SER C 468 -24.98 -32.64 -13.40
C SER C 468 -24.93 -33.78 -12.38
N GLN C 469 -23.98 -33.74 -11.46
CA GLN C 469 -23.89 -34.68 -10.31
C GLN C 469 -23.98 -36.11 -10.81
N LEU C 470 -23.12 -36.50 -11.75
CA LEU C 470 -23.16 -37.86 -12.35
C LEU C 470 -22.91 -38.92 -11.27
N GLU C 471 -21.91 -38.74 -10.43
CA GLU C 471 -21.56 -39.70 -9.35
C GLU C 471 -22.71 -39.78 -8.34
N LEU C 472 -23.39 -38.68 -8.06
CA LEU C 472 -24.55 -38.71 -7.12
C LEU C 472 -25.74 -39.40 -7.79
N ARG C 473 -25.93 -39.20 -9.11
CA ARG C 473 -27.03 -39.85 -9.87
C ARG C 473 -26.82 -41.37 -9.89
N ILE C 474 -25.58 -41.81 -10.10
CA ILE C 474 -25.25 -43.26 -10.07
C ILE C 474 -25.48 -43.79 -8.65
N LEU C 475 -25.08 -43.04 -7.61
CA LEU C 475 -25.24 -43.49 -6.20
C LEU C 475 -26.73 -43.58 -5.84
N ALA C 476 -27.55 -42.62 -6.29
CA ALA C 476 -29.02 -42.64 -6.11
C ALA C 476 -29.58 -43.91 -6.75
N HIS C 477 -29.18 -44.21 -7.99
CA HIS C 477 -29.66 -45.36 -8.78
C HIS C 477 -29.39 -46.67 -8.04
N LEU C 478 -28.23 -46.77 -7.36
CA LEU C 478 -27.78 -48.02 -6.70
C LEU C 478 -28.32 -48.12 -5.26
N SER C 479 -28.73 -47.02 -4.63
CA SER C 479 -29.11 -46.96 -3.20
C SER C 479 -30.59 -46.56 -2.99
N HIS C 480 -31.25 -45.98 -4.00
CA HIS C 480 -32.65 -45.48 -3.97
C HIS C 480 -32.89 -44.54 -2.78
N ASP C 481 -31.84 -43.88 -2.29
CA ASP C 481 -31.88 -43.04 -1.08
C ASP C 481 -32.85 -41.87 -1.31
N ARG C 482 -33.91 -41.79 -0.50
CA ARG C 482 -35.07 -40.87 -0.68
C ARG C 482 -34.63 -39.40 -0.53
N ARG C 483 -33.74 -39.08 0.43
CA ARG C 483 -33.28 -37.68 0.67
C ARG C 483 -32.37 -37.22 -0.49
N LEU C 484 -31.47 -38.07 -0.96
CA LEU C 484 -30.59 -37.82 -2.14
C LEU C 484 -31.43 -37.57 -3.39
N ILE C 485 -32.49 -38.36 -3.62
CA ILE C 485 -33.39 -38.24 -4.81
C ILE C 485 -34.17 -36.90 -4.76
N GLN C 486 -34.61 -36.46 -3.59
CA GLN C 486 -35.24 -35.11 -3.43
C GLN C 486 -34.23 -34.04 -3.91
N VAL C 487 -33.03 -34.06 -3.33
CA VAL C 487 -31.93 -33.09 -3.62
C VAL C 487 -31.73 -33.00 -5.14
N LEU C 488 -31.59 -34.14 -5.82
CA LEU C 488 -31.31 -34.21 -7.29
C LEU C 488 -32.53 -33.72 -8.09
N ASN C 489 -33.76 -34.03 -7.67
CA ASN C 489 -35.03 -33.62 -8.35
C ASN C 489 -35.19 -32.09 -8.32
N THR C 490 -34.87 -31.46 -7.18
CA THR C 490 -35.07 -30.01 -6.88
C THR C 490 -33.96 -29.14 -7.50
N GLY C 491 -32.91 -29.76 -8.05
CA GLY C 491 -31.73 -29.03 -8.58
C GLY C 491 -31.11 -28.13 -7.53
N ALA C 492 -31.24 -28.49 -6.25
CA ALA C 492 -30.64 -27.75 -5.11
C ALA C 492 -29.12 -27.82 -5.20
N ASP C 493 -28.45 -26.66 -5.11
CA ASP C 493 -26.99 -26.59 -4.88
C ASP C 493 -26.76 -27.01 -3.43
N VAL C 494 -26.44 -28.30 -3.29
CA VAL C 494 -26.30 -29.00 -1.98
C VAL C 494 -25.07 -28.42 -1.27
N PHE C 495 -24.03 -28.13 -2.03
CA PHE C 495 -22.72 -27.65 -1.54
C PHE C 495 -22.88 -26.21 -1.04
N ARG C 496 -23.78 -25.44 -1.67
CA ARG C 496 -24.19 -24.09 -1.23
C ARG C 496 -24.91 -24.19 0.14
N SER C 497 -25.93 -25.05 0.25
CA SER C 497 -26.68 -25.29 1.52
C SER C 497 -25.69 -25.61 2.63
N ILE C 498 -24.75 -26.54 2.40
CA ILE C 498 -23.75 -27.00 3.40
C ILE C 498 -22.89 -25.80 3.82
N ALA C 499 -22.36 -25.05 2.86
CA ALA C 499 -21.47 -23.88 3.07
C ALA C 499 -22.18 -22.80 3.91
N ALA C 500 -23.47 -22.53 3.60
CA ALA C 500 -24.31 -21.49 4.26
C ALA C 500 -24.55 -21.84 5.74
N GLU C 501 -25.17 -23.00 6.00
CA GLU C 501 -25.40 -23.57 7.36
C GLU C 501 -24.09 -23.45 8.15
N TRP C 502 -22.99 -23.94 7.56
CA TRP C 502 -21.65 -24.09 8.18
C TRP C 502 -21.10 -22.72 8.60
N LYS C 503 -21.04 -21.75 7.66
CA LYS C 503 -20.35 -20.45 7.91
C LYS C 503 -21.32 -19.40 8.50
N MET C 504 -22.56 -19.78 8.84
CA MET C 504 -23.62 -18.92 9.44
C MET C 504 -23.89 -17.75 8.48
N ILE C 505 -24.03 -18.06 7.17
CA ILE C 505 -24.08 -17.01 6.09
C ILE C 505 -25.19 -17.36 5.09
N GLU C 506 -25.53 -16.40 4.21
CA GLU C 506 -26.65 -16.49 3.24
C GLU C 506 -26.23 -17.31 2.02
N PRO C 507 -27.13 -18.14 1.45
CA PRO C 507 -26.80 -18.98 0.29
C PRO C 507 -26.13 -18.26 -0.90
N GLU C 508 -26.61 -17.07 -1.23
CA GLU C 508 -26.15 -16.19 -2.34
C GLU C 508 -24.70 -15.71 -2.11
N SER C 509 -24.26 -15.57 -0.85
CA SER C 509 -22.94 -15.00 -0.42
C SER C 509 -21.78 -16.00 -0.59
N VAL C 510 -22.07 -17.30 -0.75
CA VAL C 510 -21.04 -18.39 -0.84
C VAL C 510 -20.21 -18.16 -2.12
N GLY C 511 -18.91 -17.89 -1.98
CA GLY C 511 -17.95 -17.81 -3.10
C GLY C 511 -17.59 -19.21 -3.59
N ASP C 512 -17.01 -19.29 -4.79
CA ASP C 512 -16.53 -20.56 -5.40
C ASP C 512 -15.59 -21.28 -4.44
N ASP C 513 -14.64 -20.60 -3.77
CA ASP C 513 -13.66 -21.27 -2.87
C ASP C 513 -14.39 -22.01 -1.74
N LEU C 514 -15.40 -21.37 -1.13
CA LEU C 514 -16.15 -21.97 0.01
C LEU C 514 -17.04 -23.12 -0.49
N ARG C 515 -17.66 -22.98 -1.68
CA ARG C 515 -18.50 -24.05 -2.27
C ARG C 515 -17.61 -25.30 -2.55
N GLN C 516 -16.37 -25.11 -3.01
CA GLN C 516 -15.39 -26.23 -3.22
C GLN C 516 -15.03 -26.87 -1.87
N GLN C 517 -14.88 -26.11 -0.78
CA GLN C 517 -14.64 -26.68 0.57
C GLN C 517 -15.83 -27.58 0.97
N ALA C 518 -17.06 -27.14 0.67
CA ALA C 518 -18.30 -27.87 0.97
C ALA C 518 -18.44 -29.09 0.08
N LYS C 519 -18.00 -28.99 -1.18
CA LYS C 519 -17.99 -30.12 -2.16
C LYS C 519 -17.08 -31.23 -1.60
N GLN C 520 -15.90 -30.86 -1.10
CA GLN C 520 -14.92 -31.80 -0.49
C GLN C 520 -15.56 -32.46 0.73
N ILE C 521 -16.27 -31.70 1.57
CA ILE C 521 -17.01 -32.21 2.76
C ILE C 521 -18.06 -33.25 2.31
N CYS C 522 -18.87 -32.95 1.30
CA CYS C 522 -20.00 -33.81 0.87
C CYS C 522 -19.50 -35.13 0.25
N TYR C 523 -18.60 -35.08 -0.74
CA TYR C 523 -18.04 -36.31 -1.36
C TYR C 523 -17.15 -37.04 -0.33
N GLY C 524 -16.45 -36.29 0.52
CA GLY C 524 -15.61 -36.83 1.59
C GLY C 524 -16.42 -37.72 2.51
N ILE C 525 -17.52 -37.19 3.05
CA ILE C 525 -18.38 -37.93 4.00
C ILE C 525 -18.90 -39.17 3.25
N ILE C 526 -19.44 -39.01 2.03
CA ILE C 526 -20.00 -40.14 1.25
C ILE C 526 -18.94 -41.25 1.05
N TYR C 527 -17.67 -40.91 0.85
CA TYR C 527 -16.64 -41.92 0.50
C TYR C 527 -15.79 -42.24 1.74
N GLY C 528 -16.31 -41.97 2.95
CA GLY C 528 -15.84 -42.57 4.23
C GLY C 528 -14.87 -41.71 5.02
N MET C 529 -14.84 -40.39 4.80
CA MET C 529 -13.99 -39.45 5.57
C MET C 529 -14.39 -39.50 7.06
N GLY C 530 -13.39 -39.48 7.94
CA GLY C 530 -13.51 -39.68 9.40
C GLY C 530 -13.53 -38.35 10.16
N ALA C 531 -13.82 -38.42 11.45
CA ALA C 531 -14.01 -37.22 12.31
C ALA C 531 -12.71 -36.41 12.43
N LYS C 532 -11.57 -37.05 12.66
CA LYS C 532 -10.26 -36.33 12.78
C LYS C 532 -10.06 -35.46 11.53
N SER C 533 -10.08 -36.03 10.31
CA SER C 533 -9.93 -35.26 9.04
C SER C 533 -11.04 -34.20 8.90
N LEU C 534 -12.30 -34.51 9.14
CA LEU C 534 -13.38 -33.52 8.90
C LEU C 534 -13.21 -32.36 9.90
N GLY C 535 -12.87 -32.71 11.13
CA GLY C 535 -12.47 -31.74 12.19
C GLY C 535 -11.46 -30.73 11.67
N GLU C 536 -10.33 -31.20 11.14
CA GLU C 536 -9.23 -30.34 10.61
C GLU C 536 -9.74 -29.48 9.46
N GLN C 537 -10.57 -30.03 8.58
CA GLN C 537 -11.05 -29.30 7.38
C GLN C 537 -12.05 -28.23 7.77
N MET C 538 -12.93 -28.52 8.72
CA MET C 538 -14.02 -27.60 9.12
C MET C 538 -13.53 -26.65 10.21
N GLY C 539 -12.37 -26.95 10.81
CA GLY C 539 -11.81 -26.25 11.98
C GLY C 539 -12.69 -26.39 13.20
N ILE C 540 -13.22 -27.60 13.46
CA ILE C 540 -14.09 -27.93 14.63
C ILE C 540 -13.47 -29.11 15.38
N LYS C 541 -13.86 -29.31 16.64
CA LYS C 541 -13.39 -30.43 17.50
C LYS C 541 -13.82 -31.76 16.85
N GLU C 542 -13.02 -32.83 17.00
CA GLU C 542 -13.32 -34.17 16.41
C GLU C 542 -14.75 -34.58 16.80
N ASN C 543 -15.12 -34.49 18.08
CA ASN C 543 -16.46 -34.88 18.62
C ASN C 543 -17.56 -34.08 17.89
N ASP C 544 -17.27 -32.84 17.47
CA ASP C 544 -18.26 -31.97 16.77
C ASP C 544 -18.37 -32.45 15.33
N ALA C 545 -17.23 -32.72 14.68
CA ALA C 545 -17.15 -33.31 13.32
C ALA C 545 -17.89 -34.66 13.30
N ALA C 546 -17.68 -35.47 14.35
CA ALA C 546 -18.25 -36.83 14.50
C ALA C 546 -19.78 -36.73 14.54
N CYS C 547 -20.31 -35.72 15.22
CA CYS C 547 -21.78 -35.44 15.31
C CYS C 547 -22.29 -35.06 13.91
N TYR C 548 -21.55 -34.21 13.21
CA TYR C 548 -21.90 -33.71 11.85
C TYR C 548 -21.97 -34.91 10.88
N ILE C 549 -21.06 -35.89 11.01
CA ILE C 549 -21.06 -37.10 10.13
C ILE C 549 -22.31 -37.92 10.44
N ASP C 550 -22.65 -38.07 11.73
CA ASP C 550 -23.82 -38.84 12.20
C ASP C 550 -25.09 -38.26 11.58
N SER C 551 -25.28 -36.93 11.70
CA SER C 551 -26.42 -36.17 11.12
C SER C 551 -26.53 -36.48 9.62
N PHE C 552 -25.44 -36.30 8.87
CA PHE C 552 -25.35 -36.59 7.41
C PHE C 552 -25.72 -38.05 7.15
N LYS C 553 -25.06 -39.00 7.81
CA LYS C 553 -25.29 -40.45 7.60
C LYS C 553 -26.77 -40.79 7.91
N SER C 554 -27.36 -40.18 8.94
CA SER C 554 -28.77 -40.42 9.37
C SER C 554 -29.77 -39.91 8.32
N ARG C 555 -29.51 -38.75 7.72
CA ARG C 555 -30.33 -38.13 6.63
C ARG C 555 -30.41 -39.07 5.41
N TYR C 556 -29.32 -39.75 5.07
CA TYR C 556 -29.15 -40.58 3.85
C TYR C 556 -28.90 -42.05 4.25
N THR C 557 -29.93 -42.78 4.72
CA THR C 557 -29.79 -44.16 5.25
C THR C 557 -29.66 -45.16 4.08
N GLY C 558 -30.27 -44.88 2.93
CA GLY C 558 -30.13 -45.70 1.71
C GLY C 558 -28.67 -45.83 1.28
N ILE C 559 -27.95 -44.70 1.26
CA ILE C 559 -26.50 -44.64 0.91
C ILE C 559 -25.74 -45.62 1.82
N ASN C 560 -25.95 -45.53 3.14
CA ASN C 560 -25.24 -46.32 4.17
C ASN C 560 -25.54 -47.81 4.01
N GLN C 561 -26.74 -48.18 3.57
CA GLN C 561 -27.12 -49.61 3.33
C GLN C 561 -26.30 -50.11 2.14
N PHE C 562 -26.15 -49.27 1.11
CA PHE C 562 -25.43 -49.61 -0.15
C PHE C 562 -23.91 -49.76 0.13
N MET C 563 -23.36 -48.93 1.01
CA MET C 563 -21.95 -49.04 1.51
C MET C 563 -21.73 -50.42 2.16
N THR C 564 -22.59 -50.84 3.10
CA THR C 564 -22.42 -52.12 3.84
C THR C 564 -22.63 -53.30 2.87
N GLU C 565 -23.59 -53.18 1.93
CA GLU C 565 -23.93 -54.24 0.94
C GLU C 565 -22.79 -54.39 -0.06
N THR C 566 -22.08 -53.30 -0.38
CA THR C 566 -20.95 -53.28 -1.33
C THR C 566 -19.70 -53.87 -0.64
N VAL C 567 -19.48 -53.54 0.63
CA VAL C 567 -18.32 -54.08 1.43
C VAL C 567 -18.52 -55.60 1.66
N LYS C 568 -19.72 -56.03 2.06
CA LYS C 568 -20.03 -57.48 2.26
C LYS C 568 -19.70 -58.23 0.95
N ASN C 569 -20.21 -57.74 -0.19
CA ASN C 569 -20.11 -58.43 -1.49
C ASN C 569 -18.65 -58.41 -1.98
N CYS C 570 -17.88 -57.37 -1.66
CA CYS C 570 -16.45 -57.25 -2.05
C CYS C 570 -15.61 -58.27 -1.26
N LYS C 571 -15.85 -58.38 0.04
CA LYS C 571 -15.13 -59.28 0.98
C LYS C 571 -15.22 -60.71 0.42
N ARG C 572 -16.43 -61.11 0.02
CA ARG C 572 -16.76 -62.44 -0.60
C ARG C 572 -15.99 -62.66 -1.91
N ASP C 573 -16.05 -61.70 -2.85
CA ASP C 573 -15.66 -61.88 -4.28
C ASP C 573 -14.19 -61.51 -4.51
N GLY C 574 -13.62 -60.62 -3.69
CA GLY C 574 -12.25 -60.10 -3.84
C GLY C 574 -12.16 -58.96 -4.84
N PHE C 575 -13.30 -58.46 -5.34
CA PHE C 575 -13.37 -57.37 -6.35
C PHE C 575 -14.71 -56.62 -6.27
N VAL C 576 -14.79 -55.49 -6.97
CA VAL C 576 -16.05 -54.75 -7.28
C VAL C 576 -16.15 -54.61 -8.81
N GLN C 577 -17.36 -54.40 -9.32
CA GLN C 577 -17.62 -54.24 -10.78
C GLN C 577 -18.30 -52.91 -11.07
N THR C 578 -17.95 -52.31 -12.21
CA THR C 578 -18.61 -51.09 -12.76
C THR C 578 -19.81 -51.51 -13.60
N ILE C 579 -20.59 -50.52 -14.07
CA ILE C 579 -21.83 -50.77 -14.87
C ILE C 579 -21.49 -51.54 -16.16
N LEU C 580 -20.26 -51.50 -16.68
CA LEU C 580 -19.89 -52.21 -17.95
C LEU C 580 -19.27 -53.60 -17.68
N GLY C 581 -19.00 -53.96 -16.43
CA GLY C 581 -18.46 -55.28 -16.05
C GLY C 581 -16.98 -55.25 -15.74
N ARG C 582 -16.31 -54.11 -15.84
CA ARG C 582 -14.87 -54.00 -15.47
C ARG C 582 -14.72 -54.30 -13.97
N ARG C 583 -13.64 -54.98 -13.61
CA ARG C 583 -13.43 -55.47 -12.22
C ARG C 583 -12.20 -54.82 -11.64
N ARG C 584 -12.28 -54.44 -10.37
CA ARG C 584 -11.09 -53.93 -9.67
C ARG C 584 -10.89 -54.86 -8.48
N TYR C 585 -9.67 -55.40 -8.38
CA TYR C 585 -9.31 -56.41 -7.35
C TYR C 585 -8.82 -55.64 -6.15
N LEU C 586 -9.43 -55.88 -4.97
CA LEU C 586 -9.10 -55.18 -3.69
C LEU C 586 -8.86 -56.26 -2.62
N PRO C 587 -7.71 -56.97 -2.71
CA PRO C 587 -7.37 -57.99 -1.71
C PRO C 587 -7.02 -57.41 -0.32
N GLY C 588 -6.82 -56.09 -0.22
CA GLY C 588 -6.80 -55.35 1.05
C GLY C 588 -8.09 -55.52 1.86
N ILE C 589 -9.21 -55.84 1.21
CA ILE C 589 -10.55 -55.97 1.86
C ILE C 589 -10.52 -57.05 2.95
N LYS C 590 -9.72 -58.12 2.77
CA LYS C 590 -9.60 -59.26 3.73
C LYS C 590 -8.61 -58.92 4.85
N ASP C 591 -7.70 -57.97 4.61
CA ASP C 591 -6.56 -57.62 5.51
C ASP C 591 -7.04 -57.43 6.96
N ASN C 592 -6.24 -57.89 7.92
CA ASN C 592 -6.49 -57.79 9.39
C ASN C 592 -6.13 -56.37 9.87
N ASN C 593 -5.10 -55.76 9.28
CA ASN C 593 -4.67 -54.37 9.60
C ASN C 593 -5.88 -53.44 9.41
N PRO C 594 -6.27 -52.66 10.45
CA PRO C 594 -7.41 -51.74 10.33
C PRO C 594 -7.33 -50.72 9.18
N TYR C 595 -6.17 -50.08 8.95
CA TYR C 595 -6.03 -49.07 7.86
C TYR C 595 -6.28 -49.74 6.51
N ARG C 596 -5.43 -50.71 6.13
CA ARG C 596 -5.47 -51.36 4.80
C ARG C 596 -6.90 -51.87 4.55
N LYS C 597 -7.57 -52.44 5.56
CA LYS C 597 -8.96 -52.93 5.42
C LYS C 597 -9.88 -51.74 5.06
N ALA C 598 -9.83 -50.68 5.86
CA ALA C 598 -10.72 -49.51 5.72
C ALA C 598 -10.47 -48.81 4.37
N HIS C 599 -9.21 -48.71 3.94
CA HIS C 599 -8.82 -48.11 2.64
C HIS C 599 -9.50 -48.88 1.51
N ALA C 600 -9.39 -50.20 1.54
CA ALA C 600 -10.00 -51.12 0.55
C ALA C 600 -11.52 -50.94 0.54
N GLU C 601 -12.17 -50.87 1.71
CA GLU C 601 -13.64 -50.69 1.81
C GLU C 601 -14.01 -49.38 1.10
N ARG C 602 -13.23 -48.32 1.33
CA ARG C 602 -13.51 -46.97 0.74
C ARG C 602 -13.30 -47.05 -0.78
N GLN C 603 -12.23 -47.73 -1.22
CA GLN C 603 -11.95 -47.98 -2.67
C GLN C 603 -13.08 -48.79 -3.28
N ALA C 604 -13.64 -49.74 -2.55
CA ALA C 604 -14.70 -50.62 -3.06
C ALA C 604 -15.88 -49.73 -3.45
N ILE C 605 -16.35 -48.91 -2.52
CA ILE C 605 -17.52 -48.01 -2.71
C ILE C 605 -17.19 -47.02 -3.84
N ASN C 606 -16.04 -46.36 -3.76
CA ASN C 606 -15.70 -45.26 -4.70
C ASN C 606 -15.48 -45.82 -6.11
N THR C 607 -14.85 -46.98 -6.22
CA THR C 607 -14.53 -47.57 -7.56
C THR C 607 -15.83 -47.83 -8.32
N ILE C 608 -16.84 -48.42 -7.67
CA ILE C 608 -18.13 -48.70 -8.35
C ILE C 608 -18.70 -47.40 -8.93
N VAL C 609 -18.76 -46.32 -8.15
CA VAL C 609 -19.47 -45.07 -8.56
C VAL C 609 -18.60 -44.28 -9.55
N GLN C 610 -17.34 -44.02 -9.20
CA GLN C 610 -16.41 -43.23 -10.04
C GLN C 610 -16.10 -44.02 -11.33
N GLY C 611 -15.90 -45.34 -11.26
CA GLY C 611 -15.59 -46.20 -12.42
C GLY C 611 -16.78 -46.25 -13.39
N SER C 612 -17.98 -46.35 -12.83
CA SER C 612 -19.25 -46.35 -13.60
C SER C 612 -19.38 -45.04 -14.36
N ALA C 613 -19.11 -43.91 -13.69
CA ALA C 613 -19.23 -42.56 -14.29
C ALA C 613 -18.27 -42.48 -15.48
N ALA C 614 -17.06 -43.02 -15.30
CA ALA C 614 -16.02 -42.94 -16.35
C ALA C 614 -16.45 -43.80 -17.57
N ASP C 615 -17.12 -44.94 -17.33
CA ASP C 615 -17.69 -45.81 -18.40
C ASP C 615 -18.76 -45.01 -19.19
N ILE C 616 -19.67 -44.33 -18.50
CA ILE C 616 -20.79 -43.58 -19.15
C ILE C 616 -20.19 -42.47 -20.04
N VAL C 617 -19.17 -41.77 -19.56
CA VAL C 617 -18.56 -40.63 -20.32
C VAL C 617 -17.86 -41.20 -21.56
N LYS C 618 -17.17 -42.33 -21.43
CA LYS C 618 -16.54 -43.03 -22.59
C LYS C 618 -17.61 -43.40 -23.63
N ILE C 619 -18.71 -43.98 -23.21
CA ILE C 619 -19.83 -44.37 -24.12
C ILE C 619 -20.33 -43.10 -24.81
N ALA C 620 -20.54 -42.02 -24.06
CA ALA C 620 -21.02 -40.72 -24.59
C ALA C 620 -20.05 -40.25 -25.67
N THR C 621 -18.77 -40.28 -25.33
CA THR C 621 -17.71 -39.76 -26.23
C THR C 621 -17.76 -40.51 -27.57
N VAL C 622 -17.85 -41.84 -27.48
CA VAL C 622 -17.79 -42.74 -28.66
C VAL C 622 -19.03 -42.49 -29.52
N ASN C 623 -20.20 -42.39 -28.88
CA ASN C 623 -21.49 -42.21 -29.56
C ASN C 623 -21.55 -40.82 -30.22
N ILE C 624 -20.96 -39.79 -29.60
CA ILE C 624 -20.90 -38.43 -30.19
C ILE C 624 -20.03 -38.51 -31.44
N GLN C 625 -18.88 -39.16 -31.36
CA GLN C 625 -17.92 -39.21 -32.48
C GLN C 625 -18.59 -39.90 -33.69
N LYS C 626 -19.32 -41.00 -33.48
CA LYS C 626 -20.10 -41.68 -34.56
C LYS C 626 -21.04 -40.67 -35.22
N GLN C 627 -21.89 -40.00 -34.45
CA GLN C 627 -22.85 -38.96 -34.94
C GLN C 627 -22.09 -37.87 -35.72
N LEU C 628 -21.00 -37.33 -35.19
CA LEU C 628 -20.27 -36.22 -35.85
C LEU C 628 -19.81 -36.68 -37.25
N GLU C 629 -19.40 -37.93 -37.38
CA GLU C 629 -18.83 -38.46 -38.63
C GLU C 629 -19.93 -38.80 -39.64
N THR C 630 -21.19 -38.97 -39.21
CA THR C 630 -22.36 -39.25 -40.07
C THR C 630 -22.73 -37.94 -40.76
N PHE C 631 -22.84 -36.84 -40.00
CA PHE C 631 -23.16 -35.48 -40.52
C PHE C 631 -21.96 -34.91 -41.30
N HIS C 632 -20.84 -34.68 -40.62
CA HIS C 632 -19.60 -34.04 -41.17
C HIS C 632 -18.77 -35.06 -41.97
N SER C 633 -19.09 -35.19 -43.28
CA SER C 633 -18.23 -35.78 -44.35
C SER C 633 -16.86 -35.07 -44.39
N THR C 634 -16.82 -33.81 -43.92
CA THR C 634 -15.60 -33.00 -43.65
C THR C 634 -14.64 -33.75 -42.72
N PHE C 635 -13.50 -33.13 -42.40
CA PHE C 635 -12.29 -33.75 -41.77
C PHE C 635 -12.58 -34.12 -40.32
N LYS C 636 -12.14 -35.29 -39.87
CA LYS C 636 -12.55 -35.86 -38.56
C LYS C 636 -11.72 -35.19 -37.45
N SER C 637 -10.61 -34.53 -37.80
CA SER C 637 -9.66 -33.88 -36.88
C SER C 637 -8.87 -32.83 -37.64
N HIS C 638 -8.26 -31.89 -36.94
CA HIS C 638 -7.30 -30.95 -37.56
C HIS C 638 -6.12 -31.73 -38.16
N GLY C 639 -5.73 -32.87 -37.60
CA GLY C 639 -4.64 -33.70 -38.16
C GLY C 639 -5.01 -34.21 -39.55
N HIS C 640 -6.26 -34.59 -39.76
CA HIS C 640 -6.75 -35.06 -41.08
C HIS C 640 -6.58 -33.95 -42.14
N ARG C 641 -6.42 -32.68 -41.77
CA ARG C 641 -6.03 -31.60 -42.73
C ARG C 641 -4.52 -31.52 -42.88
N GLU C 642 -3.73 -31.49 -41.80
CA GLU C 642 -2.25 -31.60 -41.84
C GLU C 642 -1.85 -32.76 -42.77
N GLY C 643 -2.29 -33.99 -42.45
CA GLY C 643 -1.98 -35.24 -43.19
C GLY C 643 -2.62 -35.31 -44.58
N MET C 644 -3.57 -34.41 -44.90
CA MET C 644 -4.15 -34.21 -46.27
C MET C 644 -3.02 -33.80 -47.22
N LEU C 645 -2.30 -32.71 -46.90
CA LEU C 645 -1.14 -32.16 -47.67
C LEU C 645 0.05 -33.10 -47.49
N GLN C 646 0.16 -34.14 -48.34
CA GLN C 646 1.21 -35.21 -48.26
C GLN C 646 1.16 -36.07 -49.53
N CYS C 663 -11.61 -24.04 -48.23
CA CYS C 663 -12.35 -25.21 -47.66
C CYS C 663 -12.56 -24.97 -46.16
N PRO C 664 -13.47 -24.05 -45.76
CA PRO C 664 -13.57 -23.63 -44.35
C PRO C 664 -13.85 -24.78 -43.36
N ILE C 665 -13.54 -24.53 -42.08
CA ILE C 665 -13.71 -25.53 -40.98
C ILE C 665 -15.20 -25.71 -40.71
N ARG C 666 -15.64 -26.96 -40.62
CA ARG C 666 -17.02 -27.37 -40.28
C ARG C 666 -16.92 -28.43 -39.20
N GLY C 667 -17.93 -28.54 -38.34
CA GLY C 667 -18.06 -29.67 -37.39
C GLY C 667 -17.56 -29.33 -36.00
N GLY C 668 -17.48 -30.37 -35.18
CA GLY C 668 -17.10 -30.36 -33.76
C GLY C 668 -15.88 -31.23 -33.54
N PHE C 669 -14.88 -30.70 -32.86
CA PHE C 669 -13.57 -31.34 -32.64
C PHE C 669 -13.38 -31.53 -31.13
N PHE C 670 -13.23 -32.77 -30.71
CA PHE C 670 -12.98 -33.18 -29.32
C PHE C 670 -11.63 -32.59 -28.88
N ILE C 671 -11.62 -31.71 -27.89
CA ILE C 671 -10.38 -31.02 -27.47
C ILE C 671 -10.00 -31.38 -26.02
N LEU C 672 -10.93 -31.77 -25.15
CA LEU C 672 -10.57 -32.07 -23.74
C LEU C 672 -11.65 -32.93 -23.10
N GLN C 673 -11.24 -33.84 -22.24
CA GLN C 673 -12.14 -34.58 -21.35
C GLN C 673 -11.80 -34.16 -19.93
N LEU C 674 -12.84 -33.89 -19.13
CA LEU C 674 -12.71 -33.44 -17.73
C LEU C 674 -13.59 -34.25 -16.80
N HIS C 675 -13.61 -35.58 -16.97
CA HIS C 675 -14.17 -36.58 -16.03
C HIS C 675 -15.71 -36.60 -16.08
N ASP C 676 -16.40 -35.48 -15.92
CA ASP C 676 -17.88 -35.44 -16.06
C ASP C 676 -18.25 -34.49 -17.18
N GLU C 677 -17.29 -34.07 -18.01
CA GLU C 677 -17.45 -32.90 -18.91
C GLU C 677 -16.65 -33.14 -20.19
N LEU C 678 -17.24 -32.86 -21.35
CA LEU C 678 -16.57 -32.96 -22.67
C LEU C 678 -16.46 -31.56 -23.26
N LEU C 679 -15.29 -31.19 -23.78
CA LEU C 679 -15.08 -29.94 -24.52
C LEU C 679 -14.90 -30.26 -26.00
N TYR C 680 -15.61 -29.52 -26.82
CA TYR C 680 -15.50 -29.53 -28.29
C TYR C 680 -15.26 -28.09 -28.77
N GLU C 681 -14.43 -27.97 -29.79
CA GLU C 681 -14.21 -26.74 -30.58
C GLU C 681 -15.15 -26.83 -31.79
N VAL C 682 -16.03 -25.85 -32.00
CA VAL C 682 -17.13 -25.99 -32.99
C VAL C 682 -17.18 -24.77 -33.90
N ALA C 683 -17.33 -25.00 -35.21
CA ALA C 683 -17.49 -23.94 -36.21
C ALA C 683 -18.81 -23.18 -35.93
N GLU C 684 -18.82 -21.85 -36.06
CA GLU C 684 -20.02 -21.01 -35.78
C GLU C 684 -21.31 -21.63 -36.37
N GLU C 685 -21.29 -22.06 -37.64
CA GLU C 685 -22.50 -22.57 -38.33
C GLU C 685 -22.98 -23.91 -37.73
N ASP C 686 -22.15 -24.60 -36.96
CA ASP C 686 -22.50 -25.98 -36.55
C ASP C 686 -22.80 -26.04 -35.06
N VAL C 687 -22.78 -24.93 -34.32
CA VAL C 687 -22.79 -25.01 -32.82
C VAL C 687 -24.17 -25.48 -32.36
N VAL C 688 -25.25 -25.07 -33.02
CA VAL C 688 -26.62 -25.49 -32.60
C VAL C 688 -26.73 -27.01 -32.77
N GLN C 689 -26.35 -27.54 -33.93
CA GLN C 689 -26.51 -28.98 -34.28
C GLN C 689 -25.59 -29.83 -33.40
N VAL C 690 -24.34 -29.42 -33.21
CA VAL C 690 -23.36 -30.18 -32.40
C VAL C 690 -23.80 -30.16 -30.93
N ALA C 691 -24.34 -29.06 -30.43
CA ALA C 691 -24.86 -28.96 -29.04
C ALA C 691 -25.99 -29.97 -28.86
N GLN C 692 -26.91 -30.09 -29.83
CA GLN C 692 -28.06 -31.05 -29.81
C GLN C 692 -27.50 -32.49 -29.77
N ILE C 693 -26.60 -32.84 -30.67
CA ILE C 693 -25.95 -34.18 -30.75
C ILE C 693 -25.28 -34.52 -29.42
N VAL C 694 -24.46 -33.60 -28.89
CA VAL C 694 -23.67 -33.82 -27.65
C VAL C 694 -24.63 -34.09 -26.49
N LYS C 695 -25.64 -33.24 -26.31
CA LYS C 695 -26.62 -33.34 -25.21
C LYS C 695 -27.42 -34.63 -25.35
N ASN C 696 -27.95 -34.90 -26.54
CA ASN C 696 -28.79 -36.09 -26.82
C ASN C 696 -27.99 -37.35 -26.45
N GLU C 697 -26.76 -37.48 -26.97
CA GLU C 697 -25.93 -38.69 -26.81
C GLU C 697 -25.47 -38.84 -25.36
N MET C 698 -25.24 -37.75 -24.63
CA MET C 698 -24.81 -37.82 -23.21
C MET C 698 -26.00 -38.25 -22.34
N GLU C 699 -27.22 -37.75 -22.62
CA GLU C 699 -28.48 -38.06 -21.86
C GLU C 699 -28.97 -39.49 -22.18
N SER C 700 -28.60 -40.07 -23.32
CA SER C 700 -29.00 -41.42 -23.80
C SER C 700 -27.91 -42.47 -23.53
N ALA C 701 -26.75 -42.08 -23.01
CA ALA C 701 -25.56 -42.97 -22.90
C ALA C 701 -25.96 -44.29 -22.23
N VAL C 702 -26.63 -44.22 -21.07
CA VAL C 702 -27.23 -45.38 -20.37
C VAL C 702 -28.57 -44.94 -19.77
N LYS C 703 -29.43 -45.92 -19.42
CA LYS C 703 -30.75 -45.70 -18.77
C LYS C 703 -30.61 -46.11 -17.31
N LEU C 704 -30.76 -45.16 -16.37
CA LEU C 704 -30.76 -45.41 -14.91
C LEU C 704 -32.18 -45.15 -14.37
N SER C 705 -32.38 -45.37 -13.06
CA SER C 705 -33.63 -45.06 -12.30
C SER C 705 -33.89 -43.56 -12.34
N VAL C 706 -32.82 -42.76 -12.46
CA VAL C 706 -32.84 -41.26 -12.46
C VAL C 706 -32.34 -40.77 -13.82
N LYS C 707 -32.83 -39.60 -14.25
CA LYS C 707 -32.46 -38.98 -15.56
C LYS C 707 -31.03 -38.42 -15.44
N LEU C 708 -30.21 -38.65 -16.45
CA LEU C 708 -28.86 -38.04 -16.58
C LEU C 708 -29.04 -36.63 -17.14
N LYS C 709 -28.99 -35.59 -16.30
CA LYS C 709 -29.16 -34.19 -16.76
C LYS C 709 -27.80 -33.70 -17.29
N VAL C 710 -27.82 -32.98 -18.42
CA VAL C 710 -26.65 -32.36 -19.05
C VAL C 710 -26.92 -30.87 -19.24
N LYS C 711 -26.04 -30.04 -18.70
CA LYS C 711 -26.00 -28.58 -18.98
C LYS C 711 -24.89 -28.36 -20.03
N VAL C 712 -25.26 -27.59 -21.07
CA VAL C 712 -24.36 -27.21 -22.19
C VAL C 712 -24.07 -25.72 -22.03
N LYS C 713 -22.80 -25.35 -22.17
CA LYS C 713 -22.34 -23.96 -22.17
C LYS C 713 -21.49 -23.76 -23.42
N ILE C 714 -21.34 -22.50 -23.84
CA ILE C 714 -20.68 -22.10 -25.12
C ILE C 714 -19.99 -20.75 -24.90
N GLY C 715 -18.92 -20.48 -25.62
CA GLY C 715 -18.15 -19.24 -25.44
C GLY C 715 -16.91 -19.18 -26.30
N ALA C 716 -16.24 -18.05 -26.22
CA ALA C 716 -15.03 -17.65 -26.98
C ALA C 716 -13.78 -18.21 -26.29
N SER C 717 -13.95 -18.82 -25.13
CA SER C 717 -12.84 -19.41 -24.34
C SER C 717 -13.42 -20.36 -23.30
N TRP C 718 -12.57 -21.25 -22.82
CA TRP C 718 -12.93 -22.24 -21.77
C TRP C 718 -13.29 -21.46 -20.50
N GLY C 719 -12.71 -20.28 -20.33
CA GLY C 719 -12.90 -19.43 -19.14
C GLY C 719 -14.20 -18.66 -19.16
N GLU C 720 -14.76 -18.38 -20.34
CA GLU C 720 -15.97 -17.51 -20.47
C GLU C 720 -17.10 -18.27 -21.13
N LEU C 721 -17.47 -19.40 -20.55
CA LEU C 721 -18.59 -20.23 -21.05
C LEU C 721 -19.89 -19.65 -20.49
N LYS C 722 -20.91 -19.55 -21.33
CA LYS C 722 -22.27 -19.07 -20.96
C LYS C 722 -23.26 -20.20 -21.21
N ASP C 723 -24.24 -20.35 -20.32
CA ASP C 723 -25.41 -21.26 -20.45
C ASP C 723 -26.00 -21.10 -21.85
N PHE C 724 -26.32 -22.22 -22.47
CA PHE C 724 -26.84 -22.33 -23.85
C PHE C 724 -27.96 -23.38 -23.83
N ASP C 725 -29.21 -22.93 -23.95
CA ASP C 725 -30.44 -23.79 -23.95
C ASP C 725 -30.49 -24.54 -25.28
N VAL C 726 -30.46 -25.88 -25.24
CA VAL C 726 -30.35 -26.75 -26.44
C VAL C 726 -31.68 -27.52 -26.62
P DDG E 13 -17.35 20.19 -3.19
OP1 DDG E 13 -17.09 20.83 -1.89
OP2 DDG E 13 -16.93 18.77 -3.53
O5' DDG E 13 -18.89 20.15 -3.41
C5' DDG E 13 -19.59 21.37 -3.21
C4' DDG E 13 -20.98 21.31 -3.73
O4' DDG E 13 -21.07 21.04 -5.14
C3' DDG E 13 -21.71 20.27 -3.01
C2' DDG E 13 -22.85 20.02 -4.04
C1' DDG E 13 -22.21 20.25 -5.34
N9 DDG E 13 -21.78 18.98 -5.97
C8 DDG E 13 -20.51 18.38 -5.86
N7 DDG E 13 -20.47 17.31 -6.63
C5 DDG E 13 -21.65 17.11 -7.15
C6 DDG E 13 -22.25 16.10 -8.01
O6 DDG E 13 -21.58 15.18 -8.41
N1 DDG E 13 -23.52 16.26 -8.43
C2 DDG E 13 -24.27 17.26 -7.96
N2 DDG E 13 -25.55 17.28 -8.32
N3 DDG E 13 -23.78 18.21 -7.13
C4 DDG E 13 -22.53 18.22 -6.75
P DDG G 13 25.81 7.80 17.67
OP1 DDG G 13 26.69 6.73 17.19
OP2 DDG G 13 24.50 8.09 17.01
O5' DDG G 13 25.20 7.37 19.13
C5' DDG G 13 26.08 6.81 20.11
C4' DDG G 13 25.40 6.79 21.45
O4' DDG G 13 25.08 8.10 22.03
C3' DDG G 13 24.20 5.97 21.36
C2' DDG G 13 23.37 6.50 22.50
C1' DDG G 13 23.86 7.93 22.67
N9 DDG G 13 22.85 8.84 22.07
C8 DDG G 13 22.79 9.25 20.76
N7 DDG G 13 21.73 10.06 20.60
C5 DDG G 13 21.06 10.10 21.73
C6 DDG G 13 19.86 10.78 22.22
O6 DDG G 13 19.20 11.48 21.45
N1 DDG G 13 19.48 10.59 23.51
C2 DDG G 13 20.20 9.82 24.33
N2 DDG G 13 19.81 9.67 25.61
N3 DDG G 13 21.33 9.22 23.95
C4 DDG G 13 21.80 9.31 22.73
P DDG I 13 -12.12 -28.49 -11.33
OP1 DDG I 13 -12.68 -27.78 -12.54
OP2 DDG I 13 -12.23 -28.23 -9.87
O5' DDG I 13 -12.59 -30.07 -11.37
C5' DDG I 13 -12.60 -30.66 -12.73
C4' DDG I 13 -12.69 -32.16 -12.67
O4' DDG I 13 -11.58 -32.81 -12.01
C3' DDG I 13 -13.94 -32.50 -11.97
C2' DDG I 13 -13.60 -33.86 -11.39
C1' DDG I 13 -12.12 -33.86 -11.24
N9 DDG I 13 -11.74 -33.69 -9.85
C8 DDG I 13 -11.52 -32.48 -9.21
N7 DDG I 13 -11.20 -32.70 -7.92
C5 DDG I 13 -11.28 -33.97 -7.66
C6 DDG I 13 -11.08 -34.82 -6.52
O6 DDG I 13 -10.77 -34.33 -5.42
N1 DDG I 13 -11.29 -36.16 -6.65
C2 DDG I 13 -11.63 -36.68 -7.82
N2 DDG I 13 -11.82 -38.01 -7.89
N3 DDG I 13 -11.79 -35.95 -8.94
C4 DDG I 13 -11.63 -34.65 -8.92
MG MG J . -23.34 19.35 2.22
PG DG3 K . -21.72 16.94 3.54
O1G DG3 K . -20.35 16.48 3.24
O2G DG3 K . -21.85 18.45 3.39
O3G DG3 K . -22.28 16.44 4.84
O3B DG3 K . -22.55 16.12 2.43
PB DG3 K . -23.96 16.38 1.72
O1B DG3 K . -24.85 15.18 1.71
O2B DG3 K . -24.48 17.66 2.27
O3A DG3 K . -23.40 16.53 0.24
PA DG3 K . -22.53 17.67 -0.47
O1A DG3 K . -21.23 17.21 -1.05
O2A DG3 K . -22.54 18.74 0.54
O5' DG3 K . -23.50 17.97 -1.73
C5' DG3 K . -24.81 18.58 -1.50
C4' DG3 K . -25.86 17.80 -2.25
O4' DG3 K . -25.46 17.70 -3.64
C3' DG3 K . -26.06 16.37 -1.81
C2' DG3 K . -26.69 15.76 -3.02
C1' DG3 K . -25.92 16.44 -4.16
N9 DG3 K . -24.77 15.64 -4.58
C8 DG3 K . -23.46 15.70 -4.13
N7 DG3 K . -22.68 14.82 -4.70
C5 DG3 K . -23.53 14.12 -5.54
C6 DG3 K . -23.25 13.02 -6.39
O6 DG3 K . -22.17 12.44 -6.57
N1 DG3 K . -24.40 12.59 -7.06
C2 DG3 K . -25.65 13.18 -6.96
N2 DG3 K . -26.63 12.65 -7.70
N3 DG3 K . -25.91 14.20 -6.15
C4 DG3 K . -24.81 14.62 -5.48
MG MG L . 22.69 0.80 19.71
PG DG3 M . 21.30 0.96 16.69
O1G DG3 M . 21.54 2.07 15.76
O2G DG3 M . 22.45 0.69 17.65
O3G DG3 M . 20.82 -0.29 15.98
O3B DG3 M . 20.06 1.45 17.58
PB DG3 M . 19.77 1.42 19.16
O1B DG3 M . 18.31 1.32 19.33
O2B DG3 M . 20.67 0.45 19.87
O3A DG3 M . 20.20 2.90 19.55
PA DG3 M . 21.57 3.72 19.71
O1A DG3 M . 21.61 4.78 18.66
O2A DG3 M . 22.70 2.76 19.82
O5' DG3 M . 21.33 4.40 21.15
C5' DG3 M . 21.48 3.61 22.37
C4' DG3 M . 20.35 3.95 23.34
O4' DG3 M . 20.33 5.39 23.63
C3' DG3 M . 18.97 3.65 22.82
C2' DG3 M . 18.10 4.57 23.63
C1' DG3 M . 18.96 5.82 23.73
N9 DG3 M . 18.64 6.77 22.67
C8 DG3 M . 19.19 6.87 21.42
N7 DG3 M . 18.65 7.83 20.71
C5 DG3 M . 17.65 8.35 21.51
C6 DG3 M . 16.72 9.39 21.25
O6 DG3 M . 16.60 10.07 20.21
N1 DG3 M . 15.88 9.60 22.35
C2 DG3 M . 15.93 8.91 23.53
N2 DG3 M . 15.04 9.26 24.46
N3 DG3 M . 16.81 7.94 23.78
C4 DG3 M . 17.64 7.72 22.73
MG MG N . -19.53 -31.31 -12.27
PG DG3 O . -20.21 -28.96 -10.07
O1G DG3 O . -19.00 -28.13 -9.80
O2G DG3 O . -20.29 -29.51 -11.50
O3G DG3 O . -21.51 -28.32 -9.60
O3B DG3 O . -20.00 -30.19 -9.05
PB DG3 O . -20.07 -31.78 -9.25
O1B DG3 O . -20.85 -32.34 -8.12
O2B DG3 O . -20.46 -32.13 -10.64
O3A DG3 O . -18.51 -32.10 -9.03
PA DG3 O . -17.27 -31.85 -9.99
O1A DG3 O . -16.36 -30.85 -9.37
O2A DG3 O . -17.80 -31.64 -11.37
O5' DG3 O . -16.57 -33.29 -9.92
C5' DG3 O . -16.94 -34.36 -10.85
C4' DG3 O . -16.85 -35.70 -10.14
O4' DG3 O . -15.55 -35.85 -9.51
C3' DG3 O . -17.87 -35.84 -9.04
C2' DG3 O . -17.19 -36.67 -7.99
C1' DG3 O . -15.71 -36.43 -8.20
N9 DG3 O . -15.14 -35.53 -7.19
C8 DG3 O . -15.01 -34.17 -7.24
N7 DG3 O . -14.45 -33.66 -6.16
C5 DG3 O . -14.25 -34.75 -5.33
C6 DG3 O . -13.71 -34.81 -4.03
O6 DG3 O . -13.29 -33.89 -3.33
N1 DG3 O . -13.70 -36.12 -3.55
C2 DG3 O . -14.12 -37.23 -4.24
N2 DG3 O . -13.99 -38.40 -3.62
N3 DG3 O . -14.63 -37.18 -5.47
C4 DG3 O . -14.67 -35.92 -5.96
#